data_6NKM
#
_entry.id   6NKM
#
_cell.length_a   209.484
_cell.length_b   117.194
_cell.length_c   63.731
_cell.angle_alpha   90.000
_cell.angle_beta   107.440
_cell.angle_gamma   90.000
#
_symmetry.space_group_name_H-M   'C 1 2 1'
#
loop_
_entity.id
_entity.type
_entity.pdbx_description
1 polymer 'Short chain dehydrogenase'
2 non-polymer 'NADP NICOTINAMIDE-ADENINE-DINUCLEOTIDE PHOSPHATE'
3 non-polymer 3-{[2-(2-methylbut-3-en-2-yl)-1H-indol-3-yl]methyl}-8H-pyrrolo[1,2-a]pyrazin-5-ium-1-olate
4 water water
#
_entity_poly.entity_id   1
_entity_poly.type   'polypeptide(L)'
_entity_poly.pdbx_seq_one_letter_code
;MTPAPTPRTDQLHGSRVLVIGGTSGIGFAVCAAALGHGAIVTIVGSNAQKLKDSVARLKSSFPSTDPDDIVAVRCDLSNS
DTVEQDIEKALQLAAGNSKINHIVITAADMTAPPPLEDLTVDSVQRPGIIRLVAPLMVAKHLPKYMNKCPQSSLTLTSGA
HCLRPNPGWTVISGYCGAVEAMSRGLAIDLKPLRVNVVAPGAVLTEAVKDILGDAYDAAVEMAEAKSTVGQTGSPESVAQ
AYIYLMKDHYASGSVVSTNGGMLLV
;
_entity_poly.pdbx_strand_id   A,B,C,D,E,F
#
loop_
_chem_comp.id
_chem_comp.type
_chem_comp.name
_chem_comp.formula
NAP non-polymer 'NADP NICOTINAMIDE-ADENINE-DINUCLEOTIDE PHOSPHATE' 'C21 H28 N7 O17 P3'
ZWP non-polymer 3-{[2-(2-methylbut-3-en-2-yl)-1H-indol-3-yl]methyl}-8H-pyrrolo[1,2-a]pyrazin-5-ium-1-olate 'C21 H21 N3 O'
#
# COMPACT_ATOMS: atom_id res chain seq x y z
N THR A 9 -5.83 -20.45 -25.15
CA THR A 9 -4.81 -20.88 -24.24
C THR A 9 -4.27 -19.77 -23.36
N ASP A 10 -5.16 -19.06 -22.70
CA ASP A 10 -4.80 -17.97 -21.80
C ASP A 10 -5.18 -18.30 -20.35
N GLN A 11 -4.30 -17.93 -19.41
CA GLN A 11 -4.45 -18.29 -18.01
C GLN A 11 -5.72 -17.74 -17.38
N LEU A 12 -6.34 -16.73 -17.97
CA LEU A 12 -7.58 -16.19 -17.42
C LEU A 12 -8.82 -16.67 -18.17
N HIS A 13 -8.65 -17.55 -19.15
CA HIS A 13 -9.79 -18.11 -19.88
C HIS A 13 -10.63 -18.97 -18.96
N GLY A 14 -11.94 -18.80 -19.01
CA GLY A 14 -12.83 -19.56 -18.16
C GLY A 14 -12.79 -19.15 -16.71
N SER A 15 -11.93 -18.20 -16.35
CA SER A 15 -11.73 -17.83 -14.96
C SER A 15 -12.87 -16.93 -14.53
N ARG A 16 -13.29 -17.07 -13.29
CA ARG A 16 -14.37 -16.26 -12.75
C ARG A 16 -13.81 -15.09 -11.97
N VAL A 17 -14.15 -13.88 -12.40
CA VAL A 17 -13.65 -12.64 -11.83
C VAL A 17 -14.85 -11.85 -11.31
N LEU A 18 -14.79 -11.46 -10.06
CA LEU A 18 -15.82 -10.63 -9.45
C LEU A 18 -15.25 -9.23 -9.28
N VAL A 19 -15.89 -8.23 -9.89
CA VAL A 19 -15.43 -6.86 -9.80
C VAL A 19 -16.48 -6.06 -9.05
N ILE A 20 -16.18 -5.77 -7.78
CA ILE A 20 -17.04 -4.95 -6.93
C ILE A 20 -16.68 -3.50 -7.20
N GLY A 21 -17.58 -2.78 -7.85
CA GLY A 21 -17.29 -1.46 -8.35
C GLY A 21 -16.92 -1.41 -9.82
N GLY A 22 -17.46 -2.31 -10.63
CA GLY A 22 -17.11 -2.40 -12.03
C GLY A 22 -18.04 -1.72 -13.02
N THR A 23 -18.98 -0.89 -12.55
CA THR A 23 -19.90 -0.21 -13.46
C THR A 23 -19.30 1.04 -14.10
N SER A 24 -18.30 1.65 -13.47
CA SER A 24 -17.68 2.84 -14.05
C SER A 24 -16.21 2.89 -13.64
N GLY A 25 -15.46 3.73 -14.34
CA GLY A 25 -14.10 4.07 -13.93
C GLY A 25 -13.13 2.91 -14.03
N ILE A 26 -12.30 2.77 -13.00
CA ILE A 26 -11.20 1.80 -13.05
C ILE A 26 -11.75 0.38 -13.10
N GLY A 27 -12.72 0.06 -12.25
CA GLY A 27 -13.27 -1.29 -12.24
C GLY A 27 -13.88 -1.71 -13.56
N PHE A 28 -14.57 -0.80 -14.24
CA PHE A 28 -15.14 -1.14 -15.55
C PHE A 28 -14.03 -1.50 -16.53
N ALA A 29 -12.95 -0.72 -16.52
CA ALA A 29 -11.83 -1.02 -17.38
C ALA A 29 -11.21 -2.36 -16.99
N VAL A 30 -11.29 -2.75 -15.72
CA VAL A 30 -10.82 -4.09 -15.34
C VAL A 30 -11.73 -5.16 -15.92
N CYS A 31 -13.04 -4.88 -15.98
CA CYS A 31 -13.97 -5.83 -16.56
C CYS A 31 -13.68 -6.04 -18.04
N ALA A 32 -13.43 -4.94 -18.76
CA ALA A 32 -13.07 -5.00 -20.18
C ALA A 32 -11.79 -5.79 -20.39
N ALA A 33 -10.75 -5.51 -19.59
CA ALA A 33 -9.50 -6.23 -19.76
C ALA A 33 -9.69 -7.72 -19.53
N ALA A 34 -10.42 -8.08 -18.48
CA ALA A 34 -10.66 -9.49 -18.16
C ALA A 34 -11.43 -10.18 -19.27
N LEU A 35 -12.44 -9.51 -19.83
CA LEU A 35 -13.21 -10.15 -20.90
C LEU A 35 -12.34 -10.43 -22.12
N GLY A 36 -11.40 -9.53 -22.41
CA GLY A 36 -10.47 -9.76 -23.49
C GLY A 36 -9.63 -11.01 -23.31
N HIS A 37 -9.35 -11.37 -22.06
CA HIS A 37 -8.68 -12.63 -21.79
C HIS A 37 -9.65 -13.80 -21.70
N GLY A 38 -10.93 -13.57 -21.96
CA GLY A 38 -11.88 -14.66 -21.96
C GLY A 38 -12.40 -15.06 -20.59
N ALA A 39 -12.32 -14.17 -19.60
CA ALA A 39 -12.80 -14.54 -18.28
C ALA A 39 -14.32 -14.40 -18.20
N ILE A 40 -14.89 -15.00 -17.16
CA ILE A 40 -16.30 -14.85 -16.82
C ILE A 40 -16.39 -13.81 -15.72
N VAL A 41 -17.14 -12.73 -15.96
CA VAL A 41 -17.07 -11.55 -15.13
C VAL A 41 -18.42 -11.28 -14.47
N THR A 42 -18.39 -10.97 -13.18
CA THR A 42 -19.56 -10.51 -12.44
C THR A 42 -19.29 -9.08 -12.00
N ILE A 43 -20.25 -8.21 -12.26
CA ILE A 43 -20.10 -6.77 -12.04
C ILE A 43 -21.01 -6.38 -10.89
N VAL A 44 -20.55 -5.50 -10.02
CA VAL A 44 -21.34 -5.05 -8.89
C VAL A 44 -21.30 -3.53 -8.86
N GLY A 45 -22.46 -2.93 -8.62
CA GLY A 45 -22.63 -1.50 -8.42
C GLY A 45 -23.96 -1.29 -7.73
N SER A 46 -24.22 -0.03 -7.35
CA SER A 46 -25.48 0.33 -6.71
C SER A 46 -26.51 0.90 -7.68
N ASN A 47 -26.06 1.48 -8.79
CA ASN A 47 -26.93 2.21 -9.72
C ASN A 47 -27.49 1.23 -10.75
N ALA A 48 -28.81 1.01 -10.71
CA ALA A 48 -29.43 0.01 -11.58
C ALA A 48 -29.22 0.32 -13.05
N GLN A 49 -29.22 1.60 -13.42
CA GLN A 49 -29.08 1.97 -14.82
C GLN A 49 -27.62 1.92 -15.27
N LYS A 50 -26.67 2.17 -14.36
CA LYS A 50 -25.25 1.96 -14.69
C LYS A 50 -24.94 0.49 -14.94
N LEU A 51 -25.55 -0.41 -14.16
CA LEU A 51 -25.31 -1.85 -14.35
C LEU A 51 -25.78 -2.31 -15.72
N LYS A 52 -26.98 -1.90 -16.13
CA LYS A 52 -27.48 -2.35 -17.41
C LYS A 52 -26.73 -1.69 -18.55
N ASP A 53 -26.16 -0.50 -18.32
CA ASP A 53 -25.35 0.16 -19.34
C ASP A 53 -23.98 -0.50 -19.48
N SER A 54 -23.39 -0.87 -18.34
CA SER A 54 -22.13 -1.60 -18.21
C SER A 54 -22.05 -2.81 -19.12
N VAL A 55 -23.01 -3.71 -18.91
CA VAL A 55 -23.12 -4.98 -19.61
C VAL A 55 -23.41 -4.77 -21.10
N ALA A 56 -24.22 -3.77 -21.41
CA ALA A 56 -24.51 -3.54 -22.82
C ALA A 56 -23.27 -3.00 -23.55
N ARG A 57 -22.49 -2.15 -22.88
CA ARG A 57 -21.30 -1.61 -23.54
C ARG A 57 -20.20 -2.66 -23.64
N LEU A 58 -20.19 -3.65 -22.74
CA LEU A 58 -19.19 -4.71 -22.83
C LEU A 58 -19.60 -5.76 -23.85
N LYS A 59 -20.90 -6.02 -23.96
CA LYS A 59 -21.35 -6.95 -24.99
C LYS A 59 -21.11 -6.41 -26.40
N SER A 60 -21.23 -5.10 -26.58
CA SER A 60 -21.01 -4.53 -27.91
C SER A 60 -19.54 -4.55 -28.29
N SER A 61 -18.65 -4.38 -27.30
CA SER A 61 -17.22 -4.47 -27.53
C SER A 61 -16.75 -5.91 -27.68
N PHE A 62 -17.52 -6.87 -27.15
CA PHE A 62 -17.19 -8.29 -27.22
C PHE A 62 -18.44 -9.05 -27.67
N PRO A 63 -18.88 -8.87 -28.91
CA PRO A 63 -20.10 -9.56 -29.35
C PRO A 63 -19.91 -11.05 -29.51
N SER A 64 -18.69 -11.50 -29.81
CA SER A 64 -18.35 -12.92 -29.78
C SER A 64 -18.66 -13.55 -28.43
N THR A 65 -18.51 -12.81 -27.34
CA THR A 65 -18.59 -13.38 -26.00
C THR A 65 -19.99 -13.88 -25.67
N ASP A 66 -20.05 -15.01 -24.99
CA ASP A 66 -21.31 -15.53 -24.49
C ASP A 66 -21.90 -14.53 -23.51
N PRO A 67 -23.17 -14.15 -23.67
CA PRO A 67 -23.81 -13.27 -22.68
C PRO A 67 -23.83 -13.84 -21.27
N ASP A 68 -23.73 -15.16 -21.10
CA ASP A 68 -23.69 -15.78 -19.79
C ASP A 68 -22.31 -15.69 -19.13
N ASP A 69 -21.34 -15.09 -19.81
CA ASP A 69 -20.05 -14.77 -19.22
C ASP A 69 -20.00 -13.33 -18.71
N ILE A 70 -21.12 -12.63 -18.75
CA ILE A 70 -21.25 -11.27 -18.24
C ILE A 70 -22.48 -11.24 -17.37
N VAL A 71 -22.29 -11.20 -16.05
CA VAL A 71 -23.38 -11.20 -15.09
C VAL A 71 -23.27 -9.94 -14.25
N ALA A 72 -24.42 -9.40 -13.83
CA ALA A 72 -24.40 -8.14 -13.09
C ALA A 72 -25.35 -8.24 -11.92
N VAL A 73 -24.97 -7.61 -10.80
CA VAL A 73 -25.80 -7.60 -9.59
C VAL A 73 -25.80 -6.18 -9.03
N ARG A 74 -26.95 -5.73 -8.54
CA ARG A 74 -27.09 -4.40 -7.96
C ARG A 74 -27.10 -4.51 -6.44
N CYS A 75 -26.14 -3.83 -5.78
CA CYS A 75 -25.99 -3.83 -4.34
C CYS A 75 -25.64 -2.43 -3.87
N ASP A 76 -26.27 -1.96 -2.80
CA ASP A 76 -25.84 -0.74 -2.12
C ASP A 76 -25.07 -1.16 -0.88
N LEU A 77 -23.74 -1.19 -1.01
CA LEU A 77 -22.84 -1.64 0.06
C LEU A 77 -22.45 -0.54 1.02
N SER A 78 -23.07 0.63 0.92
CA SER A 78 -22.84 1.73 1.85
C SER A 78 -23.75 1.67 3.07
N ASN A 79 -24.58 0.64 3.18
CA ASN A 79 -25.54 0.52 4.26
C ASN A 79 -25.26 -0.72 5.09
N SER A 80 -25.08 -0.53 6.39
CA SER A 80 -24.79 -1.66 7.26
C SER A 80 -25.88 -2.71 7.27
N ASP A 81 -27.15 -2.35 7.01
CA ASP A 81 -28.21 -3.36 7.09
C ASP A 81 -28.00 -4.54 6.15
N THR A 82 -27.46 -4.30 4.97
CA THR A 82 -27.44 -5.30 3.90
C THR A 82 -26.04 -5.61 3.38
N VAL A 83 -25.02 -4.83 3.74
CA VAL A 83 -23.69 -4.98 3.14
C VAL A 83 -23.24 -6.44 3.21
N GLU A 84 -23.33 -7.07 4.39
CA GLU A 84 -22.86 -8.44 4.55
C GLU A 84 -23.70 -9.40 3.72
N GLN A 85 -25.03 -9.27 3.81
CA GLN A 85 -25.93 -10.12 3.03
C GLN A 85 -25.72 -9.92 1.54
N ASP A 86 -25.65 -8.65 1.10
CA ASP A 86 -25.47 -8.38 -0.33
C ASP A 86 -24.10 -8.86 -0.80
N ILE A 87 -23.08 -8.75 0.06
CA ILE A 87 -21.78 -9.32 -0.30
C ILE A 87 -21.92 -10.82 -0.53
N GLU A 88 -22.57 -11.52 0.40
CA GLU A 88 -22.75 -12.96 0.26
C GLU A 88 -23.53 -13.29 -1.02
N LYS A 89 -24.54 -12.49 -1.35
CA LYS A 89 -25.32 -12.72 -2.56
C LYS A 89 -24.46 -12.50 -3.80
N ALA A 90 -23.60 -11.47 -3.77
CA ALA A 90 -22.72 -11.26 -4.92
C ALA A 90 -21.66 -12.36 -5.05
N LEU A 91 -21.19 -12.91 -3.94
CA LEU A 91 -20.23 -14.01 -4.03
C LEU A 91 -20.86 -15.28 -4.57
N GLN A 92 -22.11 -15.53 -4.17
CA GLN A 92 -22.79 -16.75 -4.57
C GLN A 92 -23.02 -16.71 -6.09
N LEU A 93 -23.35 -15.52 -6.66
CA LEU A 93 -23.66 -15.43 -8.08
C LEU A 93 -22.39 -15.50 -8.91
N ALA A 94 -21.29 -14.90 -8.41
CA ALA A 94 -20.05 -14.97 -9.14
C ALA A 94 -19.47 -16.37 -9.14
N ALA A 95 -19.78 -17.18 -8.13
CA ALA A 95 -19.25 -18.53 -8.07
C ALA A 95 -20.01 -19.47 -9.00
N GLY A 96 -21.34 -19.30 -9.08
CA GLY A 96 -22.13 -20.18 -9.91
C GLY A 96 -21.98 -21.62 -9.51
N ASN A 97 -21.87 -22.48 -10.52
CA ASN A 97 -21.61 -23.91 -10.38
C ASN A 97 -20.15 -24.21 -10.13
N SER A 98 -19.35 -23.19 -9.84
CA SER A 98 -17.90 -23.32 -9.68
C SER A 98 -17.49 -22.42 -8.53
N LYS A 99 -16.20 -22.10 -8.48
CA LYS A 99 -15.64 -21.21 -7.48
C LYS A 99 -15.11 -19.95 -8.15
N ILE A 100 -15.06 -18.86 -7.37
CA ILE A 100 -14.48 -17.63 -7.86
C ILE A 100 -12.96 -17.74 -7.87
N ASN A 101 -12.33 -17.15 -8.88
CA ASN A 101 -10.88 -17.15 -9.05
C ASN A 101 -10.22 -15.85 -8.58
N HIS A 102 -10.84 -14.70 -8.83
CA HIS A 102 -10.25 -13.41 -8.48
C HIS A 102 -11.36 -12.43 -8.13
N ILE A 103 -11.12 -11.65 -7.09
CA ILE A 103 -12.05 -10.60 -6.66
C ILE A 103 -11.27 -9.30 -6.69
N VAL A 104 -11.88 -8.27 -7.27
CA VAL A 104 -11.33 -6.93 -7.36
C VAL A 104 -12.33 -5.98 -6.72
N ILE A 105 -11.83 -5.09 -5.86
CA ILE A 105 -12.69 -4.14 -5.17
C ILE A 105 -12.20 -2.73 -5.44
N THR A 106 -12.98 -1.97 -6.21
CA THR A 106 -12.77 -0.55 -6.45
C THR A 106 -13.85 0.32 -5.82
N ALA A 107 -14.87 -0.27 -5.20
CA ALA A 107 -16.07 0.49 -4.85
C ALA A 107 -15.78 1.55 -3.78
N ALA A 108 -16.30 2.75 -4.00
CA ALA A 108 -16.15 3.90 -3.12
C ALA A 108 -17.08 4.97 -3.63
N ASP A 109 -17.45 5.89 -2.74
CA ASP A 109 -18.46 6.87 -3.15
C ASP A 109 -17.87 7.94 -4.06
N MET A 110 -16.65 8.38 -3.80
CA MET A 110 -16.03 9.47 -4.57
C MET A 110 -16.93 10.71 -4.57
N THR A 111 -17.15 11.24 -3.37
CA THR A 111 -17.80 12.53 -3.16
C THR A 111 -16.92 13.35 -2.24
N ALA A 112 -16.72 14.61 -2.57
CA ALA A 112 -15.83 15.46 -1.77
C ALA A 112 -16.28 15.48 -0.31
N PRO A 113 -15.39 15.25 0.64
CA PRO A 113 -15.80 15.27 2.04
C PRO A 113 -15.93 16.71 2.51
N PRO A 114 -16.55 16.95 3.66
CA PRO A 114 -16.66 18.31 4.18
C PRO A 114 -15.31 18.83 4.59
N PRO A 115 -15.13 20.13 4.70
CA PRO A 115 -13.88 20.65 5.25
C PRO A 115 -13.82 20.33 6.73
N LEU A 116 -12.64 20.50 7.29
CA LEU A 116 -12.40 20.16 8.66
C LEU A 116 -13.25 20.94 9.62
N GLU A 117 -13.60 22.13 9.22
CA GLU A 117 -14.42 23.00 10.00
C GLU A 117 -15.82 22.49 10.29
N ASP A 118 -16.38 21.67 9.40
CA ASP A 118 -17.67 21.07 9.58
C ASP A 118 -17.59 19.60 9.79
N LEU A 119 -16.42 19.10 10.12
CA LEU A 119 -16.27 17.65 10.24
C LEU A 119 -17.19 17.12 11.33
N THR A 120 -17.93 16.07 10.99
CA THR A 120 -18.86 15.44 11.89
C THR A 120 -18.46 13.98 12.13
N VAL A 121 -18.88 13.44 13.27
CA VAL A 121 -18.51 12.06 13.57
C VAL A 121 -19.02 11.11 12.49
N ASP A 122 -20.14 11.47 11.85
CA ASP A 122 -20.71 10.61 10.82
C ASP A 122 -19.99 10.74 9.49
N SER A 123 -19.46 11.92 9.16
CA SER A 123 -18.71 12.03 7.91
C SER A 123 -17.44 11.18 7.94
N VAL A 124 -16.94 10.89 9.13
CA VAL A 124 -15.75 10.05 9.26
C VAL A 124 -16.12 8.58 9.15
N GLN A 125 -17.20 8.16 9.83
CA GLN A 125 -17.45 6.73 9.94
C GLN A 125 -18.13 6.17 8.70
N ARG A 126 -18.89 7.01 8.00
CA ARG A 126 -19.70 6.50 6.89
C ARG A 126 -18.89 5.92 5.72
N PRO A 127 -17.78 6.53 5.27
CA PRO A 127 -17.00 5.87 4.19
C PRO A 127 -16.44 4.52 4.58
N GLY A 128 -16.27 4.25 5.88
CA GLY A 128 -15.71 2.99 6.34
C GLY A 128 -16.59 1.77 6.09
N ILE A 129 -17.89 1.98 5.82
CA ILE A 129 -18.73 0.83 5.54
C ILE A 129 -18.36 0.23 4.19
N ILE A 130 -18.29 1.07 3.15
CA ILE A 130 -17.94 0.56 1.82
C ILE A 130 -16.43 0.30 1.72
N ARG A 131 -15.61 1.11 2.38
CA ARG A 131 -14.16 1.00 2.22
C ARG A 131 -13.52 -0.04 3.13
N LEU A 132 -14.06 -0.24 4.33
CA LEU A 132 -13.46 -1.22 5.23
C LEU A 132 -14.38 -2.39 5.49
N VAL A 133 -15.64 -2.14 5.83
CA VAL A 133 -16.52 -3.24 6.23
C VAL A 133 -16.73 -4.20 5.07
N ALA A 134 -17.02 -3.67 3.86
CA ALA A 134 -17.32 -4.56 2.74
C ALA A 134 -16.15 -5.48 2.41
N PRO A 135 -14.91 -5.00 2.27
CA PRO A 135 -13.81 -5.97 2.05
C PRO A 135 -13.66 -6.98 3.16
N LEU A 136 -13.82 -6.57 4.42
CA LEU A 136 -13.72 -7.56 5.49
C LEU A 136 -14.87 -8.56 5.41
N MET A 137 -16.02 -8.12 4.93
CA MET A 137 -17.14 -9.05 4.74
C MET A 137 -16.88 -10.00 3.58
N VAL A 138 -16.19 -9.53 2.54
CA VAL A 138 -15.79 -10.41 1.45
C VAL A 138 -14.85 -11.48 1.96
N ALA A 139 -13.83 -11.07 2.71
CA ALA A 139 -12.89 -12.03 3.26
C ALA A 139 -13.58 -13.00 4.21
N LYS A 140 -14.59 -12.51 4.94
CA LYS A 140 -15.30 -13.38 5.89
C LYS A 140 -15.99 -14.54 5.19
N HIS A 141 -16.55 -14.30 4.01
CA HIS A 141 -17.39 -15.30 3.36
C HIS A 141 -16.79 -15.93 2.10
N LEU A 142 -15.73 -15.36 1.54
CA LEU A 142 -15.21 -15.93 0.30
C LEU A 142 -14.73 -17.38 0.40
N PRO A 143 -14.29 -17.91 1.55
CA PRO A 143 -13.87 -19.33 1.57
C PRO A 143 -14.94 -20.33 1.17
N LYS A 144 -16.23 -20.04 1.31
CA LYS A 144 -17.16 -21.05 0.84
C LYS A 144 -17.37 -20.93 -0.66
N TYR A 145 -16.82 -19.88 -1.28
CA TYR A 145 -17.02 -19.61 -2.70
C TYR A 145 -15.70 -19.47 -3.45
N MET A 146 -14.57 -19.68 -2.78
CA MET A 146 -13.25 -19.61 -3.38
C MET A 146 -12.35 -20.66 -2.75
N ASN A 147 -11.42 -21.19 -3.53
CA ASN A 147 -10.38 -22.06 -2.98
C ASN A 147 -9.20 -21.22 -2.53
N LYS A 148 -8.81 -21.38 -1.26
CA LYS A 148 -7.69 -20.61 -0.72
C LYS A 148 -6.41 -21.26 -1.21
N CYS A 149 -5.97 -20.85 -2.38
CA CYS A 149 -4.80 -21.39 -3.05
C CYS A 149 -4.06 -20.25 -3.70
N PRO A 150 -2.76 -20.42 -4.00
CA PRO A 150 -1.98 -19.30 -4.54
C PRO A 150 -2.39 -18.84 -5.94
N GLN A 151 -3.12 -19.64 -6.71
CA GLN A 151 -3.59 -19.19 -8.02
C GLN A 151 -4.79 -18.25 -7.94
N SER A 152 -5.46 -18.12 -6.79
CA SER A 152 -6.58 -17.21 -6.63
C SER A 152 -6.14 -15.96 -5.89
N SER A 153 -6.89 -14.88 -6.10
CA SER A 153 -6.43 -13.60 -5.60
C SER A 153 -7.60 -12.71 -5.19
N LEU A 154 -7.34 -11.86 -4.20
CA LEU A 154 -8.22 -10.76 -3.81
C LEU A 154 -7.44 -9.45 -3.89
N THR A 155 -7.93 -8.48 -4.66
CA THR A 155 -7.23 -7.21 -4.86
C THR A 155 -8.10 -6.05 -4.44
N LEU A 156 -7.55 -5.18 -3.59
CA LEU A 156 -8.21 -3.98 -3.08
C LEU A 156 -7.62 -2.75 -3.75
N THR A 157 -8.19 -1.60 -3.41
CA THR A 157 -7.76 -0.36 -4.04
C THR A 157 -7.45 0.69 -2.99
N SER A 158 -6.39 1.43 -3.26
CA SER A 158 -5.83 2.44 -2.37
C SER A 158 -5.68 3.67 -3.27
N GLY A 159 -4.78 4.58 -2.89
CA GLY A 159 -4.41 5.68 -3.77
C GLY A 159 -3.08 6.29 -3.39
N ALA A 160 -2.56 7.10 -4.33
CA ALA A 160 -1.34 7.86 -4.09
C ALA A 160 -1.53 8.94 -3.03
N HIS A 161 -2.77 9.42 -2.79
CA HIS A 161 -2.94 10.41 -1.74
C HIS A 161 -2.68 9.82 -0.35
N CYS A 162 -2.54 8.49 -0.24
CA CYS A 162 -2.08 7.91 1.02
C CYS A 162 -0.71 8.44 1.42
N LEU A 163 0.16 8.70 0.45
CA LEU A 163 1.50 9.23 0.70
C LEU A 163 1.64 10.69 0.38
N ARG A 164 0.90 11.20 -0.59
CA ARG A 164 0.84 12.64 -0.86
C ARG A 164 -0.60 13.09 -0.73
N PRO A 165 -1.07 13.43 0.46
CA PRO A 165 -2.48 13.75 0.62
C PRO A 165 -2.88 14.96 -0.21
N ASN A 166 -4.15 14.97 -0.62
CA ASN A 166 -4.74 16.11 -1.29
C ASN A 166 -5.45 16.96 -0.25
N PRO A 167 -5.33 18.28 -0.35
CA PRO A 167 -5.84 19.14 0.72
C PRO A 167 -7.35 19.02 0.84
N GLY A 168 -7.82 18.94 2.08
CA GLY A 168 -9.21 18.67 2.38
C GLY A 168 -9.63 17.22 2.25
N TRP A 169 -8.76 16.33 1.79
CA TRP A 169 -9.10 14.92 1.66
C TRP A 169 -8.40 14.04 2.70
N THR A 170 -8.13 14.58 3.90
CA THR A 170 -7.38 13.80 4.91
C THR A 170 -8.11 12.52 5.28
N VAL A 171 -9.44 12.58 5.43
CA VAL A 171 -10.21 11.41 5.86
C VAL A 171 -10.10 10.29 4.85
N ILE A 172 -10.15 10.62 3.55
CA ILE A 172 -10.04 9.58 2.54
C ILE A 172 -8.63 9.02 2.47
N SER A 173 -7.62 9.86 2.73
CA SER A 173 -6.26 9.34 2.77
C SER A 173 -6.10 8.34 3.89
N GLY A 174 -6.72 8.62 5.04
CA GLY A 174 -6.75 7.64 6.11
C GLY A 174 -7.32 6.30 5.68
N TYR A 175 -8.46 6.33 4.98
CA TYR A 175 -9.06 5.05 4.62
C TYR A 175 -8.20 4.29 3.61
N CYS A 176 -7.45 5.00 2.77
CA CYS A 176 -6.55 4.32 1.84
C CYS A 176 -5.38 3.71 2.57
N GLY A 177 -4.89 4.40 3.58
CA GLY A 177 -3.88 3.77 4.42
C GLY A 177 -4.42 2.56 5.16
N ALA A 178 -5.69 2.62 5.56
CA ALA A 178 -6.27 1.46 6.24
C ALA A 178 -6.37 0.28 5.29
N VAL A 179 -6.72 0.54 4.04
CA VAL A 179 -6.87 -0.54 3.06
C VAL A 179 -5.53 -1.19 2.77
N GLU A 180 -4.45 -0.39 2.69
CA GLU A 180 -3.15 -0.99 2.44
C GLU A 180 -2.75 -1.88 3.63
N ALA A 181 -2.91 -1.39 4.85
CA ALA A 181 -2.56 -2.21 6.01
C ALA A 181 -3.52 -3.39 6.18
N MET A 182 -4.80 -3.20 5.86
CA MET A 182 -5.74 -4.31 6.00
C MET A 182 -5.44 -5.43 5.00
N SER A 183 -5.05 -5.09 3.77
CA SER A 183 -4.69 -6.11 2.78
C SER A 183 -3.56 -6.99 3.28
N ARG A 184 -2.58 -6.41 3.98
CA ARG A 184 -1.51 -7.23 4.53
C ARG A 184 -2.02 -8.18 5.62
N GLY A 185 -2.88 -7.68 6.50
CA GLY A 185 -3.50 -8.57 7.48
C GLY A 185 -4.30 -9.68 6.84
N LEU A 186 -5.01 -9.36 5.75
CA LEU A 186 -5.81 -10.35 5.05
C LEU A 186 -4.94 -11.34 4.27
N ALA A 187 -3.77 -10.89 3.79
CA ALA A 187 -2.85 -11.82 3.17
C ALA A 187 -2.41 -12.88 4.17
N ILE A 188 -2.44 -12.54 5.45
CA ILE A 188 -2.17 -13.50 6.50
C ILE A 188 -3.41 -14.32 6.83
N ASP A 189 -4.56 -13.65 7.00
CA ASP A 189 -5.77 -14.34 7.41
C ASP A 189 -6.24 -15.33 6.35
N LEU A 190 -6.11 -14.96 5.07
CA LEU A 190 -6.65 -15.77 3.97
C LEU A 190 -5.58 -16.68 3.40
N LYS A 191 -4.42 -16.75 3.99
CA LYS A 191 -3.39 -17.52 3.37
C LYS A 191 -3.75 -18.90 3.20
N PRO A 192 -3.33 -19.48 2.13
CA PRO A 192 -2.39 -19.04 1.07
C PRO A 192 -3.01 -18.27 -0.11
N LEU A 193 -4.27 -17.85 0.04
CA LEU A 193 -4.85 -16.96 -0.94
C LEU A 193 -4.05 -15.67 -0.93
N ARG A 194 -3.99 -15.02 -2.10
CA ARG A 194 -3.14 -13.86 -2.29
C ARG A 194 -3.96 -12.58 -2.16
N VAL A 195 -3.46 -11.64 -1.36
CA VAL A 195 -4.14 -10.36 -1.18
C VAL A 195 -3.14 -9.24 -1.45
N ASN A 196 -3.56 -8.29 -2.30
CA ASN A 196 -2.73 -7.16 -2.72
C ASN A 196 -3.61 -5.94 -2.93
N VAL A 197 -2.94 -4.82 -3.20
CA VAL A 197 -3.57 -3.52 -3.38
C VAL A 197 -3.01 -2.88 -4.63
N VAL A 198 -3.87 -2.18 -5.35
CA VAL A 198 -3.46 -1.24 -6.39
C VAL A 198 -3.65 0.16 -5.83
N ALA A 199 -2.64 1.00 -6.01
CA ALA A 199 -2.66 2.39 -5.55
C ALA A 199 -2.54 3.31 -6.75
N PRO A 200 -3.64 3.73 -7.36
CA PRO A 200 -3.54 4.58 -8.54
C PRO A 200 -3.25 6.04 -8.20
N GLY A 201 -2.74 6.76 -9.19
CA GLY A 201 -2.49 8.17 -9.05
C GLY A 201 -3.65 9.03 -9.55
N ALA A 202 -3.48 9.76 -10.64
CA ALA A 202 -4.56 10.61 -11.17
C ALA A 202 -5.12 9.95 -12.42
N VAL A 203 -6.36 9.46 -12.32
CA VAL A 203 -7.05 8.79 -13.42
C VAL A 203 -8.32 9.57 -13.72
N LEU A 204 -8.45 10.04 -14.96
CA LEU A 204 -9.58 10.89 -15.35
C LEU A 204 -10.80 10.02 -15.67
N THR A 205 -11.44 9.55 -14.62
CA THR A 205 -12.70 8.83 -14.76
C THR A 205 -13.83 9.85 -14.73
N GLU A 206 -15.04 9.40 -15.11
CA GLU A 206 -16.15 10.34 -15.12
C GLU A 206 -16.52 10.80 -13.72
N ALA A 207 -16.23 9.98 -12.71
CA ALA A 207 -16.44 10.43 -11.33
C ALA A 207 -15.52 11.57 -10.97
N VAL A 208 -14.27 11.53 -11.44
CA VAL A 208 -13.37 12.64 -11.12
C VAL A 208 -13.78 13.90 -11.85
N LYS A 209 -14.30 13.77 -13.05
CA LYS A 209 -14.80 14.95 -13.75
C LYS A 209 -15.97 15.56 -13.01
N ASP A 210 -16.73 14.74 -12.27
CA ASP A 210 -17.88 15.26 -11.53
C ASP A 210 -17.45 16.09 -10.34
N ILE A 211 -16.49 15.60 -9.56
CA ILE A 211 -16.02 16.33 -8.37
C ILE A 211 -15.42 17.66 -8.78
N LEU A 212 -14.68 17.69 -9.89
CA LEU A 212 -13.93 18.90 -10.22
C LEU A 212 -14.80 19.96 -10.85
N GLY A 213 -15.87 19.59 -11.53
CA GLY A 213 -16.76 20.58 -12.11
C GLY A 213 -16.00 21.46 -13.09
N ASP A 214 -16.06 22.77 -12.85
CA ASP A 214 -15.41 23.75 -13.70
C ASP A 214 -13.92 23.87 -13.44
N ALA A 215 -13.40 23.17 -12.43
CA ALA A 215 -11.98 23.16 -12.16
C ALA A 215 -11.29 22.01 -12.88
N TYR A 216 -11.98 21.39 -13.84
CA TYR A 216 -11.44 20.20 -14.49
C TYR A 216 -10.26 20.53 -15.39
N ASP A 217 -10.34 21.63 -16.15
CA ASP A 217 -9.25 21.90 -17.10
C ASP A 217 -8.01 22.41 -16.38
N ALA A 218 -8.17 23.06 -15.23
CA ALA A 218 -7.04 23.54 -14.46
C ALA A 218 -6.42 22.47 -13.59
N ALA A 219 -7.21 21.45 -13.21
CA ALA A 219 -6.67 20.36 -12.40
C ALA A 219 -5.92 19.34 -13.24
N VAL A 220 -6.38 19.10 -14.48
CA VAL A 220 -5.65 18.21 -15.39
C VAL A 220 -4.27 18.80 -15.71
N GLU A 221 -4.20 20.12 -15.91
CA GLU A 221 -2.90 20.72 -16.21
C GLU A 221 -1.97 20.63 -15.01
N MET A 222 -2.54 20.64 -13.80
CA MET A 222 -1.74 20.46 -12.58
C MET A 222 -1.32 19.01 -12.40
N ALA A 223 -2.20 18.07 -12.74
CA ALA A 223 -1.85 16.66 -12.65
C ALA A 223 -0.83 16.28 -13.69
N GLU A 224 -1.02 16.74 -14.93
CA GLU A 224 -0.02 16.45 -15.95
C GLU A 224 1.32 17.09 -15.62
N ALA A 225 1.31 18.26 -14.99
CA ALA A 225 2.59 18.91 -14.70
C ALA A 225 3.31 18.26 -13.54
N LYS A 226 2.63 17.76 -12.54
CA LYS A 226 3.39 17.14 -11.45
C LYS A 226 3.37 15.63 -11.67
N SER A 227 4.04 15.21 -12.73
CA SER A 227 4.18 13.83 -13.11
C SER A 227 5.44 13.75 -13.94
N THR A 228 6.10 12.60 -13.91
CA THR A 228 7.23 12.43 -14.81
C THR A 228 6.78 12.07 -16.23
N VAL A 229 5.67 11.33 -16.37
CA VAL A 229 5.17 11.01 -17.71
C VAL A 229 4.49 12.19 -18.39
N GLY A 230 4.23 13.28 -17.68
CA GLY A 230 3.55 14.44 -18.27
C GLY A 230 2.14 14.12 -18.73
N GLN A 231 1.45 13.25 -18.00
CA GLN A 231 0.15 12.74 -18.44
C GLN A 231 -0.67 12.35 -17.23
N THR A 232 -1.99 12.36 -17.41
CA THR A 232 -2.83 11.65 -16.46
C THR A 232 -2.86 10.17 -16.81
N GLY A 233 -3.36 9.39 -15.88
CA GLY A 233 -3.39 7.96 -16.05
C GLY A 233 -4.61 7.49 -16.82
N SER A 234 -4.40 6.54 -17.69
CA SER A 234 -5.49 5.92 -18.42
C SER A 234 -6.15 4.85 -17.54
N PRO A 235 -7.46 4.72 -17.62
CA PRO A 235 -8.11 3.62 -16.94
C PRO A 235 -7.63 2.37 -17.56
N GLU A 236 -7.39 2.32 -18.85
CA GLU A 236 -6.92 1.14 -19.51
C GLU A 236 -5.57 0.72 -18.99
N SER A 237 -4.69 1.67 -18.77
CA SER A 237 -3.41 1.39 -18.21
C SER A 237 -3.45 0.92 -16.78
N VAL A 238 -4.18 1.61 -15.94
CA VAL A 238 -4.28 1.26 -14.52
C VAL A 238 -4.86 -0.13 -14.35
N ALA A 239 -5.77 -0.54 -15.23
CA ALA A 239 -6.38 -1.86 -15.14
C ALA A 239 -5.37 -3.00 -15.30
N GLN A 240 -4.23 -2.74 -15.96
CA GLN A 240 -3.22 -3.80 -16.15
C GLN A 240 -2.57 -4.20 -14.84
N ALA A 241 -2.56 -3.31 -13.85
CA ALA A 241 -2.08 -3.66 -12.52
C ALA A 241 -2.94 -4.74 -11.89
N TYR A 242 -4.26 -4.62 -12.04
CA TYR A 242 -5.16 -5.65 -11.53
C TYR A 242 -5.01 -6.94 -12.31
N ILE A 243 -4.87 -6.86 -13.64
CA ILE A 243 -4.68 -8.08 -14.41
C ILE A 243 -3.37 -8.74 -13.98
N TYR A 244 -2.32 -7.94 -13.82
CA TYR A 244 -1.03 -8.49 -13.37
C TYR A 244 -1.15 -9.26 -12.07
N LEU A 245 -1.87 -8.72 -11.09
CA LEU A 245 -1.99 -9.42 -9.81
C LEU A 245 -2.75 -10.74 -9.95
N MET A 246 -3.63 -10.86 -10.95
CA MET A 246 -4.31 -12.13 -11.18
C MET A 246 -3.37 -13.17 -11.76
N LYS A 247 -2.38 -12.74 -12.54
CA LYS A 247 -1.53 -13.70 -13.23
C LYS A 247 -0.28 -14.06 -12.44
N ASP A 248 0.21 -13.17 -11.59
CA ASP A 248 1.42 -13.44 -10.81
C ASP A 248 1.04 -14.20 -9.55
N HIS A 249 1.16 -15.51 -9.60
CA HIS A 249 0.79 -16.37 -8.49
C HIS A 249 1.81 -16.32 -7.37
N TYR A 250 2.78 -15.40 -7.45
CA TYR A 250 3.75 -15.20 -6.39
C TYR A 250 3.58 -13.84 -5.72
N ALA A 251 2.67 -13.01 -6.18
CA ALA A 251 2.47 -11.69 -5.57
C ALA A 251 1.45 -11.78 -4.45
N SER A 252 1.87 -11.47 -3.22
CA SER A 252 0.94 -11.36 -2.11
C SER A 252 1.51 -10.39 -1.09
N GLY A 253 0.61 -9.61 -0.47
CA GLY A 253 1.02 -8.59 0.48
C GLY A 253 1.64 -7.36 -0.11
N SER A 254 1.45 -7.11 -1.41
CA SER A 254 2.16 -6.04 -2.10
C SER A 254 1.21 -4.92 -2.50
N VAL A 255 1.82 -3.78 -2.81
CA VAL A 255 1.13 -2.61 -3.34
C VAL A 255 1.69 -2.36 -4.73
N VAL A 256 0.81 -2.35 -5.73
CA VAL A 256 1.21 -2.00 -7.09
C VAL A 256 0.82 -0.54 -7.27
N SER A 257 1.82 0.34 -7.33
CA SER A 257 1.59 1.77 -7.42
C SER A 257 1.68 2.21 -8.88
N THR A 258 0.59 2.75 -9.42
CA THR A 258 0.58 3.24 -10.80
C THR A 258 0.13 4.70 -10.76
N ASN A 259 1.10 5.61 -10.81
CA ASN A 259 0.85 7.02 -10.52
C ASN A 259 1.62 7.99 -11.42
N GLY A 260 2.23 7.52 -12.49
CA GLY A 260 2.88 8.44 -13.42
C GLY A 260 4.08 9.18 -12.86
N GLY A 261 4.73 8.65 -11.83
CA GLY A 261 5.87 9.30 -11.23
C GLY A 261 5.56 10.50 -10.38
N MET A 262 4.28 10.71 -10.01
CA MET A 262 3.87 11.88 -9.25
C MET A 262 4.51 11.94 -7.87
N LEU A 263 4.92 10.80 -7.29
CA LEU A 263 5.57 10.85 -5.98
C LEU A 263 7.01 11.32 -6.09
N LEU A 264 7.47 11.70 -7.28
CA LEU A 264 8.86 12.08 -7.46
C LEU A 264 9.05 13.56 -7.69
N VAL A 265 7.99 14.34 -7.84
CA VAL A 265 8.13 15.79 -8.00
C VAL A 265 7.21 16.52 -7.03
N THR B 9 18.20 24.96 31.40
CA THR B 9 18.02 25.44 30.04
C THR B 9 17.60 24.30 29.12
N ASP B 10 16.38 23.82 29.35
CA ASP B 10 15.78 22.78 28.55
C ASP B 10 14.68 23.36 27.69
N GLN B 11 14.66 22.96 26.41
CA GLN B 11 13.73 23.53 25.45
C GLN B 11 12.28 23.22 25.78
N LEU B 12 12.02 22.20 26.61
CA LEU B 12 10.68 21.78 26.97
C LEU B 12 10.23 22.27 28.33
N HIS B 13 11.01 23.14 28.99
CA HIS B 13 10.68 23.59 30.33
C HIS B 13 9.34 24.34 30.41
N GLY B 14 9.24 25.52 29.83
CA GLY B 14 7.95 26.23 29.90
C GLY B 14 6.78 25.55 29.19
N SER B 15 7.00 24.46 28.47
CA SER B 15 6.03 23.96 27.50
C SER B 15 4.88 23.17 28.11
N ARG B 16 3.69 23.33 27.54
CA ARG B 16 2.51 22.59 27.95
C ARG B 16 2.32 21.41 27.01
N VAL B 17 2.26 20.21 27.57
CA VAL B 17 2.15 18.96 26.82
C VAL B 17 0.83 18.30 27.22
N LEU B 18 0.00 17.97 26.23
CA LEU B 18 -1.24 17.24 26.47
C LEU B 18 -1.04 15.80 26.02
N VAL B 19 -1.24 14.85 26.93
CA VAL B 19 -1.07 13.44 26.63
C VAL B 19 -2.44 12.77 26.71
N ILE B 20 -3.02 12.45 25.57
CA ILE B 20 -4.30 11.75 25.52
C ILE B 20 -3.99 10.26 25.52
N GLY B 21 -4.33 9.58 26.61
CA GLY B 21 -3.91 8.23 26.83
C GLY B 21 -2.70 8.13 27.75
N GLY B 22 -2.54 9.07 28.66
CA GLY B 22 -1.35 9.08 29.48
C GLY B 22 -1.51 8.44 30.85
N THR B 23 -2.60 7.72 31.08
CA THR B 23 -2.83 7.10 32.38
C THR B 23 -2.07 5.78 32.55
N SER B 24 -1.69 5.10 31.48
CA SER B 24 -0.96 3.84 31.61
C SER B 24 -0.05 3.67 30.40
N GLY B 25 0.88 2.72 30.51
CA GLY B 25 1.61 2.24 29.35
C GLY B 25 2.49 3.30 28.72
N ILE B 26 2.46 3.38 27.39
CA ILE B 26 3.38 4.24 26.67
C ILE B 26 3.10 5.71 26.99
N GLY B 27 1.83 6.12 26.91
CA GLY B 27 1.48 7.50 27.19
C GLY B 27 1.89 7.94 28.59
N PHE B 28 1.80 7.05 29.56
CA PHE B 28 2.24 7.38 30.91
C PHE B 28 3.74 7.66 30.94
N ALA B 29 4.53 6.86 30.23
CA ALA B 29 5.97 7.12 30.18
C ALA B 29 6.27 8.47 29.51
N VAL B 30 5.44 8.90 28.55
CA VAL B 30 5.66 10.20 27.93
C VAL B 30 5.40 11.32 28.94
N CYS B 31 4.41 11.14 29.81
CA CYS B 31 4.15 12.13 30.85
C CYS B 31 5.37 12.24 31.79
N ALA B 32 5.92 11.09 32.18
CA ALA B 32 7.11 11.04 33.03
C ALA B 32 8.31 11.68 32.36
N ALA B 33 8.56 11.34 31.10
CA ALA B 33 9.68 11.95 30.38
C ALA B 33 9.51 13.46 30.25
N ALA B 34 8.30 13.92 29.90
CA ALA B 34 8.09 15.36 29.76
C ALA B 34 8.31 16.08 31.09
N LEU B 35 7.86 15.47 32.19
CA LEU B 35 8.05 16.06 33.51
C LEU B 35 9.53 16.16 33.88
N GLY B 36 10.31 15.16 33.48
CA GLY B 36 11.75 15.22 33.69
C GLY B 36 12.41 16.39 32.98
N HIS B 37 11.85 16.80 31.83
CA HIS B 37 12.33 17.98 31.13
C HIS B 37 11.70 19.27 31.63
N GLY B 38 10.87 19.22 32.68
CA GLY B 38 10.29 20.41 33.25
C GLY B 38 9.02 20.90 32.58
N ALA B 39 8.32 20.04 31.86
CA ALA B 39 7.13 20.47 31.16
C ALA B 39 5.94 20.57 32.10
N ILE B 40 4.89 21.24 31.65
CA ILE B 40 3.59 21.23 32.30
C ILE B 40 2.75 20.22 31.53
N VAL B 41 2.22 19.23 32.23
CA VAL B 41 1.63 18.05 31.59
C VAL B 41 0.15 17.95 31.95
N THR B 42 -0.67 17.68 30.93
CA THR B 42 -2.09 17.38 31.14
C THR B 42 -2.33 15.95 30.67
N ILE B 43 -3.02 15.17 31.50
CA ILE B 43 -3.22 13.74 31.27
C ILE B 43 -4.69 13.47 31.01
N VAL B 44 -4.99 12.60 30.04
CA VAL B 44 -6.38 12.27 29.72
C VAL B 44 -6.53 10.75 29.68
N GLY B 45 -7.59 10.24 30.31
CA GLY B 45 -7.97 8.85 30.27
C GLY B 45 -9.42 8.74 30.72
N SER B 46 -9.98 7.55 30.55
CA SER B 46 -11.38 7.31 30.90
C SER B 46 -11.55 6.77 32.32
N ASN B 47 -10.53 6.12 32.87
CA ASN B 47 -10.63 5.45 34.16
C ASN B 47 -10.30 6.46 35.25
N ALA B 48 -11.30 6.79 36.07
CA ALA B 48 -11.10 7.78 37.14
C ALA B 48 -10.06 7.31 38.14
N GLN B 49 -9.98 5.99 38.35
CA GLN B 49 -9.05 5.44 39.35
C GLN B 49 -7.65 5.31 38.76
N LYS B 50 -7.53 4.99 37.47
CA LYS B 50 -6.22 5.06 36.82
C LYS B 50 -5.73 6.51 36.72
N LEU B 51 -6.64 7.45 36.53
CA LEU B 51 -6.28 8.87 36.42
C LEU B 51 -5.67 9.35 37.72
N LYS B 52 -6.28 8.91 38.82
CA LYS B 52 -5.91 9.33 40.17
C LYS B 52 -4.56 8.76 40.60
N ASP B 53 -4.30 7.52 40.22
CA ASP B 53 -3.05 6.85 40.52
C ASP B 53 -1.93 7.40 39.64
N SER B 54 -2.20 7.60 38.34
CA SER B 54 -1.21 8.23 37.47
C SER B 54 -0.67 9.52 38.08
N VAL B 55 -1.56 10.43 38.45
CA VAL B 55 -1.11 11.71 38.99
C VAL B 55 -0.34 11.52 40.29
N ALA B 56 -0.78 10.59 41.14
CA ALA B 56 -0.08 10.41 42.41
C ALA B 56 1.31 9.81 42.18
N ARG B 57 1.43 8.88 41.25
CA ARG B 57 2.73 8.25 41.05
C ARG B 57 3.71 9.18 40.36
N LEU B 58 3.23 10.18 39.61
CA LEU B 58 4.13 11.12 38.99
C LEU B 58 4.61 12.16 40.00
N LYS B 59 3.73 12.56 40.91
CA LYS B 59 4.17 13.47 41.97
C LYS B 59 5.17 12.78 42.89
N SER B 60 5.04 11.47 43.08
CA SER B 60 6.03 10.76 43.88
C SER B 60 7.37 10.68 43.17
N SER B 61 7.37 10.55 41.85
CA SER B 61 8.63 10.53 41.14
C SER B 61 9.23 11.92 40.95
N PHE B 62 8.43 12.98 41.00
CA PHE B 62 8.89 14.34 40.79
C PHE B 62 8.37 15.26 41.88
N PRO B 63 8.85 15.10 43.13
CA PRO B 63 8.32 15.92 44.23
C PRO B 63 8.73 17.38 44.15
N SER B 64 9.87 17.67 43.54
CA SER B 64 10.25 19.05 43.25
C SER B 64 9.19 19.79 42.44
N THR B 65 8.55 19.13 41.47
CA THR B 65 7.66 19.83 40.55
C THR B 65 6.40 20.31 41.25
N ASP B 66 5.95 21.50 40.85
CA ASP B 66 4.69 22.05 41.32
C ASP B 66 3.54 21.11 40.94
N PRO B 67 2.67 20.73 41.89
CA PRO B 67 1.51 19.91 41.52
C PRO B 67 0.60 20.56 40.49
N ASP B 68 0.65 21.88 40.34
CA ASP B 68 -0.15 22.54 39.33
C ASP B 68 0.45 22.42 37.94
N ASP B 69 1.60 21.75 37.81
CA ASP B 69 2.15 21.36 36.52
C ASP B 69 1.75 19.94 36.16
N ILE B 70 0.92 19.29 36.96
CA ILE B 70 0.39 17.97 36.66
C ILE B 70 -1.12 18.04 36.89
N VAL B 71 -1.87 18.13 35.79
CA VAL B 71 -3.32 18.21 35.87
C VAL B 71 -3.89 17.06 35.04
N ALA B 72 -5.06 16.57 35.47
CA ALA B 72 -5.66 15.42 34.79
C ALA B 72 -7.16 15.67 34.61
N VAL B 73 -7.68 15.17 33.49
CA VAL B 73 -9.09 15.33 33.14
C VAL B 73 -9.59 13.99 32.62
N ARG B 74 -10.82 13.65 32.98
CA ARG B 74 -11.44 12.38 32.60
C ARG B 74 -12.31 12.56 31.37
N CYS B 75 -12.04 11.76 30.33
CA CYS B 75 -12.78 11.78 29.08
C CYS B 75 -12.96 10.35 28.58
N ASP B 76 -14.19 10.02 28.14
CA ASP B 76 -14.43 8.77 27.43
C ASP B 76 -14.50 9.10 25.95
N LEU B 77 -13.40 8.88 25.26
CA LEU B 77 -13.31 9.23 23.86
C LEU B 77 -13.85 8.14 22.93
N SER B 78 -14.49 7.11 23.48
CA SER B 78 -15.15 6.09 22.68
C SER B 78 -16.62 6.36 22.40
N ASN B 79 -17.20 7.48 22.87
CA ASN B 79 -18.63 7.82 22.74
C ASN B 79 -18.81 8.97 21.75
N SER B 80 -19.57 8.73 20.67
CA SER B 80 -19.67 9.73 19.60
C SER B 80 -20.38 11.03 20.02
N ASP B 81 -21.45 10.95 20.83
CA ASP B 81 -22.10 12.18 21.31
C ASP B 81 -21.22 13.01 22.26
N THR B 82 -20.15 12.45 22.82
CA THR B 82 -19.27 13.18 23.73
C THR B 82 -17.84 13.42 23.27
N VAL B 83 -17.33 12.72 22.25
CA VAL B 83 -15.91 12.89 21.92
C VAL B 83 -15.60 14.35 21.65
N GLU B 84 -16.43 15.01 20.83
CA GLU B 84 -16.09 16.37 20.44
C GLU B 84 -16.07 17.34 21.62
N GLN B 85 -17.09 17.37 22.46
CA GLN B 85 -16.96 18.25 23.62
C GLN B 85 -15.86 17.82 24.57
N ASP B 86 -15.68 16.52 24.85
CA ASP B 86 -14.60 16.18 25.77
C ASP B 86 -13.21 16.52 25.22
N ILE B 87 -13.03 16.44 23.89
CA ILE B 87 -11.79 16.91 23.28
C ILE B 87 -11.61 18.41 23.51
N GLU B 88 -12.65 19.19 23.24
CA GLU B 88 -12.54 20.64 23.42
C GLU B 88 -12.23 21.03 24.86
N LYS B 89 -12.88 20.38 25.82
CA LYS B 89 -12.64 20.75 27.21
C LYS B 89 -11.23 20.38 27.64
N ALA B 90 -10.74 19.23 27.17
CA ALA B 90 -9.37 18.85 27.50
C ALA B 90 -8.36 19.79 26.85
N LEU B 91 -8.67 20.33 25.68
CA LEU B 91 -7.79 21.31 25.05
C LEU B 91 -7.82 22.62 25.83
N GLN B 92 -9.00 22.99 26.33
CA GLN B 92 -9.12 24.20 27.13
C GLN B 92 -8.35 24.11 28.43
N LEU B 93 -8.37 22.94 29.08
CA LEU B 93 -7.69 22.80 30.35
C LEU B 93 -6.19 22.72 30.15
N ALA B 94 -5.75 22.06 29.08
CA ALA B 94 -4.32 21.97 28.81
C ALA B 94 -3.73 23.32 28.44
N ALA B 95 -4.55 24.25 27.91
CA ALA B 95 -4.04 25.55 27.48
C ALA B 95 -3.90 26.57 28.62
N GLY B 96 -4.80 26.60 29.60
CA GLY B 96 -4.83 27.65 30.62
C GLY B 96 -5.04 29.00 29.99
N ASN B 97 -4.45 30.02 30.55
CA ASN B 97 -4.39 31.28 29.80
C ASN B 97 -3.19 31.39 28.86
N SER B 98 -2.70 30.26 28.37
CA SER B 98 -1.65 30.24 27.36
C SER B 98 -2.07 29.20 26.30
N LYS B 99 -1.15 28.75 25.48
CA LYS B 99 -1.46 27.79 24.44
C LYS B 99 -0.73 26.47 24.69
N ILE B 100 -1.30 25.40 24.15
CA ILE B 100 -0.66 24.09 24.23
C ILE B 100 0.51 24.06 23.26
N ASN B 101 1.60 23.40 23.67
CA ASN B 101 2.77 23.31 22.80
C ASN B 101 2.86 22.00 22.05
N HIS B 102 2.46 20.90 22.69
CA HIS B 102 2.60 19.57 22.10
C HIS B 102 1.44 18.71 22.54
N ILE B 103 0.94 17.90 21.62
CA ILE B 103 -0.11 16.96 21.91
C ILE B 103 0.38 15.58 21.51
N VAL B 104 0.11 14.59 22.35
CA VAL B 104 0.47 13.21 22.09
C VAL B 104 -0.78 12.36 22.26
N ILE B 105 -1.04 11.47 21.30
CA ILE B 105 -2.23 10.62 21.37
C ILE B 105 -1.80 9.18 21.29
N THR B 106 -1.93 8.47 22.40
CA THR B 106 -1.75 7.03 22.48
C THR B 106 -3.05 6.29 22.80
N ALA B 107 -4.16 7.01 23.01
CA ALA B 107 -5.37 6.37 23.52
C ALA B 107 -5.90 5.34 22.54
N ALA B 108 -6.26 4.17 23.07
CA ALA B 108 -6.78 3.03 22.31
C ALA B 108 -7.34 2.02 23.29
N ASP B 109 -8.29 1.21 22.80
CA ASP B 109 -8.93 0.25 23.68
C ASP B 109 -8.04 -0.96 23.95
N MET B 110 -7.40 -1.49 22.90
CA MET B 110 -6.52 -2.66 23.00
C MET B 110 -7.18 -3.79 23.78
N THR B 111 -8.28 -4.28 23.20
CA THR B 111 -8.97 -5.49 23.63
C THR B 111 -9.06 -6.34 22.38
N ALA B 112 -8.78 -7.63 22.51
CA ALA B 112 -8.73 -8.49 21.34
C ALA B 112 -10.01 -8.39 20.56
N PRO B 113 -9.97 -8.18 19.25
CA PRO B 113 -11.17 -8.12 18.44
C PRO B 113 -11.68 -9.47 18.17
N PRO B 114 -12.90 -9.64 17.67
CA PRO B 114 -13.42 -10.96 17.35
C PRO B 114 -12.72 -11.55 16.16
N PRO B 115 -12.68 -12.87 16.03
CA PRO B 115 -12.16 -13.48 14.80
C PRO B 115 -13.11 -13.20 13.62
N LEU B 116 -12.65 -13.58 12.45
CA LEU B 116 -13.27 -13.30 11.20
C LEU B 116 -14.65 -13.84 11.07
N GLU B 117 -14.88 -15.00 11.65
CA GLU B 117 -16.18 -15.62 11.64
C GLU B 117 -17.23 -14.89 12.45
N ASP B 118 -16.84 -14.11 13.43
CA ASP B 118 -17.77 -13.40 14.24
C ASP B 118 -17.75 -11.93 13.90
N LEU B 119 -17.13 -11.58 12.79
CA LEU B 119 -16.99 -10.17 12.47
C LEU B 119 -18.34 -9.51 12.24
N THR B 120 -18.61 -8.44 12.99
CA THR B 120 -19.84 -7.66 12.91
C THR B 120 -19.53 -6.24 12.47
N VAL B 121 -20.52 -5.60 11.82
CA VAL B 121 -20.33 -4.25 11.30
C VAL B 121 -19.95 -3.27 12.39
N ASP B 122 -20.37 -3.52 13.63
CA ASP B 122 -20.02 -2.61 14.71
C ASP B 122 -18.61 -2.86 15.23
N SER B 123 -18.12 -4.09 15.17
CA SER B 123 -16.75 -4.35 15.62
C SER B 123 -15.73 -3.69 14.72
N VAL B 124 -16.08 -3.37 13.48
CA VAL B 124 -15.14 -2.63 12.65
C VAL B 124 -15.24 -1.14 12.94
N GLN B 125 -16.46 -0.61 13.07
CA GLN B 125 -16.62 0.84 13.13
C GLN B 125 -16.32 1.37 14.53
N ARG B 126 -16.54 0.56 15.56
CA ARG B 126 -16.40 1.05 16.92
C ARG B 126 -14.98 1.51 17.27
N PRO B 127 -13.92 0.81 16.87
CA PRO B 127 -12.57 1.35 17.15
C PRO B 127 -12.25 2.68 16.47
N GLY B 128 -12.88 3.00 15.33
CA GLY B 128 -12.57 4.24 14.64
C GLY B 128 -12.97 5.47 15.41
N ILE B 129 -13.79 5.31 16.47
CA ILE B 129 -14.24 6.46 17.25
C ILE B 129 -13.05 7.08 17.96
N ILE B 130 -12.33 6.26 18.72
CA ILE B 130 -11.19 6.78 19.49
C ILE B 130 -9.97 6.92 18.60
N ARG B 131 -9.78 6.01 17.65
CA ARG B 131 -8.55 5.99 16.86
C ARG B 131 -8.56 6.98 15.71
N LEU B 132 -9.72 7.25 15.12
CA LEU B 132 -9.84 8.15 13.99
C LEU B 132 -10.61 9.42 14.31
N VAL B 133 -11.80 9.30 14.93
CA VAL B 133 -12.60 10.51 15.14
C VAL B 133 -11.94 11.44 16.16
N ALA B 134 -11.44 10.88 17.26
CA ALA B 134 -10.85 11.74 18.30
C ALA B 134 -9.64 12.53 17.78
N PRO B 135 -8.67 11.93 17.08
CA PRO B 135 -7.57 12.75 16.52
C PRO B 135 -8.04 13.78 15.50
N LEU B 136 -9.01 13.42 14.65
CA LEU B 136 -9.51 14.45 13.74
C LEU B 136 -10.22 15.55 14.51
N MET B 137 -10.86 15.21 15.63
CA MET B 137 -11.52 16.24 16.42
C MET B 137 -10.50 17.13 17.12
N VAL B 138 -9.34 16.56 17.50
CA VAL B 138 -8.26 17.38 18.04
C VAL B 138 -7.78 18.37 17.00
N ALA B 139 -7.57 17.90 15.77
CA ALA B 139 -7.15 18.79 14.71
C ALA B 139 -8.21 19.85 14.41
N LYS B 140 -9.49 19.51 14.56
CA LYS B 140 -10.54 20.48 14.24
C LYS B 140 -10.48 21.68 15.18
N HIS B 141 -10.18 21.45 16.45
CA HIS B 141 -10.30 22.47 17.49
C HIS B 141 -8.97 22.98 18.02
N LEU B 142 -7.86 22.29 17.75
CA LEU B 142 -6.58 22.75 18.32
C LEU B 142 -6.18 24.16 17.90
N PRO B 143 -6.57 24.69 16.72
CA PRO B 143 -6.14 26.07 16.38
C PRO B 143 -6.55 27.14 17.38
N LYS B 144 -7.63 26.95 18.13
CA LYS B 144 -7.98 27.94 19.13
C LYS B 144 -7.17 27.79 20.41
N TYR B 145 -6.42 26.70 20.57
CA TYR B 145 -5.68 26.43 21.79
C TYR B 145 -4.20 26.15 21.53
N MET B 146 -3.74 26.29 20.29
CA MET B 146 -2.36 26.07 19.88
C MET B 146 -1.98 27.08 18.82
N ASN B 147 -0.72 27.43 18.78
CA ASN B 147 -0.20 28.25 17.69
C ASN B 147 0.28 27.37 16.54
N LYS B 148 -0.20 27.65 15.32
CA LYS B 148 0.20 26.87 14.13
C LYS B 148 1.57 27.34 13.66
N CYS B 149 2.60 26.75 14.27
CA CYS B 149 3.99 27.08 14.03
C CYS B 149 4.85 25.81 14.13
N PRO B 150 6.02 25.83 13.49
CA PRO B 150 6.85 24.61 13.49
C PRO B 150 7.42 24.24 14.87
N GLN B 151 7.40 25.13 15.87
CA GLN B 151 7.85 24.74 17.20
C GLN B 151 6.83 23.89 17.96
N SER B 152 5.59 23.81 17.49
CA SER B 152 4.53 23.03 18.11
C SER B 152 4.30 21.74 17.32
N SER B 153 3.77 20.73 18.00
CA SER B 153 3.67 19.41 17.37
C SER B 153 2.44 18.65 17.83
N LEU B 154 1.92 17.83 16.92
CA LEU B 154 0.90 16.85 17.20
C LEU B 154 1.47 15.49 16.83
N THR B 155 1.49 14.55 17.77
CA THR B 155 2.05 13.23 17.52
C THR B 155 0.99 12.16 17.77
N LEU B 156 0.78 11.29 16.77
CA LEU B 156 -0.14 10.18 16.87
C LEU B 156 0.66 8.88 17.02
N THR B 157 -0.05 7.77 17.22
CA THR B 157 0.59 6.49 17.48
C THR B 157 0.07 5.43 16.53
N SER B 158 1.00 4.60 16.05
CA SER B 158 0.73 3.53 15.09
C SER B 158 1.40 2.31 15.68
N GLY B 159 1.70 1.33 14.84
CA GLY B 159 2.50 0.20 15.33
C GLY B 159 3.17 -0.53 14.20
N ALA B 160 4.12 -1.40 14.59
CA ALA B 160 4.77 -2.25 13.60
C ALA B 160 3.80 -3.24 12.95
N HIS B 161 2.71 -3.61 13.64
CA HIS B 161 1.76 -4.51 13.00
C HIS B 161 1.05 -3.86 11.81
N CYS B 162 1.28 -2.57 11.55
CA CYS B 162 0.80 -2.01 10.29
C CYS B 162 1.48 -2.68 9.10
N LEU B 163 2.75 -3.02 9.28
CA LEU B 163 3.54 -3.69 8.27
C LEU B 163 3.70 -5.17 8.47
N ARG B 164 3.67 -5.64 9.69
CA ARG B 164 3.77 -7.07 9.98
C ARG B 164 2.72 -7.43 10.94
N PRO B 165 1.54 -7.54 10.44
CA PRO B 165 0.37 -7.75 11.25
C PRO B 165 0.32 -9.02 12.05
N ASN B 166 -0.33 -8.93 13.18
CA ASN B 166 -0.57 -10.06 14.08
C ASN B 166 -1.79 -10.85 13.69
N PRO B 167 -1.80 -12.13 13.91
CA PRO B 167 -2.97 -12.89 13.44
C PRO B 167 -4.22 -12.60 14.27
N GLY B 168 -5.33 -12.41 13.57
CA GLY B 168 -6.59 -12.01 14.15
C GLY B 168 -6.71 -10.54 14.50
N TRP B 169 -5.70 -9.72 14.23
CA TRP B 169 -5.76 -8.29 14.48
C TRP B 169 -5.80 -7.45 13.19
N THR B 170 -6.40 -7.98 12.13
CA THR B 170 -6.40 -7.24 10.86
C THR B 170 -7.08 -5.88 10.99
N VAL B 171 -8.18 -5.82 11.75
CA VAL B 171 -8.91 -4.56 11.86
C VAL B 171 -8.05 -3.49 12.55
N ILE B 172 -7.29 -3.88 13.58
CA ILE B 172 -6.47 -2.89 14.27
C ILE B 172 -5.25 -2.51 13.41
N SER B 173 -4.70 -3.46 12.66
CA SER B 173 -3.63 -3.09 11.74
C SER B 173 -4.16 -2.13 10.68
N GLY B 174 -5.39 -2.38 10.20
CA GLY B 174 -6.03 -1.41 9.33
C GLY B 174 -6.06 -0.04 9.94
N TYR B 175 -6.48 0.06 11.20
CA TYR B 175 -6.56 1.39 11.82
C TYR B 175 -5.17 1.99 12.05
N CYS B 176 -4.14 1.17 12.18
CA CYS B 176 -2.79 1.71 12.33
C CYS B 176 -2.32 2.34 11.02
N GLY B 177 -2.63 1.72 9.89
CA GLY B 177 -2.36 2.35 8.60
C GLY B 177 -3.17 3.61 8.37
N ALA B 178 -4.38 3.66 8.92
CA ALA B 178 -5.18 4.88 8.79
C ALA B 178 -4.56 6.02 9.56
N VAL B 179 -4.03 5.75 10.75
CA VAL B 179 -3.42 6.82 11.54
C VAL B 179 -2.18 7.35 10.82
N GLU B 180 -1.39 6.47 10.20
CA GLU B 180 -0.17 6.90 9.50
C GLU B 180 -0.47 7.78 8.29
N ALA B 181 -1.44 7.39 7.45
CA ALA B 181 -1.82 8.24 6.32
C ALA B 181 -2.49 9.52 6.80
N MET B 182 -3.28 9.40 7.80
CA MET B 182 -3.97 10.52 8.31
C MET B 182 -3.05 11.55 8.83
N SER B 183 -1.98 11.15 9.49
CA SER B 183 -1.03 12.13 10.01
C SER B 183 -0.40 12.96 8.89
N ARG B 184 -0.11 12.36 7.75
CA ARG B 184 0.39 13.08 6.62
C ARG B 184 -0.64 14.11 6.15
N GLY B 185 -1.89 13.76 6.01
CA GLY B 185 -2.96 14.70 5.69
C GLY B 185 -3.05 15.85 6.67
N LEU B 186 -2.87 15.56 7.96
CA LEU B 186 -2.96 16.62 8.97
C LEU B 186 -1.72 17.50 8.96
N ALA B 187 -0.56 16.93 8.64
CA ALA B 187 0.64 17.76 8.49
C ALA B 187 0.45 18.80 7.41
N ILE B 188 -0.40 18.52 6.41
CA ILE B 188 -0.74 19.53 5.42
C ILE B 188 -1.86 20.42 5.92
N ASP B 189 -2.94 19.82 6.47
CA ASP B 189 -4.09 20.62 6.87
C ASP B 189 -3.70 21.63 7.93
N LEU B 190 -2.81 21.24 8.84
CA LEU B 190 -2.45 22.07 9.97
C LEU B 190 -1.11 22.77 9.81
N LYS B 191 -0.48 22.68 8.64
CA LYS B 191 0.81 23.32 8.42
C LYS B 191 0.75 24.79 8.84
N PRO B 192 1.84 25.35 9.38
CA PRO B 192 3.16 24.77 9.60
C PRO B 192 3.30 24.01 10.93
N LEU B 193 2.20 23.74 11.60
CA LEU B 193 2.28 22.83 12.73
C LEU B 193 2.77 21.49 12.23
N ARG B 194 3.51 20.79 13.08
CA ARG B 194 4.17 19.53 12.75
C ARG B 194 3.31 18.38 13.24
N VAL B 195 3.11 17.39 12.38
CA VAL B 195 2.32 16.22 12.72
C VAL B 195 3.14 14.99 12.35
N ASN B 196 3.26 14.06 13.29
CA ASN B 196 4.08 12.87 13.12
C ASN B 196 3.42 11.69 13.82
N VAL B 197 3.97 10.50 13.57
CA VAL B 197 3.48 9.25 14.17
C VAL B 197 4.67 8.50 14.74
N VAL B 198 4.44 7.84 15.87
CA VAL B 198 5.36 6.86 16.43
C VAL B 198 4.76 5.48 16.18
N ALA B 199 5.59 4.55 15.69
CA ALA B 199 5.17 3.19 15.39
C ALA B 199 5.97 2.23 16.27
N PRO B 200 5.48 1.92 17.47
CA PRO B 200 6.22 1.02 18.36
C PRO B 200 6.02 -0.45 18.00
N GLY B 201 6.96 -1.26 18.46
CA GLY B 201 6.92 -2.70 18.24
C GLY B 201 6.27 -3.46 19.39
N ALA B 202 7.03 -4.23 20.15
CA ALA B 202 6.48 -5.00 21.26
C ALA B 202 6.89 -4.30 22.55
N VAL B 203 5.92 -3.67 23.21
CA VAL B 203 6.13 -2.95 24.46
C VAL B 203 5.32 -3.63 25.55
N LEU B 204 6.00 -4.10 26.61
CA LEU B 204 5.39 -4.88 27.68
C LEU B 204 4.70 -3.94 28.67
N THR B 205 3.51 -3.48 28.29
CA THR B 205 2.66 -2.70 29.18
C THR B 205 1.68 -3.61 29.91
N GLU B 206 0.98 -3.05 30.89
CA GLU B 206 0.05 -3.85 31.66
C GLU B 206 -1.17 -4.24 30.84
N ALA B 207 -1.49 -3.47 29.80
CA ALA B 207 -2.55 -3.86 28.90
C ALA B 207 -2.18 -5.10 28.11
N VAL B 208 -0.93 -5.20 27.65
CA VAL B 208 -0.53 -6.36 26.85
C VAL B 208 -0.50 -7.62 27.71
N LYS B 209 -0.24 -7.49 29.01
CA LYS B 209 -0.30 -8.66 29.88
C LYS B 209 -1.74 -9.15 30.04
N ASP B 210 -2.72 -8.24 29.94
CA ASP B 210 -4.11 -8.63 30.10
C ASP B 210 -4.63 -9.37 28.86
N ILE B 211 -4.31 -8.85 27.67
CA ILE B 211 -4.68 -9.52 26.41
C ILE B 211 -4.06 -10.89 26.31
N LEU B 212 -2.82 -11.06 26.77
CA LEU B 212 -2.18 -12.34 26.53
C LEU B 212 -2.57 -13.37 27.57
N GLY B 213 -2.85 -12.96 28.80
CA GLY B 213 -3.24 -13.88 29.84
C GLY B 213 -2.16 -14.91 30.11
N ASP B 214 -2.51 -16.19 30.01
CA ASP B 214 -1.55 -17.27 30.31
C ASP B 214 -0.57 -17.53 29.18
N ALA B 215 -0.75 -16.88 28.03
CA ALA B 215 0.16 -17.01 26.92
C ALA B 215 1.22 -15.92 26.93
N TYR B 216 1.36 -15.21 28.05
CA TYR B 216 2.25 -14.06 28.14
C TYR B 216 3.71 -14.47 28.06
N ASP B 217 4.08 -15.58 28.72
CA ASP B 217 5.48 -15.97 28.72
C ASP B 217 5.88 -16.59 27.39
N ALA B 218 4.95 -17.23 26.70
CA ALA B 218 5.31 -17.78 25.40
C ALA B 218 5.34 -16.72 24.32
N ALA B 219 4.58 -15.64 24.50
CA ALA B 219 4.62 -14.57 23.51
C ALA B 219 5.81 -13.64 23.74
N VAL B 220 6.21 -13.43 25.00
CA VAL B 220 7.39 -12.62 25.26
C VAL B 220 8.64 -13.28 24.68
N GLU B 221 8.78 -14.56 24.85
CA GLU B 221 9.93 -15.19 24.36
C GLU B 221 10.00 -15.06 22.90
N MET B 222 8.88 -15.26 22.25
CA MET B 222 8.87 -15.18 20.81
C MET B 222 9.20 -13.80 20.31
N ALA B 223 8.73 -12.80 20.96
CA ALA B 223 9.00 -11.44 20.64
C ALA B 223 10.44 -11.18 20.82
N GLU B 224 10.99 -11.72 21.87
CA GLU B 224 12.37 -11.53 22.15
C GLU B 224 13.18 -12.14 21.10
N ALA B 225 12.85 -13.34 20.68
CA ALA B 225 13.58 -14.01 19.65
C ALA B 225 13.53 -13.38 18.29
N LYS B 226 12.40 -12.83 17.94
CA LYS B 226 12.20 -12.19 16.67
C LYS B 226 12.45 -10.72 16.70
N SER B 227 13.63 -10.37 17.11
CA SER B 227 14.09 -9.04 17.19
C SER B 227 15.61 -9.08 17.19
N THR B 228 16.22 -8.03 16.71
CA THR B 228 17.67 -7.99 16.70
C THR B 228 18.24 -7.62 18.07
N VAL B 229 17.56 -6.76 18.84
CA VAL B 229 18.03 -6.44 20.19
C VAL B 229 17.79 -7.56 21.18
N GLY B 230 17.02 -8.59 20.82
CA GLY B 230 16.70 -9.70 21.70
C GLY B 230 16.00 -9.26 22.95
N GLN B 231 15.12 -8.25 22.83
CA GLN B 231 14.46 -7.64 23.97
C GLN B 231 13.11 -7.13 23.51
N THR B 232 12.18 -7.01 24.47
CA THR B 232 11.00 -6.20 24.27
C THR B 232 11.30 -4.72 24.57
N GLY B 233 10.49 -3.86 24.15
CA GLY B 233 10.70 -2.43 24.34
C GLY B 233 10.18 -1.95 25.68
N SER B 234 10.97 -1.19 26.35
CA SER B 234 10.46 -0.61 27.58
C SER B 234 9.70 0.68 27.26
N PRO B 235 8.63 0.96 28.01
CA PRO B 235 7.90 2.23 27.79
C PRO B 235 8.79 3.43 27.94
N GLU B 236 9.89 3.33 28.68
CA GLU B 236 10.77 4.49 28.85
C GLU B 236 11.67 4.70 27.65
N SER B 237 11.94 3.65 26.87
CA SER B 237 12.68 3.84 25.62
C SER B 237 11.78 4.35 24.51
N VAL B 238 10.60 3.75 24.36
CA VAL B 238 9.69 4.20 23.32
C VAL B 238 9.28 5.64 23.57
N ALA B 239 9.22 6.05 24.84
CA ALA B 239 8.80 7.41 25.16
C ALA B 239 9.73 8.45 24.57
N GLN B 240 11.01 8.08 24.33
CA GLN B 240 11.96 9.02 23.77
C GLN B 240 11.65 9.36 22.32
N ALA B 241 10.94 8.48 21.61
CA ALA B 241 10.51 8.84 20.27
C ALA B 241 9.57 10.03 20.32
N TYR B 242 8.64 10.03 21.28
CA TYR B 242 7.73 11.15 21.43
C TYR B 242 8.46 12.43 21.84
N ILE B 243 9.45 12.32 22.73
CA ILE B 243 10.20 13.50 23.13
C ILE B 243 11.00 14.06 21.97
N TYR B 244 11.62 13.18 21.19
CA TYR B 244 12.37 13.61 20.02
C TYR B 244 11.50 14.46 19.10
N LEU B 245 10.28 14.00 18.83
CA LEU B 245 9.39 14.72 17.92
C LEU B 245 9.00 16.08 18.47
N MET B 246 8.99 16.25 19.79
CA MET B 246 8.71 17.57 20.36
C MET B 246 9.89 18.50 20.20
N LYS B 247 11.09 17.94 20.16
CA LYS B 247 12.30 18.75 20.15
C LYS B 247 12.82 19.04 18.75
N ASP B 248 12.56 18.17 17.78
CA ASP B 248 13.03 18.41 16.40
C ASP B 248 12.02 19.30 15.69
N HIS B 249 12.34 20.58 15.61
CA HIS B 249 11.46 21.53 14.95
C HIS B 249 11.49 21.39 13.43
N TYR B 250 12.12 20.34 12.90
CA TYR B 250 12.14 20.07 11.48
C TYR B 250 11.43 18.78 11.10
N ALA B 251 10.98 17.99 12.07
CA ALA B 251 10.34 16.72 11.79
C ALA B 251 8.84 16.94 11.59
N SER B 252 8.36 16.63 10.40
CA SER B 252 6.92 16.64 10.19
C SER B 252 6.60 15.70 9.03
N GLY B 253 5.45 15.05 9.12
CA GLY B 253 5.08 14.06 8.13
C GLY B 253 5.82 12.75 8.21
N SER B 254 6.47 12.46 9.33
CA SER B 254 7.29 11.26 9.43
C SER B 254 6.68 10.25 10.39
N VAL B 255 7.19 9.02 10.28
CA VAL B 255 6.93 7.91 11.16
C VAL B 255 8.25 7.59 11.85
N VAL B 256 8.25 7.63 13.19
CA VAL B 256 9.40 7.20 14.00
C VAL B 256 9.12 5.80 14.46
N SER B 257 9.83 4.82 13.91
CA SER B 257 9.63 3.41 14.22
C SER B 257 10.61 2.97 15.29
N THR B 258 10.10 2.48 16.41
CA THR B 258 10.95 1.94 17.49
C THR B 258 10.48 0.52 17.77
N ASN B 259 11.15 -0.47 17.17
CA ASN B 259 10.62 -1.84 17.15
C ASN B 259 11.68 -2.92 17.37
N GLY B 260 12.90 -2.55 17.78
CA GLY B 260 13.90 -3.55 18.13
C GLY B 260 14.42 -4.41 17.00
N GLY B 261 14.32 -3.95 15.75
CA GLY B 261 14.72 -4.75 14.60
C GLY B 261 13.75 -5.84 14.25
N MET B 262 12.57 -5.78 14.79
CA MET B 262 11.54 -6.76 14.57
C MET B 262 11.15 -6.89 13.13
N LEU B 263 11.22 -5.83 12.38
CA LEU B 263 10.88 -5.85 10.97
C LEU B 263 11.97 -6.45 10.08
N LEU B 264 13.08 -6.92 10.64
CA LEU B 264 14.18 -7.44 9.84
C LEU B 264 14.34 -8.94 9.92
N VAL B 265 13.60 -9.62 10.78
CA VAL B 265 13.64 -11.07 10.88
C VAL B 265 12.20 -11.58 10.81
N THR C 9 -4.87 -7.09 -30.98
CA THR C 9 -4.71 -5.88 -30.16
C THR C 9 -3.67 -6.10 -29.08
N ASP C 10 -2.46 -6.53 -29.40
CA ASP C 10 -1.42 -6.69 -28.39
C ASP C 10 -0.38 -5.61 -28.64
N GLN C 11 -0.01 -4.85 -27.61
CA GLN C 11 0.90 -3.76 -27.95
C GLN C 11 2.37 -4.13 -27.88
N LEU C 12 2.68 -5.32 -27.46
CA LEU C 12 4.07 -5.73 -27.41
C LEU C 12 4.43 -6.55 -28.67
N HIS C 13 3.53 -6.59 -29.64
CA HIS C 13 3.78 -7.37 -30.86
C HIS C 13 4.96 -6.81 -31.66
N GLY C 14 4.82 -5.62 -32.26
CA GLY C 14 5.91 -4.96 -33.00
C GLY C 14 7.13 -4.62 -32.16
N SER C 15 7.07 -4.96 -30.84
CA SER C 15 7.93 -4.44 -29.76
C SER C 15 9.35 -4.96 -29.81
N ARG C 16 10.27 -4.06 -29.56
CA ARG C 16 11.67 -4.43 -29.39
C ARG C 16 12.06 -4.36 -27.91
N VAL C 17 12.47 -5.49 -27.33
CA VAL C 17 12.78 -5.58 -25.90
C VAL C 17 14.22 -6.07 -25.72
N LEU C 18 15.00 -5.33 -24.94
CA LEU C 18 16.37 -5.73 -24.61
C LEU C 18 16.43 -6.23 -23.17
N VAL C 19 16.83 -7.48 -22.99
CA VAL C 19 16.90 -8.10 -21.67
C VAL C 19 18.38 -8.33 -21.34
N ILE C 20 18.92 -7.50 -20.46
CA ILE C 20 20.31 -7.62 -20.03
C ILE C 20 20.32 -8.57 -18.84
N GLY C 21 20.82 -9.78 -19.07
CA GLY C 21 20.70 -10.86 -18.13
C GLY C 21 19.63 -11.87 -18.47
N GLY C 22 19.36 -12.09 -19.76
CA GLY C 22 18.29 -12.96 -20.20
C GLY C 22 18.69 -14.37 -20.57
N THR C 23 19.92 -14.79 -20.25
CA THR C 23 20.33 -16.15 -20.61
C THR C 23 19.85 -17.18 -19.60
N SER C 24 19.54 -16.78 -18.37
CA SER C 24 19.13 -17.74 -17.36
C SER C 24 18.14 -17.08 -16.41
N GLY C 25 17.44 -17.93 -15.65
CA GLY C 25 16.69 -17.47 -14.50
C GLY C 25 15.54 -16.56 -14.88
N ILE C 26 15.42 -15.46 -14.12
CA ILE C 26 14.29 -14.56 -14.27
C ILE C 26 14.34 -13.87 -15.63
N GLY C 27 15.51 -13.34 -16.00
CA GLY C 27 15.63 -12.65 -17.28
C GLY C 27 15.25 -13.54 -18.44
N PHE C 28 15.63 -14.82 -18.40
CA PHE C 28 15.25 -15.72 -19.47
C PHE C 28 13.73 -15.86 -19.57
N ALA C 29 13.05 -15.96 -18.42
CA ALA C 29 11.58 -16.05 -18.45
C ALA C 29 10.94 -14.79 -19.01
N VAL C 30 11.59 -13.63 -18.82
CA VAL C 30 11.06 -12.40 -19.40
C VAL C 30 11.18 -12.44 -20.92
N CYS C 31 12.26 -13.02 -21.44
CA CYS C 31 12.40 -13.17 -22.88
C CYS C 31 11.35 -14.11 -23.43
N ALA C 32 11.10 -15.22 -22.73
CA ALA C 32 10.06 -16.16 -23.13
C ALA C 32 8.70 -15.50 -23.09
N ALA C 33 8.41 -14.79 -21.99
CA ALA C 33 7.13 -14.12 -21.87
C ALA C 33 6.96 -13.05 -22.93
N ALA C 34 8.00 -12.25 -23.18
CA ALA C 34 7.90 -11.23 -24.22
C ALA C 34 7.67 -11.85 -25.59
N LEU C 35 8.36 -12.95 -25.89
CA LEU C 35 8.16 -13.63 -27.17
C LEU C 35 6.74 -14.16 -27.29
N GLY C 36 6.15 -14.61 -26.18
CA GLY C 36 4.77 -15.07 -26.21
C GLY C 36 3.82 -13.99 -26.66
N HIS C 37 4.13 -12.73 -26.37
CA HIS C 37 3.36 -11.61 -26.89
C HIS C 37 3.83 -11.18 -28.27
N GLY C 38 4.77 -11.91 -28.86
CA GLY C 38 5.21 -11.62 -30.21
C GLY C 38 6.25 -10.53 -30.35
N ALA C 39 6.99 -10.22 -29.28
CA ALA C 39 7.95 -9.14 -29.34
C ALA C 39 9.25 -9.59 -30.03
N ILE C 40 10.09 -8.62 -30.37
CA ILE C 40 11.43 -8.88 -30.87
C ILE C 40 12.40 -8.66 -29.70
N VAL C 41 13.18 -9.68 -29.34
CA VAL C 41 13.93 -9.64 -28.10
C VAL C 41 15.43 -9.81 -28.38
N THR C 42 16.23 -8.99 -27.71
CA THR C 42 17.68 -9.06 -27.72
C THR C 42 18.13 -9.45 -26.33
N ILE C 43 19.08 -10.39 -26.26
CA ILE C 43 19.55 -11.00 -25.02
C ILE C 43 21.01 -10.63 -24.81
N VAL C 44 21.40 -10.40 -23.56
CA VAL C 44 22.78 -10.05 -23.21
C VAL C 44 23.24 -10.95 -22.07
N GLY C 45 24.46 -11.47 -22.19
CA GLY C 45 25.06 -12.28 -21.14
C GLY C 45 26.55 -12.36 -21.33
N SER C 46 27.22 -12.95 -20.34
CA SER C 46 28.67 -13.10 -20.37
C SER C 46 29.15 -14.44 -20.88
N ASN C 47 28.34 -15.49 -20.71
CA ASN C 47 28.78 -16.83 -21.06
C ASN C 47 28.44 -17.09 -22.52
N ALA C 48 29.41 -17.44 -23.33
CA ALA C 48 29.16 -17.72 -24.72
C ALA C 48 28.31 -18.93 -24.97
N GLN C 49 28.58 -19.97 -24.23
CA GLN C 49 27.90 -21.20 -24.38
C GLN C 49 26.49 -21.07 -23.98
N LYS C 50 26.26 -20.34 -22.90
CA LYS C 50 24.94 -20.11 -22.39
C LYS C 50 24.07 -19.32 -23.30
N LEU C 51 24.63 -18.38 -24.02
CA LEU C 51 23.84 -17.55 -24.92
C LEU C 51 23.20 -18.34 -26.06
N LYS C 52 23.96 -19.22 -26.71
CA LYS C 52 23.44 -19.95 -27.86
C LYS C 52 22.48 -21.05 -27.42
N ASP C 53 22.60 -21.51 -26.15
CA ASP C 53 21.61 -22.43 -25.62
C ASP C 53 20.31 -21.70 -25.31
N SER C 54 20.43 -20.50 -24.74
CA SER C 54 19.27 -19.64 -24.48
C SER C 54 18.42 -19.44 -25.72
N VAL C 55 19.04 -18.95 -26.81
CA VAL C 55 18.29 -18.69 -28.03
C VAL C 55 17.74 -19.98 -28.63
N ALA C 56 18.48 -21.08 -28.52
CA ALA C 56 18.00 -22.35 -29.08
C ALA C 56 16.77 -22.83 -28.32
N ARG C 57 16.69 -22.51 -27.03
CA ARG C 57 15.54 -22.91 -26.24
C ARG C 57 14.31 -22.09 -26.56
N LEU C 58 14.49 -20.85 -27.00
CA LEU C 58 13.36 -19.98 -27.33
C LEU C 58 12.89 -20.20 -28.77
N LYS C 59 13.81 -20.45 -29.69
CA LYS C 59 13.40 -20.70 -31.07
C LYS C 59 12.64 -22.02 -31.18
N SER C 60 12.99 -23.01 -30.36
CA SER C 60 12.22 -24.25 -30.36
C SER C 60 10.85 -24.09 -29.73
N SER C 61 10.76 -23.25 -28.70
CA SER C 61 9.48 -22.98 -28.07
C SER C 61 8.61 -22.01 -28.87
N PHE C 62 9.22 -21.23 -29.75
CA PHE C 62 8.50 -20.27 -30.59
C PHE C 62 8.98 -20.43 -32.03
N PRO C 63 8.67 -21.58 -32.66
CA PRO C 63 9.18 -21.81 -34.02
C PRO C 63 8.51 -20.98 -35.10
N SER C 64 7.24 -20.60 -34.93
CA SER C 64 6.61 -19.67 -35.86
C SER C 64 7.43 -18.40 -36.01
N THR C 65 8.00 -17.91 -34.91
CA THR C 65 8.68 -16.61 -34.91
C THR C 65 9.96 -16.69 -35.75
N ASP C 66 10.13 -15.62 -36.45
CA ASP C 66 11.26 -15.44 -37.22
C ASP C 66 12.32 -15.57 -36.15
N PRO C 67 13.33 -16.37 -36.44
CA PRO C 67 14.50 -16.62 -35.62
C PRO C 67 15.47 -15.44 -35.58
N ASP C 68 15.29 -14.45 -36.45
CA ASP C 68 16.03 -13.24 -36.48
C ASP C 68 15.45 -12.19 -35.55
N ASP C 69 14.36 -12.51 -34.86
CA ASP C 69 13.77 -11.62 -33.90
C ASP C 69 14.21 -12.08 -32.53
N ILE C 70 15.12 -13.02 -32.51
CA ILE C 70 15.74 -13.51 -31.28
C ILE C 70 17.25 -13.41 -31.51
N VAL C 71 17.90 -12.39 -30.93
CA VAL C 71 19.33 -12.16 -31.08
C VAL C 71 20.02 -12.12 -29.72
N ALA C 72 21.27 -12.50 -29.69
CA ALA C 72 22.03 -12.50 -28.46
C ALA C 72 23.40 -12.00 -28.65
N VAL C 73 23.91 -11.30 -27.67
CA VAL C 73 25.24 -10.80 -27.72
C VAL C 73 25.87 -11.01 -26.40
N ARG C 74 27.17 -11.18 -26.41
CA ARG C 74 27.89 -11.44 -25.22
C ARG C 74 28.68 -10.24 -24.82
N CYS C 75 28.54 -9.88 -23.55
CA CYS C 75 29.19 -8.76 -22.92
C CYS C 75 29.65 -9.11 -21.55
N ASP C 76 30.71 -8.49 -21.07
CA ASP C 76 31.14 -8.73 -19.71
C ASP C 76 30.84 -7.43 -19.06
N LEU C 77 29.77 -7.36 -18.31
CA LEU C 77 29.41 -6.09 -17.69
C LEU C 77 29.96 -5.89 -16.28
N SER C 78 30.77 -6.81 -15.78
CA SER C 78 31.46 -6.64 -14.50
C SER C 78 32.80 -5.97 -14.70
N ASN C 79 33.08 -5.56 -15.94
CA ASN C 79 34.42 -5.32 -16.48
C ASN C 79 34.54 -3.80 -16.75
N SER C 80 35.36 -3.11 -15.96
CA SER C 80 35.38 -1.64 -16.02
C SER C 80 35.86 -1.08 -17.36
N ASP C 81 36.83 -1.74 -18.05
CA ASP C 81 37.33 -1.21 -19.32
C ASP C 81 36.24 -1.20 -20.38
N THR C 82 35.31 -2.16 -20.33
CA THR C 82 34.46 -2.48 -21.47
C THR C 82 32.99 -2.27 -21.22
N VAL C 83 32.59 -2.01 -19.97
CA VAL C 83 31.17 -1.93 -19.63
C VAL C 83 30.45 -0.94 -20.55
N GLU C 84 30.95 0.25 -20.65
CA GLU C 84 30.32 1.26 -21.46
C GLU C 84 30.28 0.95 -22.94
N GLN C 85 31.33 0.39 -23.50
CA GLN C 85 31.31 -0.01 -24.89
C GLN C 85 30.39 -1.17 -25.15
N ASP C 86 30.41 -2.14 -24.26
CA ASP C 86 29.57 -3.27 -24.41
C ASP C 86 28.14 -2.82 -24.29
N ILE C 87 27.83 -1.92 -23.38
CA ILE C 87 26.46 -1.42 -23.28
C ILE C 87 26.05 -0.71 -24.56
N GLU C 88 26.91 0.20 -25.05
CA GLU C 88 26.59 0.89 -26.30
C GLU C 88 26.43 -0.10 -27.44
N LYS C 89 27.21 -1.18 -27.42
CA LYS C 89 27.12 -2.18 -28.47
C LYS C 89 25.78 -2.90 -28.44
N ALA C 90 25.32 -3.26 -27.23
CA ALA C 90 24.05 -3.97 -27.10
C ALA C 90 22.85 -3.08 -27.40
N LEU C 91 22.91 -1.79 -27.06
CA LEU C 91 21.82 -0.85 -27.35
C LEU C 91 21.70 -0.59 -28.84
N GLN C 92 22.84 -0.49 -29.50
CA GLN C 92 22.89 -0.27 -30.94
C GLN C 92 22.32 -1.47 -31.68
N LEU C 93 22.55 -2.69 -31.16
CA LEU C 93 22.09 -3.90 -31.83
C LEU C 93 20.60 -4.10 -31.65
N ALA C 94 20.09 -3.80 -30.45
CA ALA C 94 18.67 -3.97 -30.21
C ALA C 94 17.85 -2.91 -30.94
N ALA C 95 18.45 -1.77 -31.27
CA ALA C 95 17.70 -0.72 -31.94
C ALA C 95 17.60 -0.96 -33.45
N GLY C 96 18.66 -1.45 -34.07
CA GLY C 96 18.62 -1.62 -35.52
C GLY C 96 18.31 -0.30 -36.20
N ASN C 97 17.53 -0.37 -37.26
CA ASN C 97 17.04 0.82 -37.94
C ASN C 97 15.83 1.43 -37.26
N SER C 98 15.60 1.05 -36.01
CA SER C 98 14.43 1.47 -35.25
C SER C 98 14.91 1.86 -33.86
N LYS C 99 13.99 1.95 -32.92
CA LYS C 99 14.29 2.29 -31.54
C LYS C 99 13.89 1.13 -30.64
N ILE C 100 14.57 1.03 -29.48
CA ILE C 100 14.21 0.03 -28.48
C ILE C 100 12.95 0.49 -27.77
N ASN C 101 12.04 -0.44 -27.46
CA ASN C 101 10.82 -0.07 -26.76
C ASN C 101 10.92 -0.31 -25.27
N HIS C 102 11.57 -1.40 -24.84
CA HIS C 102 11.68 -1.76 -23.42
C HIS C 102 13.02 -2.38 -23.12
N ILE C 103 13.58 -2.03 -21.97
CA ILE C 103 14.84 -2.60 -21.49
C ILE C 103 14.57 -3.19 -20.13
N VAL C 104 15.07 -4.40 -19.92
CA VAL C 104 15.01 -5.11 -18.64
C VAL C 104 16.43 -5.46 -18.26
N ILE C 105 16.82 -5.19 -17.01
CA ILE C 105 18.16 -5.52 -16.53
C ILE C 105 18.04 -6.40 -15.30
N THR C 106 18.39 -7.68 -15.46
CA THR C 106 18.49 -8.61 -14.34
C THR C 106 19.94 -9.02 -14.07
N ALA C 107 20.90 -8.50 -14.83
CA ALA C 107 22.27 -8.97 -14.76
C ALA C 107 22.88 -8.72 -13.37
N ALA C 108 23.60 -9.72 -12.88
CA ALA C 108 24.26 -9.68 -11.57
C ALA C 108 25.23 -10.84 -11.49
N ASP C 109 26.26 -10.69 -10.64
CA ASP C 109 27.32 -11.68 -10.57
C ASP C 109 26.85 -12.95 -9.86
N MET C 110 26.06 -12.81 -8.80
CA MET C 110 25.57 -13.94 -8.01
C MET C 110 26.73 -14.82 -7.52
N THR C 111 27.56 -14.21 -6.68
CA THR C 111 28.63 -14.92 -5.96
C THR C 111 28.53 -14.58 -4.48
N ALA C 112 28.66 -15.60 -3.63
CA ALA C 112 28.57 -15.38 -2.20
C ALA C 112 29.64 -14.38 -1.74
N PRO C 113 29.28 -13.36 -0.97
CA PRO C 113 30.27 -12.38 -0.55
C PRO C 113 31.03 -12.88 0.67
N PRO C 114 32.15 -12.25 1.01
CA PRO C 114 32.89 -12.67 2.22
C PRO C 114 32.18 -12.27 3.49
N PRO C 115 32.48 -12.93 4.61
CA PRO C 115 31.95 -12.46 5.90
C PRO C 115 32.61 -11.13 6.24
N LEU C 116 32.14 -10.49 7.30
CA LEU C 116 32.54 -9.12 7.53
C LEU C 116 33.95 -9.00 8.11
N GLU C 117 34.54 -10.09 8.66
CA GLU C 117 35.90 -9.95 9.16
C GLU C 117 36.94 -10.02 8.05
N ASP C 118 36.55 -10.44 6.84
CA ASP C 118 37.47 -10.51 5.71
C ASP C 118 37.02 -9.59 4.59
N LEU C 119 36.14 -8.64 4.91
CA LEU C 119 35.66 -7.70 3.93
C LEU C 119 36.81 -6.89 3.37
N THR C 120 36.90 -6.85 2.06
CA THR C 120 37.96 -6.14 1.38
C THR C 120 37.38 -4.96 0.63
N VAL C 121 38.21 -3.94 0.44
CA VAL C 121 37.75 -2.77 -0.29
C VAL C 121 37.24 -3.16 -1.67
N ASP C 122 37.79 -4.23 -2.23
CA ASP C 122 37.40 -4.67 -3.55
C ASP C 122 36.10 -5.47 -3.55
N SER C 123 35.84 -6.22 -2.48
CA SER C 123 34.56 -6.93 -2.40
C SER C 123 33.38 -5.98 -2.23
N VAL C 124 33.61 -4.73 -1.79
CA VAL C 124 32.52 -3.77 -1.73
C VAL C 124 32.29 -3.14 -3.11
N GLN C 125 33.38 -2.80 -3.81
CA GLN C 125 33.23 -2.05 -5.05
C GLN C 125 33.02 -2.94 -6.27
N ARG C 126 33.57 -4.16 -6.29
CA ARG C 126 33.49 -4.96 -7.51
C ARG C 126 32.06 -5.35 -7.90
N PRO C 127 31.12 -5.63 -6.98
CA PRO C 127 29.72 -5.80 -7.41
C PRO C 127 29.11 -4.55 -8.00
N GLY C 128 29.63 -3.36 -7.65
CA GLY C 128 29.06 -2.13 -8.12
C GLY C 128 29.19 -1.88 -9.62
N ILE C 129 30.06 -2.62 -10.31
CA ILE C 129 30.23 -2.38 -11.74
C ILE C 129 29.00 -2.85 -12.50
N ILE C 130 28.59 -4.10 -12.29
CA ILE C 130 27.43 -4.59 -13.03
C ILE C 130 26.15 -4.05 -12.44
N ARG C 131 26.10 -3.82 -11.13
CA ARG C 131 24.84 -3.46 -10.48
C ARG C 131 24.54 -1.97 -10.56
N LEU C 132 25.56 -1.12 -10.54
CA LEU C 132 25.31 0.31 -10.59
C LEU C 132 25.80 0.95 -11.88
N VAL C 133 27.04 0.68 -12.29
CA VAL C 133 27.61 1.36 -13.44
C VAL C 133 26.91 0.94 -14.73
N ALA C 134 26.66 -0.36 -14.92
CA ALA C 134 26.06 -0.79 -16.18
C ALA C 134 24.69 -0.18 -16.41
N PRO C 135 23.75 -0.19 -15.45
CA PRO C 135 22.47 0.51 -15.70
C PRO C 135 22.65 2.00 -15.92
N LEU C 136 23.59 2.64 -15.22
CA LEU C 136 23.84 4.05 -15.46
C LEU C 136 24.43 4.26 -16.85
N MET C 137 25.20 3.29 -17.34
CA MET C 137 25.70 3.40 -18.69
C MET C 137 24.58 3.19 -19.71
N VAL C 138 23.59 2.37 -19.37
CA VAL C 138 22.41 2.25 -20.22
C VAL C 138 21.64 3.55 -20.25
N ALA C 139 21.46 4.17 -19.09
CA ALA C 139 20.74 5.46 -19.05
C ALA C 139 21.48 6.54 -19.83
N LYS C 140 22.82 6.51 -19.83
CA LYS C 140 23.60 7.53 -20.54
C LYS C 140 23.40 7.48 -22.04
N HIS C 141 23.32 6.27 -22.59
CA HIS C 141 23.37 6.07 -24.02
C HIS C 141 22.02 5.70 -24.62
N LEU C 142 21.05 5.31 -23.80
CA LEU C 142 19.76 4.91 -24.35
C LEU C 142 19.03 6.03 -25.09
N PRO C 143 19.17 7.32 -24.76
CA PRO C 143 18.42 8.34 -25.53
C PRO C 143 18.69 8.31 -27.02
N LYS C 144 19.86 7.82 -27.44
CA LYS C 144 20.18 7.71 -28.86
C LYS C 144 19.55 6.47 -29.50
N TYR C 145 18.97 5.56 -28.72
CA TYR C 145 18.42 4.32 -29.23
C TYR C 145 17.00 4.07 -28.75
N MET C 146 16.39 5.04 -28.08
CA MET C 146 15.03 4.93 -27.58
C MET C 146 14.35 6.28 -27.69
N ASN C 147 13.03 6.26 -27.86
CA ASN C 147 12.25 7.47 -27.76
C ASN C 147 11.87 7.67 -26.30
N LYS C 148 12.18 8.85 -25.76
CA LYS C 148 11.84 9.16 -24.37
C LYS C 148 10.36 9.51 -24.36
N CYS C 149 9.54 8.48 -24.22
CA CYS C 149 8.10 8.63 -24.23
C CYS C 149 7.47 7.61 -23.22
N PRO C 150 6.28 7.92 -22.74
CA PRO C 150 5.72 7.01 -21.70
C PRO C 150 5.38 5.63 -22.21
N GLN C 151 5.33 5.41 -23.52
CA GLN C 151 5.15 4.03 -24.00
C GLN C 151 6.41 3.17 -23.88
N SER C 152 7.56 3.77 -23.57
CA SER C 152 8.80 3.01 -23.42
C SER C 152 9.18 2.89 -21.94
N SER C 153 9.97 1.85 -21.62
CA SER C 153 10.28 1.59 -20.21
C SER C 153 11.68 1.03 -20.04
N LEU C 154 12.25 1.36 -18.89
CA LEU C 154 13.47 0.78 -18.35
C LEU C 154 13.13 0.18 -16.99
N THR C 155 13.40 -1.11 -16.82
CA THR C 155 13.09 -1.81 -15.58
C THR C 155 14.34 -2.45 -15.00
N LEU C 156 14.65 -2.12 -13.76
CA LEU C 156 15.81 -2.64 -13.06
C LEU C 156 15.36 -3.72 -12.09
N THR C 157 16.31 -4.40 -11.45
CA THR C 157 15.97 -5.51 -10.58
C THR C 157 16.61 -5.31 -9.20
N SER C 158 15.82 -5.60 -8.17
CA SER C 158 16.16 -5.37 -6.77
C SER C 158 15.84 -6.69 -6.07
N GLY C 159 15.61 -6.63 -4.76
CA GLY C 159 15.09 -7.82 -4.10
C GLY C 159 14.42 -7.51 -2.79
N ALA C 160 13.65 -8.48 -2.30
CA ALA C 160 13.04 -8.31 -0.99
C ALA C 160 14.09 -8.22 0.12
N HIS C 161 15.30 -8.75 -0.09
CA HIS C 161 16.35 -8.64 0.93
C HIS C 161 16.82 -7.22 1.13
N CYS C 162 16.41 -6.28 0.28
CA CYS C 162 16.65 -4.87 0.54
C CYS C 162 16.01 -4.46 1.85
N LEU C 163 14.88 -5.07 2.20
CA LEU C 163 14.18 -4.75 3.44
C LEU C 163 14.29 -5.83 4.52
N ARG C 164 14.47 -7.11 4.13
CA ARG C 164 14.77 -8.19 5.08
C ARG C 164 16.08 -8.84 4.64
N PRO C 165 17.21 -8.27 5.02
CA PRO C 165 18.50 -8.76 4.52
C PRO C 165 18.80 -10.20 4.94
N ASN C 166 19.54 -10.93 4.07
CA ASN C 166 19.99 -12.29 4.33
C ASN C 166 21.44 -12.33 4.79
N PRO C 167 21.69 -12.80 6.01
CA PRO C 167 23.09 -12.83 6.50
C PRO C 167 23.92 -13.89 5.78
N GLY C 168 25.19 -13.57 5.52
CA GLY C 168 25.73 -12.23 5.57
C GLY C 168 25.82 -11.58 4.20
N TRP C 169 24.69 -11.14 3.61
CA TRP C 169 24.71 -10.51 2.30
C TRP C 169 24.50 -9.01 2.38
N THR C 170 25.01 -8.38 3.45
CA THR C 170 24.75 -6.95 3.67
C THR C 170 25.19 -6.10 2.47
N VAL C 171 26.33 -6.43 1.84
CA VAL C 171 26.78 -5.64 0.70
C VAL C 171 25.81 -5.76 -0.47
N ILE C 172 25.30 -6.97 -0.73
CA ILE C 172 24.40 -7.13 -1.86
C ILE C 172 23.08 -6.44 -1.58
N SER C 173 22.65 -6.42 -0.31
CA SER C 173 21.46 -5.66 0.05
C SER C 173 21.69 -4.17 -0.16
N GLY C 174 22.89 -3.69 0.19
CA GLY C 174 23.21 -2.30 -0.09
C GLY C 174 23.02 -1.94 -1.56
N TYR C 175 23.53 -2.79 -2.45
CA TYR C 175 23.38 -2.48 -3.87
C TYR C 175 21.94 -2.62 -4.33
N CYS C 176 21.15 -3.49 -3.69
CA CYS C 176 19.73 -3.54 -4.06
C CYS C 176 19.03 -2.26 -3.62
N GLY C 177 19.38 -1.74 -2.44
CA GLY C 177 18.86 -0.46 -2.02
C GLY C 177 19.31 0.69 -2.90
N ALA C 178 20.51 0.59 -3.48
CA ALA C 178 20.97 1.63 -4.40
C ALA C 178 20.17 1.59 -5.69
N VAL C 179 19.85 0.40 -6.19
CA VAL C 179 19.13 0.25 -7.44
C VAL C 179 17.73 0.85 -7.31
N GLU C 180 17.09 0.68 -6.14
CA GLU C 180 15.76 1.25 -5.94
C GLU C 180 15.80 2.77 -5.94
N ALA C 181 16.76 3.37 -5.24
CA ALA C 181 16.87 4.82 -5.28
C ALA C 181 17.33 5.31 -6.66
N MET C 182 18.21 4.56 -7.32
CA MET C 182 18.66 4.95 -8.65
C MET C 182 17.54 4.96 -9.68
N SER C 183 16.63 3.99 -9.60
CA SER C 183 15.49 4.00 -10.53
C SER C 183 14.65 5.26 -10.40
N ARG C 184 14.43 5.74 -9.18
CA ARG C 184 13.63 6.95 -8.99
C ARG C 184 14.33 8.16 -9.59
N GLY C 185 15.64 8.28 -9.38
CA GLY C 185 16.39 9.37 -10.02
C GLY C 185 16.35 9.32 -11.53
N LEU C 186 16.42 8.12 -12.11
CA LEU C 186 16.39 7.94 -13.56
C LEU C 186 15.00 8.16 -14.13
N ALA C 187 13.96 7.90 -13.34
CA ALA C 187 12.60 8.26 -13.75
C ALA C 187 12.48 9.77 -13.92
N ILE C 188 13.26 10.53 -13.16
CA ILE C 188 13.33 11.97 -13.36
C ILE C 188 14.30 12.32 -14.49
N ASP C 189 15.50 11.74 -14.48
CA ASP C 189 16.49 12.12 -15.49
C ASP C 189 16.01 11.83 -16.91
N LEU C 190 15.29 10.72 -17.09
CA LEU C 190 14.89 10.27 -18.42
C LEU C 190 13.42 10.56 -18.74
N LYS C 191 12.73 11.35 -17.90
CA LYS C 191 11.34 11.68 -18.16
C LYS C 191 11.18 12.22 -19.59
N PRO C 192 10.07 11.89 -20.29
CA PRO C 192 8.94 11.10 -19.79
C PRO C 192 9.09 9.59 -19.97
N LEU C 193 10.28 9.10 -20.29
CA LEU C 193 10.50 7.67 -20.29
C LEU C 193 10.24 7.11 -18.91
N ARG C 194 9.79 5.85 -18.84
CA ARG C 194 9.38 5.24 -17.58
C ARG C 194 10.47 4.34 -17.02
N VAL C 195 10.77 4.50 -15.73
CA VAL C 195 11.77 3.68 -15.06
C VAL C 195 11.16 3.11 -13.78
N ASN C 196 11.27 1.79 -13.62
CA ASN C 196 10.69 1.04 -12.51
C ASN C 196 11.65 -0.06 -12.08
N VAL C 197 11.30 -0.74 -10.97
CA VAL C 197 12.09 -1.82 -10.39
C VAL C 197 11.19 -3.01 -10.07
N VAL C 198 11.67 -4.21 -10.33
CA VAL C 198 11.03 -5.42 -9.83
C VAL C 198 11.85 -5.96 -8.65
N ALA C 199 11.17 -6.27 -7.55
CA ALA C 199 11.83 -6.77 -6.34
C ALA C 199 11.32 -8.17 -6.04
N PRO C 200 11.96 -9.20 -6.57
CA PRO C 200 11.51 -10.57 -6.34
C PRO C 200 11.95 -11.09 -4.97
N GLY C 201 11.25 -12.12 -4.51
CA GLY C 201 11.53 -12.75 -3.23
C GLY C 201 12.46 -13.93 -3.40
N ALA C 202 11.96 -15.14 -3.22
CA ALA C 202 12.75 -16.36 -3.37
C ALA C 202 12.32 -17.06 -4.66
N VAL C 203 13.21 -17.05 -5.65
CA VAL C 203 12.96 -17.68 -6.95
C VAL C 203 14.04 -18.74 -7.17
N LEU C 204 13.61 -19.98 -7.37
CA LEU C 204 14.53 -21.12 -7.51
C LEU C 204 15.09 -21.15 -8.93
N THR C 205 16.11 -20.34 -9.16
CA THR C 205 16.86 -20.37 -10.41
C THR C 205 18.03 -21.33 -10.27
N GLU C 206 18.66 -21.69 -11.40
CA GLU C 206 19.71 -22.70 -11.30
C GLU C 206 20.94 -22.09 -10.66
N ALA C 207 21.07 -20.77 -10.72
CA ALA C 207 22.14 -20.06 -10.05
C ALA C 207 22.02 -20.16 -8.54
N VAL C 208 20.79 -20.14 -8.02
CA VAL C 208 20.60 -20.18 -6.58
C VAL C 208 21.04 -21.53 -6.01
N LYS C 209 20.94 -22.60 -6.80
CA LYS C 209 21.52 -23.87 -6.35
C LYS C 209 23.03 -23.81 -6.33
N ASP C 210 23.63 -23.00 -7.19
CA ASP C 210 25.08 -22.90 -7.23
C ASP C 210 25.60 -22.15 -6.01
N ILE C 211 24.93 -21.09 -5.61
CA ILE C 211 25.36 -20.31 -4.45
C ILE C 211 25.36 -21.17 -3.18
N LEU C 212 24.28 -21.91 -2.96
CA LEU C 212 24.08 -22.65 -1.72
C LEU C 212 24.66 -24.06 -1.76
N GLY C 213 24.76 -24.64 -2.94
CA GLY C 213 25.35 -25.98 -3.07
C GLY C 213 24.53 -27.01 -2.32
N ASP C 214 25.16 -27.64 -1.34
CA ASP C 214 24.55 -28.73 -0.58
C ASP C 214 23.58 -28.26 0.50
N ALA C 215 23.47 -26.95 0.73
CA ALA C 215 22.51 -26.40 1.68
C ALA C 215 21.21 -25.99 1.00
N TYR C 216 20.99 -26.46 -0.24
CA TYR C 216 19.85 -26.01 -1.03
C TYR C 216 18.51 -26.49 -0.47
N ASP C 217 18.45 -27.73 0.02
CA ASP C 217 17.17 -28.28 0.46
C ASP C 217 16.72 -27.76 1.82
N ALA C 218 17.66 -27.34 2.67
CA ALA C 218 17.25 -26.79 3.96
C ALA C 218 16.80 -25.35 3.84
N ALA C 219 17.30 -24.63 2.83
CA ALA C 219 16.92 -23.24 2.63
C ALA C 219 15.64 -23.07 1.83
N VAL C 220 15.39 -23.97 0.87
CA VAL C 220 14.20 -23.88 0.04
C VAL C 220 12.94 -23.99 0.87
N GLU C 221 12.86 -25.04 1.67
CA GLU C 221 11.66 -25.37 2.41
C GLU C 221 11.47 -24.40 3.58
N MET C 222 12.58 -23.80 4.04
CA MET C 222 12.53 -22.68 4.98
C MET C 222 12.06 -21.43 4.27
N ALA C 223 12.40 -21.27 3.00
CA ALA C 223 11.84 -20.18 2.22
C ALA C 223 10.36 -20.42 1.95
N GLU C 224 10.00 -21.68 1.62
CA GLU C 224 8.61 -22.05 1.44
C GLU C 224 7.80 -21.91 2.71
N ALA C 225 8.40 -22.18 3.87
CA ALA C 225 7.65 -22.11 5.12
C ALA C 225 7.44 -20.67 5.58
N LYS C 226 8.41 -19.81 5.34
CA LYS C 226 8.25 -18.40 5.76
C LYS C 226 7.76 -17.52 4.62
N SER C 227 6.56 -17.85 4.15
CA SER C 227 5.87 -17.12 3.10
C SER C 227 4.39 -17.40 3.27
N THR C 228 3.56 -16.46 2.87
CA THR C 228 2.13 -16.66 2.92
C THR C 228 1.67 -17.66 1.91
N VAL C 229 2.27 -17.67 0.74
CA VAL C 229 1.90 -18.65 -0.27
C VAL C 229 2.36 -20.05 0.00
N GLY C 230 3.36 -20.20 0.86
CA GLY C 230 3.91 -21.48 1.20
C GLY C 230 4.56 -22.17 0.06
N GLN C 231 5.18 -21.40 -0.81
CA GLN C 231 5.78 -21.89 -2.00
C GLN C 231 6.90 -21.03 -2.41
N THR C 232 7.83 -21.59 -3.12
CA THR C 232 8.83 -20.69 -3.67
C THR C 232 8.30 -20.07 -4.96
N GLY C 233 8.97 -18.99 -5.41
CA GLY C 233 8.52 -18.27 -6.60
C GLY C 233 9.05 -18.90 -7.88
N SER C 234 8.16 -19.07 -8.87
CA SER C 234 8.55 -19.58 -10.18
C SER C 234 9.01 -18.45 -11.08
N PRO C 235 10.03 -18.68 -11.92
CA PRO C 235 10.43 -17.62 -12.86
C PRO C 235 9.28 -17.24 -13.79
N GLU C 236 8.28 -18.14 -14.04
CA GLU C 236 7.06 -17.74 -14.75
C GLU C 236 6.39 -16.53 -14.13
N SER C 237 6.23 -16.59 -12.81
CA SER C 237 5.29 -15.70 -12.18
C SER C 237 5.92 -14.33 -12.01
N VAL C 238 7.16 -14.31 -11.52
CA VAL C 238 7.85 -13.04 -11.34
C VAL C 238 8.09 -12.38 -12.69
N ALA C 239 8.20 -13.14 -13.78
CA ALA C 239 8.38 -12.50 -15.08
C ALA C 239 7.18 -11.64 -15.46
N GLN C 240 5.99 -11.96 -14.92
CA GLN C 240 4.82 -11.17 -15.27
C GLN C 240 4.90 -9.76 -14.69
N ALA C 241 5.70 -9.56 -13.65
CA ALA C 241 5.93 -8.21 -13.12
C ALA C 241 6.64 -7.33 -14.13
N TYR C 242 7.63 -7.88 -14.84
CA TYR C 242 8.29 -7.10 -15.89
C TYR C 242 7.34 -6.84 -17.05
N ILE C 243 6.54 -7.84 -17.43
CA ILE C 243 5.59 -7.63 -18.53
C ILE C 243 4.61 -6.53 -18.18
N TYR C 244 4.11 -6.54 -16.93
CA TYR C 244 3.16 -5.51 -16.47
C TYR C 244 3.73 -4.10 -16.64
N LEU C 245 5.00 -3.91 -16.23
CA LEU C 245 5.62 -2.59 -16.31
C LEU C 245 5.79 -2.13 -17.74
N MET C 246 5.93 -3.09 -18.68
CA MET C 246 6.00 -2.74 -20.09
C MET C 246 4.64 -2.33 -20.64
N LYS C 247 3.56 -2.85 -20.09
CA LYS C 247 2.24 -2.60 -20.66
C LYS C 247 1.53 -1.44 -19.99
N ASP C 248 1.86 -1.14 -18.73
CA ASP C 248 1.25 -0.02 -18.00
C ASP C 248 2.00 1.26 -18.28
N HIS C 249 1.44 2.10 -19.15
CA HIS C 249 2.04 3.36 -19.59
C HIS C 249 1.98 4.46 -18.55
N TYR C 250 1.47 4.16 -17.37
CA TYR C 250 1.37 5.14 -16.31
C TYR C 250 2.26 4.80 -15.13
N ALA C 251 2.94 3.66 -15.16
CA ALA C 251 3.78 3.21 -14.06
C ALA C 251 5.18 3.78 -14.26
N SER C 252 5.60 4.64 -13.34
CA SER C 252 6.98 5.10 -13.35
C SER C 252 7.37 5.48 -11.93
N GLY C 253 8.64 5.28 -11.61
CA GLY C 253 9.11 5.56 -10.27
C GLY C 253 8.71 4.54 -9.23
N SER C 254 8.30 3.35 -9.63
CA SER C 254 7.69 2.41 -8.71
C SER C 254 8.51 1.13 -8.52
N VAL C 255 8.20 0.41 -7.44
CA VAL C 255 8.75 -0.91 -7.15
C VAL C 255 7.61 -1.92 -7.20
N VAL C 256 7.75 -2.94 -8.04
CA VAL C 256 6.83 -4.08 -8.06
C VAL C 256 7.47 -5.18 -7.23
N SER C 257 6.92 -5.45 -6.04
CA SER C 257 7.47 -6.46 -5.15
C SER C 257 6.69 -7.74 -5.38
N THR C 258 7.37 -8.79 -5.82
CA THR C 258 6.74 -10.10 -6.00
C THR C 258 7.52 -11.06 -5.12
N ASN C 259 6.96 -11.32 -3.93
CA ASN C 259 7.74 -12.01 -2.91
C ASN C 259 6.94 -13.04 -2.11
N GLY C 260 5.78 -13.38 -2.56
CA GLY C 260 5.02 -14.40 -1.91
C GLY C 260 4.69 -14.20 -0.47
N GLY C 261 4.54 -12.99 -0.04
CA GLY C 261 4.21 -12.72 1.33
C GLY C 261 5.34 -12.88 2.33
N MET C 262 6.53 -13.01 1.83
CA MET C 262 7.66 -13.19 2.69
C MET C 262 7.97 -12.06 3.61
N LEU C 263 7.58 -10.83 3.36
CA LEU C 263 7.77 -9.77 4.27
C LEU C 263 6.65 -9.77 5.27
N LEU C 264 5.72 -10.69 5.13
CA LEU C 264 4.57 -10.84 6.00
C LEU C 264 4.70 -11.99 6.99
N VAL C 265 5.77 -12.73 6.98
CA VAL C 265 5.88 -13.76 8.00
C VAL C 265 7.21 -13.65 8.68
N THR D 9 21.09 11.63 36.59
CA THR D 9 21.58 10.44 35.92
C THR D 9 21.21 10.46 34.44
N ASP D 10 22.18 10.75 33.58
CA ASP D 10 22.00 10.72 32.14
C ASP D 10 22.82 9.59 31.54
N GLN D 11 22.19 8.78 30.69
CA GLN D 11 22.88 7.63 30.12
C GLN D 11 23.99 8.05 29.17
N LEU D 12 24.03 9.32 28.74
CA LEU D 12 25.05 9.82 27.85
C LEU D 12 26.13 10.62 28.58
N HIS D 13 26.08 10.67 29.91
CA HIS D 13 27.09 11.41 30.65
C HIS D 13 28.46 10.77 30.46
N GLY D 14 28.64 9.54 30.93
CA GLY D 14 29.94 8.94 30.77
C GLY D 14 30.24 8.39 29.39
N SER D 15 29.30 8.51 28.45
CA SER D 15 29.37 7.73 27.23
C SER D 15 30.37 8.34 26.26
N ARG D 16 31.06 7.47 25.55
CA ARG D 16 32.02 7.80 24.51
C ARG D 16 31.32 7.79 23.17
N VAL D 17 31.41 8.91 22.47
CA VAL D 17 30.73 9.12 21.20
C VAL D 17 31.75 9.44 20.13
N LEU D 18 31.73 8.69 19.05
CA LEU D 18 32.59 8.92 17.89
C LEU D 18 31.75 9.52 16.77
N VAL D 19 32.12 10.71 16.32
CA VAL D 19 31.38 11.36 15.25
C VAL D 19 32.30 11.43 14.04
N ILE D 20 32.03 10.56 13.07
CA ILE D 20 32.81 10.52 11.84
C ILE D 20 32.17 11.51 10.89
N GLY D 21 32.84 12.64 10.66
CA GLY D 21 32.27 13.76 9.96
C GLY D 21 31.80 14.89 10.86
N GLY D 22 32.42 15.09 12.02
CA GLY D 22 31.93 16.05 12.97
C GLY D 22 32.58 17.41 12.94
N THR D 23 33.34 17.74 11.89
CA THR D 23 33.99 19.04 11.85
C THR D 23 33.05 20.16 11.43
N SER D 24 31.97 19.86 10.69
CA SER D 24 31.09 20.93 10.25
C SER D 24 29.65 20.43 10.15
N GLY D 25 28.72 21.39 10.11
CA GLY D 25 27.36 21.07 9.71
C GLY D 25 26.64 20.19 10.71
N ILE D 26 26.01 19.13 10.19
CA ILE D 26 25.18 18.25 11.02
C ILE D 26 26.05 17.52 12.05
N GLY D 27 27.17 16.96 11.62
CA GLY D 27 28.02 16.23 12.55
C GLY D 27 28.50 17.10 13.69
N PHE D 28 28.85 18.35 13.39
CA PHE D 28 29.29 19.28 14.45
C PHE D 28 28.18 19.54 15.45
N ALA D 29 26.94 19.72 14.97
CA ALA D 29 25.81 19.94 15.87
C ALA D 29 25.56 18.72 16.74
N VAL D 30 25.85 17.53 16.23
CA VAL D 30 25.69 16.31 17.02
C VAL D 30 26.72 16.26 18.15
N CYS D 31 27.94 16.76 17.90
CA CYS D 31 28.95 16.85 18.95
C CYS D 31 28.53 17.84 20.02
N ALA D 32 28.02 18.99 19.61
CA ALA D 32 27.58 19.99 20.59
C ALA D 32 26.47 19.42 21.45
N ALA D 33 25.50 18.76 20.81
CA ALA D 33 24.40 18.15 21.57
C ALA D 33 24.91 17.07 22.51
N ALA D 34 25.83 16.21 22.04
CA ALA D 34 26.37 15.15 22.89
C ALA D 34 27.14 15.71 24.07
N LEU D 35 27.91 16.79 23.85
CA LEU D 35 28.61 17.45 24.95
C LEU D 35 27.63 18.09 25.91
N GLY D 36 26.51 18.61 25.39
CA GLY D 36 25.51 19.18 26.26
C GLY D 36 24.96 18.18 27.26
N HIS D 37 24.92 16.90 26.88
CA HIS D 37 24.59 15.81 27.79
C HIS D 37 25.81 15.30 28.55
N GLY D 38 26.96 15.95 28.38
CA GLY D 38 28.14 15.58 29.13
C GLY D 38 28.92 14.42 28.59
N ALA D 39 28.78 14.10 27.31
CA ALA D 39 29.46 12.94 26.74
C ALA D 39 30.93 13.26 26.46
N ILE D 40 31.70 12.20 26.21
CA ILE D 40 33.07 12.30 25.76
C ILE D 40 33.07 12.07 24.25
N VAL D 41 33.55 13.04 23.49
CA VAL D 41 33.35 13.07 22.04
C VAL D 41 34.70 13.00 21.34
N THR D 42 34.74 12.16 20.29
CA THR D 42 35.87 12.06 19.39
C THR D 42 35.40 12.45 17.99
N ILE D 43 36.13 13.33 17.34
CA ILE D 43 35.74 13.92 16.07
C ILE D 43 36.70 13.46 14.98
N VAL D 44 36.15 13.21 13.78
CA VAL D 44 36.92 12.75 12.63
C VAL D 44 36.60 13.63 11.44
N GLY D 45 37.64 14.04 10.70
CA GLY D 45 37.53 14.82 9.48
C GLY D 45 38.84 14.77 8.69
N SER D 46 38.79 15.30 7.48
CA SER D 46 39.96 15.33 6.60
C SER D 46 40.73 16.64 6.64
N ASN D 47 40.09 17.76 7.00
CA ASN D 47 40.73 19.06 6.96
C ASN D 47 41.43 19.28 8.29
N ALA D 48 42.77 19.39 8.25
CA ALA D 48 43.50 19.51 9.50
C ALA D 48 43.10 20.75 10.28
N GLN D 49 42.81 21.86 9.62
CA GLN D 49 42.56 23.00 10.47
C GLN D 49 41.07 23.20 10.73
N LYS D 50 40.18 22.65 9.88
CA LYS D 50 38.81 22.59 10.35
C LYS D 50 38.76 21.82 11.65
N LEU D 51 39.66 20.83 11.81
CA LEU D 51 39.68 20.03 13.03
C LEU D 51 40.00 20.85 14.27
N LYS D 52 41.05 21.68 14.23
CA LYS D 52 41.43 22.40 15.43
C LYS D 52 40.50 23.57 15.73
N ASP D 53 39.84 24.11 14.71
CA ASP D 53 38.86 25.17 14.94
C ASP D 53 37.55 24.62 15.50
N SER D 54 37.07 23.50 14.94
CA SER D 54 35.91 22.82 15.52
C SER D 54 36.14 22.52 17.00
N VAL D 55 37.26 21.89 17.33
CA VAL D 55 37.55 21.53 18.71
C VAL D 55 37.64 22.75 19.60
N ALA D 56 38.21 23.84 19.09
CA ALA D 56 38.34 25.05 19.91
C ALA D 56 36.99 25.69 20.19
N ARG D 57 36.05 25.62 19.25
CA ARG D 57 34.74 26.25 19.45
C ARG D 57 33.87 25.44 20.40
N LEU D 58 34.12 24.13 20.53
CA LEU D 58 33.35 23.33 21.49
C LEU D 58 33.91 23.46 22.89
N LYS D 59 35.24 23.58 23.01
CA LYS D 59 35.81 23.78 24.34
C LYS D 59 35.41 25.14 24.90
N SER D 60 35.28 26.15 24.03
CA SER D 60 34.90 27.48 24.48
C SER D 60 33.42 27.54 24.89
N SER D 61 32.55 26.80 24.18
CA SER D 61 31.14 26.76 24.52
C SER D 61 30.85 25.88 25.72
N PHE D 62 31.74 24.93 26.03
CA PHE D 62 31.56 24.03 27.17
C PHE D 62 32.83 24.02 27.99
N PRO D 63 33.19 25.12 28.65
CA PRO D 63 34.39 25.13 29.48
C PRO D 63 34.24 24.28 30.72
N SER D 64 32.99 23.99 31.15
CA SER D 64 32.80 23.01 32.20
C SER D 64 33.56 21.71 31.98
N THR D 65 33.51 21.16 30.77
CA THR D 65 34.09 19.85 30.49
C THR D 65 35.62 19.88 30.39
N ASP D 66 36.19 18.80 30.81
CA ASP D 66 37.59 18.62 30.72
C ASP D 66 37.93 18.70 29.26
N PRO D 67 39.09 19.26 28.96
CA PRO D 67 39.56 19.37 27.60
C PRO D 67 40.05 18.10 26.99
N ASP D 68 40.27 17.04 27.76
CA ASP D 68 40.66 15.78 27.19
C ASP D 68 39.48 14.91 26.78
N ASP D 69 38.28 15.42 26.88
CA ASP D 69 37.11 14.79 26.45
C ASP D 69 36.68 15.30 25.09
N ILE D 70 37.43 16.19 24.46
CA ILE D 70 37.09 16.62 23.10
C ILE D 70 38.36 16.36 22.31
N VAL D 71 38.36 15.30 21.51
CA VAL D 71 39.55 14.90 20.76
C VAL D 71 39.19 14.79 19.28
N ALA D 72 40.20 15.03 18.44
CA ALA D 72 40.01 15.05 16.99
C ALA D 72 41.12 14.28 16.31
N VAL D 73 40.79 13.64 15.18
CA VAL D 73 41.76 12.89 14.38
C VAL D 73 41.53 13.23 12.91
N ARG D 74 42.58 13.25 12.11
CA ARG D 74 42.44 13.55 10.70
C ARG D 74 42.54 12.30 9.92
N CYS D 75 41.58 12.08 9.06
CA CYS D 75 41.48 10.91 8.21
C CYS D 75 40.96 11.34 6.85
N ASP D 76 41.53 10.77 5.79
CA ASP D 76 40.97 10.91 4.45
C ASP D 76 40.19 9.63 4.13
N LEU D 77 38.87 9.66 4.32
CA LEU D 77 38.07 8.48 4.11
C LEU D 77 37.61 8.30 2.67
N SER D 78 38.06 9.16 1.76
CA SER D 78 37.81 9.00 0.33
C SER D 78 38.94 8.24 -0.37
N ASN D 79 39.94 7.78 0.37
CA ASN D 79 41.12 7.13 -0.19
C ASN D 79 41.11 5.66 0.19
N SER D 80 40.95 4.78 -0.80
CA SER D 80 40.81 3.36 -0.53
C SER D 80 42.06 2.77 0.11
N ASP D 81 43.24 3.27 -0.24
CA ASP D 81 44.47 2.72 0.31
C ASP D 81 44.53 2.83 1.83
N THR D 82 43.89 3.85 2.42
CA THR D 82 44.04 4.17 3.83
C THR D 82 42.75 4.10 4.64
N VAL D 83 41.60 3.98 3.98
CA VAL D 83 40.32 4.07 4.68
C VAL D 83 40.31 3.15 5.90
N GLU D 84 40.74 1.89 5.71
CA GLU D 84 40.64 0.91 6.79
C GLU D 84 41.55 1.25 7.99
N GLN D 85 42.80 1.55 7.72
CA GLN D 85 43.65 1.87 8.82
C GLN D 85 43.24 3.12 9.58
N ASP D 86 42.75 4.15 8.91
CA ASP D 86 42.33 5.37 9.57
C ASP D 86 41.04 5.15 10.37
N ILE D 87 40.14 4.30 9.87
CA ILE D 87 38.97 3.92 10.67
C ILE D 87 39.42 3.21 11.95
N GLU D 88 40.30 2.22 11.82
CA GLU D 88 40.78 1.50 13.00
C GLU D 88 41.49 2.43 13.95
N LYS D 89 42.22 3.41 13.42
CA LYS D 89 42.92 4.36 14.28
C LYS D 89 41.93 5.25 15.03
N ALA D 90 40.89 5.72 14.35
CA ALA D 90 39.90 6.56 15.00
C ALA D 90 39.10 5.80 16.04
N LEU D 91 38.87 4.49 15.80
CA LEU D 91 38.16 3.65 16.76
C LEU D 91 39.01 3.32 17.96
N GLN D 92 40.30 3.09 17.74
CA GLN D 92 41.20 2.85 18.87
C GLN D 92 41.23 4.08 19.74
N LEU D 93 41.24 5.25 19.11
CA LEU D 93 41.41 6.47 19.88
C LEU D 93 40.13 6.89 20.59
N ALA D 94 38.98 6.72 19.93
CA ALA D 94 37.74 7.09 20.61
C ALA D 94 37.42 6.13 21.75
N ALA D 95 37.94 4.91 21.70
CA ALA D 95 37.65 3.95 22.76
C ALA D 95 38.49 4.22 24.00
N GLY D 96 39.74 4.63 23.82
CA GLY D 96 40.64 4.88 24.93
C GLY D 96 40.87 3.62 25.75
N ASN D 97 40.91 3.80 27.07
CA ASN D 97 40.97 2.70 28.01
C ASN D 97 39.60 2.07 28.24
N SER D 98 38.65 2.36 27.36
CA SER D 98 37.28 1.89 27.52
C SER D 98 36.81 1.44 26.14
N LYS D 99 35.50 1.31 25.99
CA LYS D 99 34.87 0.93 24.75
C LYS D 99 33.99 2.06 24.24
N ILE D 100 33.71 2.06 22.93
CA ILE D 100 32.83 3.07 22.35
C ILE D 100 31.38 2.75 22.68
N ASN D 101 30.59 3.79 22.95
CA ASN D 101 29.17 3.59 23.22
C ASN D 101 28.30 3.89 22.00
N HIS D 102 28.64 4.93 21.23
CA HIS D 102 27.85 5.35 20.07
C HIS D 102 28.77 5.88 18.98
N ILE D 103 28.46 5.53 17.73
CA ILE D 103 29.17 6.02 16.56
C ILE D 103 28.15 6.67 15.63
N VAL D 104 28.48 7.85 15.12
CA VAL D 104 27.65 8.59 14.17
C VAL D 104 28.50 8.88 12.94
N ILE D 105 27.98 8.59 11.75
CA ILE D 105 28.71 8.82 10.51
C ILE D 105 27.89 9.74 9.61
N THR D 106 28.37 10.98 9.45
CA THR D 106 27.85 11.96 8.51
C THR D 106 28.82 12.27 7.38
N ALA D 107 29.97 11.59 7.33
CA ALA D 107 31.02 11.93 6.38
C ALA D 107 30.54 11.73 4.94
N ALA D 108 30.84 12.70 4.08
CA ALA D 108 30.45 12.68 2.68
C ALA D 108 31.26 13.74 1.94
N ASP D 109 31.45 13.51 0.63
CA ASP D 109 32.33 14.37 -0.16
C ASP D 109 31.68 15.73 -0.42
N MET D 110 30.38 15.75 -0.68
CA MET D 110 29.65 16.97 -1.00
C MET D 110 30.32 17.77 -2.11
N THR D 111 30.39 17.15 -3.30
CA THR D 111 30.82 17.83 -4.51
C THR D 111 29.81 17.53 -5.61
N ALA D 112 29.43 18.56 -6.35
CA ALA D 112 28.40 18.41 -7.38
C ALA D 112 28.78 17.32 -8.38
N PRO D 113 27.88 16.39 -8.69
CA PRO D 113 28.20 15.31 -9.62
C PRO D 113 28.03 15.75 -11.06
N PRO D 114 28.59 15.01 -12.02
CA PRO D 114 28.40 15.35 -13.43
C PRO D 114 27.00 14.99 -13.91
N PRO D 115 26.54 15.63 -14.94
CA PRO D 115 25.26 15.26 -15.48
C PRO D 115 25.48 13.93 -16.14
N LEU D 116 24.36 13.30 -16.40
CA LEU D 116 24.33 11.97 -16.91
C LEU D 116 25.07 11.79 -18.22
N GLU D 117 25.04 12.76 -19.11
CA GLU D 117 25.74 12.65 -20.37
C GLU D 117 27.22 12.49 -20.21
N ASP D 118 27.82 13.13 -19.23
CA ASP D 118 29.23 13.02 -19.00
C ASP D 118 29.57 12.07 -17.90
N LEU D 119 28.72 11.09 -17.64
CA LEU D 119 28.97 10.10 -16.60
C LEU D 119 30.14 9.20 -16.97
N THR D 120 31.08 9.08 -16.04
CA THR D 120 32.25 8.24 -16.13
C THR D 120 32.24 7.19 -15.04
N VAL D 121 32.89 6.05 -15.33
CA VAL D 121 32.92 4.91 -14.41
C VAL D 121 33.52 5.30 -13.06
N ASP D 122 34.41 6.28 -13.05
CA ASP D 122 35.01 6.67 -11.78
C ASP D 122 34.09 7.57 -10.97
N SER D 123 33.27 8.38 -11.64
CA SER D 123 32.33 9.23 -10.90
C SER D 123 31.27 8.40 -10.17
N VAL D 124 31.04 7.16 -10.59
CA VAL D 124 30.10 6.28 -9.89
C VAL D 124 30.78 5.59 -8.72
N GLN D 125 32.02 5.11 -8.89
CA GLN D 125 32.61 4.27 -7.86
C GLN D 125 33.31 5.07 -6.78
N ARG D 126 33.84 6.25 -7.11
CA ARG D 126 34.61 7.00 -6.13
C ARG D 126 33.79 7.47 -4.93
N PRO D 127 32.54 7.93 -5.11
CA PRO D 127 31.74 8.29 -3.92
C PRO D 127 31.48 7.11 -3.00
N GLY D 128 31.47 5.89 -3.53
CA GLY D 128 31.23 4.74 -2.69
C GLY D 128 32.34 4.46 -1.70
N ILE D 129 33.51 5.08 -1.85
CA ILE D 129 34.59 4.82 -0.91
C ILE D 129 34.23 5.42 0.45
N ILE D 130 33.86 6.69 0.47
CA ILE D 130 33.50 7.28 1.75
C ILE D 130 32.08 6.86 2.15
N ARG D 131 31.20 6.62 1.18
CA ARG D 131 29.79 6.36 1.51
C ARG D 131 29.50 4.91 1.85
N LEU D 132 30.21 3.96 1.22
CA LEU D 132 29.96 2.54 1.49
C LEU D 132 31.11 1.85 2.19
N VAL D 133 32.34 2.00 1.70
CA VAL D 133 33.44 1.27 2.31
C VAL D 133 33.69 1.75 3.73
N ALA D 134 33.70 3.07 3.94
CA ALA D 134 34.02 3.57 5.27
C ALA D 134 33.04 3.07 6.33
N PRO D 135 31.72 3.12 6.13
CA PRO D 135 30.84 2.51 7.16
C PRO D 135 31.03 1.02 7.32
N LEU D 136 31.31 0.28 6.23
CA LEU D 136 31.53 -1.16 6.35
C LEU D 136 32.82 -1.49 7.08
N MET D 137 33.84 -0.62 6.97
CA MET D 137 35.07 -0.82 7.72
C MET D 137 34.87 -0.55 9.21
N VAL D 138 33.98 0.39 9.54
CA VAL D 138 33.59 0.63 10.92
C VAL D 138 32.90 -0.60 11.48
N ALA D 139 31.94 -1.14 10.73
CA ALA D 139 31.25 -2.35 11.15
C ALA D 139 32.22 -3.53 11.25
N LYS D 140 33.21 -3.57 10.36
CA LYS D 140 34.16 -4.68 10.38
C LYS D 140 34.97 -4.68 11.66
N HIS D 141 35.37 -3.49 12.14
CA HIS D 141 36.34 -3.41 13.23
C HIS D 141 35.74 -2.98 14.56
N LEU D 142 34.51 -2.44 14.60
CA LEU D 142 33.97 -1.98 15.87
C LEU D 142 33.80 -3.07 16.93
N PRO D 143 33.59 -4.36 16.63
CA PRO D 143 33.46 -5.35 17.71
C PRO D 143 34.66 -5.40 18.65
N LYS D 144 35.85 -5.03 18.19
CA LYS D 144 37.02 -4.97 19.06
C LYS D 144 37.07 -3.70 19.91
N TYR D 145 36.19 -2.74 19.65
CA TYR D 145 36.22 -1.49 20.39
C TYR D 145 34.84 -1.11 20.93
N MET D 146 33.85 -1.99 20.78
CA MET D 146 32.49 -1.74 21.23
C MET D 146 31.90 -3.03 21.76
N ASN D 147 31.01 -2.89 22.74
CA ASN D 147 30.21 -4.00 23.24
C ASN D 147 28.95 -4.12 22.40
N LYS D 148 28.71 -5.32 21.87
CA LYS D 148 27.52 -5.57 21.05
C LYS D 148 26.33 -5.76 21.99
N CYS D 149 25.72 -4.65 22.37
CA CYS D 149 24.59 -4.60 23.28
C CYS D 149 23.66 -3.58 22.82
N PRO D 150 22.35 -3.61 23.16
CA PRO D 150 21.38 -2.63 22.71
C PRO D 150 21.62 -1.25 23.27
N GLN D 151 22.44 -1.13 24.33
CA GLN D 151 22.78 0.19 24.80
C GLN D 151 23.78 0.88 23.88
N SER D 152 24.35 0.18 22.91
CA SER D 152 25.28 0.79 21.98
C SER D 152 24.61 0.96 20.60
N SER D 153 25.08 1.94 19.84
CA SER D 153 24.39 2.31 18.60
C SER D 153 25.40 2.74 17.55
N LEU D 154 25.09 2.43 16.30
CA LEU D 154 25.77 2.95 15.11
C LEU D 154 24.73 3.62 14.22
N THR D 155 24.96 4.88 13.87
CA THR D 155 23.99 5.63 13.09
C THR D 155 24.64 6.17 11.83
N LEU D 156 24.03 5.86 10.68
CA LEU D 156 24.51 6.33 9.40
C LEU D 156 23.60 7.46 8.91
N THR D 157 23.96 8.06 7.77
CA THR D 157 23.19 9.20 7.29
C THR D 157 22.75 8.99 5.86
N SER D 158 21.49 9.35 5.61
CA SER D 158 20.80 9.11 4.36
C SER D 158 20.28 10.47 3.93
N GLY D 159 19.25 10.49 3.08
CA GLY D 159 18.61 11.77 2.81
C GLY D 159 17.23 11.59 2.21
N ALA D 160 16.48 12.69 2.20
CA ALA D 160 15.21 12.69 1.51
C ALA D 160 15.38 12.50 0.00
N HIS D 161 16.56 12.80 -0.54
CA HIS D 161 16.76 12.57 -1.98
C HIS D 161 16.77 11.08 -2.33
N CYS D 162 16.79 10.20 -1.33
CA CYS D 162 16.57 8.78 -1.61
C CYS D 162 15.19 8.56 -2.21
N LEU D 163 14.20 9.33 -1.78
CA LEU D 163 12.82 9.22 -2.26
C LEU D 163 12.38 10.34 -3.17
N ARG D 164 12.94 11.54 -3.02
CA ARG D 164 12.70 12.63 -3.95
C ARG D 164 14.03 13.07 -4.50
N PRO D 165 14.56 12.34 -5.48
CA PRO D 165 15.88 12.69 -6.02
C PRO D 165 15.85 14.03 -6.71
N ASN D 166 17.01 14.67 -6.66
CA ASN D 166 17.35 16.00 -7.06
C ASN D 166 18.10 15.95 -8.41
N PRO D 167 17.56 16.44 -9.54
CA PRO D 167 18.25 16.22 -10.82
C PRO D 167 19.47 17.13 -10.89
N GLY D 168 20.56 16.64 -11.49
CA GLY D 168 20.87 15.25 -11.80
C GLY D 168 21.78 14.65 -10.74
N TRP D 169 21.22 14.40 -9.57
CA TRP D 169 21.98 13.81 -8.47
C TRP D 169 21.59 12.35 -8.29
N THR D 170 21.30 11.66 -9.40
CA THR D 170 20.86 10.27 -9.33
C THR D 170 21.90 9.38 -8.65
N VAL D 171 23.20 9.61 -8.91
CA VAL D 171 24.23 8.76 -8.30
C VAL D 171 24.24 8.92 -6.79
N ILE D 172 24.06 10.16 -6.30
CA ILE D 172 24.10 10.39 -4.87
C ILE D 172 22.86 9.82 -4.21
N SER D 173 21.71 9.89 -4.90
CA SER D 173 20.50 9.25 -4.40
C SER D 173 20.70 7.75 -4.34
N GLY D 174 21.39 7.18 -5.34
CA GLY D 174 21.70 5.76 -5.31
C GLY D 174 22.41 5.36 -4.03
N TYR D 175 23.44 6.11 -3.64
CA TYR D 175 24.20 5.77 -2.44
C TYR D 175 23.39 5.99 -1.16
N CYS D 176 22.43 6.91 -1.17
CA CYS D 176 21.59 7.07 0.01
C CYS D 176 20.71 5.84 0.20
N GLY D 177 20.17 5.30 -0.91
CA GLY D 177 19.44 4.05 -0.84
C GLY D 177 20.31 2.88 -0.43
N ALA D 178 21.58 2.90 -0.81
CA ALA D 178 22.49 1.86 -0.35
C ALA D 178 22.73 1.95 1.13
N VAL D 179 22.87 3.18 1.65
CA VAL D 179 23.13 3.36 3.07
C VAL D 179 21.95 2.88 3.90
N GLU D 180 20.73 3.17 3.43
CA GLU D 180 19.54 2.71 4.14
C GLU D 180 19.46 1.20 4.12
N ALA D 181 19.67 0.59 2.95
CA ALA D 181 19.59 -0.86 2.90
C ALA D 181 20.76 -1.50 3.65
N MET D 182 21.95 -0.90 3.57
CA MET D 182 23.12 -1.45 4.27
C MET D 182 22.94 -1.39 5.79
N SER D 183 22.36 -0.30 6.29
CA SER D 183 22.09 -0.21 7.73
C SER D 183 21.18 -1.34 8.19
N ARG D 184 20.22 -1.77 7.37
CA ARG D 184 19.37 -2.88 7.80
C ARG D 184 20.15 -4.17 7.88
N GLY D 185 21.03 -4.43 6.89
CA GLY D 185 21.88 -5.60 6.98
C GLY D 185 22.79 -5.57 8.19
N LEU D 186 23.31 -4.39 8.54
CA LEU D 186 24.22 -4.29 9.67
C LEU D 186 23.49 -4.47 10.99
N ALA D 187 22.22 -4.07 11.04
CA ALA D 187 21.39 -4.34 12.20
C ALA D 187 21.26 -5.84 12.44
N ILE D 188 21.37 -6.63 11.38
CA ILE D 188 21.40 -8.09 11.51
C ILE D 188 22.82 -8.56 11.84
N ASP D 189 23.84 -8.06 11.12
CA ASP D 189 25.21 -8.54 11.29
C ASP D 189 25.80 -8.22 12.67
N LEU D 190 25.48 -7.05 13.22
CA LEU D 190 26.10 -6.58 14.47
C LEU D 190 25.18 -6.71 15.68
N LYS D 191 24.03 -7.36 15.52
CA LYS D 191 23.09 -7.57 16.63
C LYS D 191 23.79 -8.21 17.82
N PRO D 192 23.41 -7.85 19.06
CA PRO D 192 22.28 -6.97 19.41
C PRO D 192 22.63 -5.46 19.46
N LEU D 193 23.78 -5.05 18.92
CA LEU D 193 24.07 -3.63 18.74
C LEU D 193 23.03 -3.02 17.80
N ARG D 194 22.72 -1.75 18.00
CA ARG D 194 21.64 -1.11 17.25
C ARG D 194 22.20 -0.29 16.10
N VAL D 195 21.64 -0.48 14.89
CA VAL D 195 22.05 0.28 13.71
C VAL D 195 20.82 0.94 13.10
N ASN D 196 20.92 2.26 12.84
CA ASN D 196 19.82 3.08 12.31
C ASN D 196 20.39 4.14 11.36
N VAL D 197 19.49 4.86 10.68
CA VAL D 197 19.80 5.95 9.74
C VAL D 197 18.99 7.18 10.07
N VAL D 198 19.60 8.33 9.90
CA VAL D 198 18.93 9.63 9.90
C VAL D 198 18.88 10.11 8.44
N ALA D 199 17.70 10.54 8.00
CA ALA D 199 17.52 11.01 6.62
C ALA D 199 17.12 12.48 6.65
N PRO D 200 18.07 13.41 6.58
CA PRO D 200 17.72 14.82 6.64
C PRO D 200 17.17 15.32 5.32
N GLY D 201 16.45 16.44 5.41
CA GLY D 201 15.89 17.08 4.24
C GLY D 201 16.82 18.14 3.73
N ALA D 202 16.44 19.42 3.85
CA ALA D 202 17.27 20.54 3.42
C ALA D 202 17.84 21.23 4.66
N VAL D 203 19.13 21.04 4.90
CA VAL D 203 19.80 21.61 6.06
C VAL D 203 20.86 22.58 5.53
N LEU D 204 20.75 23.84 5.92
CA LEU D 204 21.62 24.91 5.45
C LEU D 204 22.92 24.86 6.23
N THR D 205 23.79 23.94 5.84
CA THR D 205 25.13 23.94 6.39
C THR D 205 26.02 24.83 5.53
N GLU D 206 27.21 25.15 6.04
CA GLU D 206 28.04 26.02 5.23
C GLU D 206 28.57 25.32 4.00
N ALA D 207 28.57 23.98 4.01
CA ALA D 207 28.97 23.21 2.83
C ALA D 207 27.99 23.36 1.68
N VAL D 208 26.68 23.41 1.97
CA VAL D 208 25.68 23.39 0.90
C VAL D 208 25.75 24.75 0.15
N LYS D 209 26.17 25.83 0.85
CA LYS D 209 26.39 27.12 0.19
C LYS D 209 27.56 27.05 -0.78
N ASP D 210 28.57 26.22 -0.49
CA ASP D 210 29.70 26.12 -1.41
C ASP D 210 29.29 25.37 -2.66
N ILE D 211 28.53 24.28 -2.48
CA ILE D 211 28.08 23.47 -3.60
C ILE D 211 27.20 24.30 -4.53
N LEU D 212 26.33 25.13 -3.96
CA LEU D 212 25.37 25.90 -4.73
C LEU D 212 25.94 27.20 -5.26
N GLY D 213 26.91 27.77 -4.55
CA GLY D 213 27.53 29.02 -4.97
C GLY D 213 26.52 30.14 -5.04
N ASP D 214 26.40 30.76 -6.21
CA ASP D 214 25.54 31.91 -6.40
C ASP D 214 24.07 31.55 -6.62
N ALA D 215 23.73 30.26 -6.74
CA ALA D 215 22.35 29.82 -6.85
C ALA D 215 21.77 29.40 -5.50
N TYR D 216 22.49 29.69 -4.44
CA TYR D 216 22.05 29.39 -3.11
C TYR D 216 20.84 30.20 -2.71
N ASP D 217 20.79 31.46 -3.09
CA ASP D 217 19.67 32.26 -2.70
C ASP D 217 18.38 31.71 -3.27
N ALA D 218 18.38 31.38 -4.53
CA ALA D 218 17.20 30.82 -5.16
C ALA D 218 16.77 29.45 -4.67
N ALA D 219 17.73 28.59 -4.38
CA ALA D 219 17.47 27.24 -3.89
C ALA D 219 16.83 27.25 -2.52
N VAL D 220 17.31 28.11 -1.66
CA VAL D 220 16.79 28.19 -0.35
C VAL D 220 15.36 28.51 -0.40
N GLU D 221 15.01 29.45 -1.23
CA GLU D 221 13.66 29.85 -1.34
C GLU D 221 12.81 28.68 -1.83
N MET D 222 13.27 27.92 -2.80
CA MET D 222 12.47 26.80 -3.26
C MET D 222 12.32 25.76 -2.16
N ALA D 223 13.39 25.50 -1.45
CA ALA D 223 13.36 24.53 -0.37
C ALA D 223 12.38 24.95 0.73
N GLU D 224 12.36 26.23 1.12
CA GLU D 224 11.39 26.69 2.12
C GLU D 224 9.96 26.54 1.60
N ALA D 225 9.77 26.67 0.29
CA ALA D 225 8.44 26.55 -0.30
C ALA D 225 7.98 25.10 -0.43
N LYS D 226 8.88 24.14 -0.61
CA LYS D 226 8.50 22.73 -0.70
C LYS D 226 8.51 22.13 0.68
N SER D 227 7.83 22.69 1.63
CA SER D 227 7.83 22.11 2.92
C SER D 227 6.61 22.51 3.69
N THR D 228 6.12 21.67 4.55
CA THR D 228 4.99 22.05 5.38
C THR D 228 5.38 23.08 6.37
N VAL D 229 6.58 23.01 6.90
CA VAL D 229 7.02 24.00 7.86
C VAL D 229 7.37 25.39 7.38
N GLY D 230 7.54 25.61 6.09
CA GLY D 230 7.90 26.91 5.60
C GLY D 230 9.26 27.44 6.04
N GLN D 231 10.17 26.53 6.22
CA GLN D 231 11.51 26.82 6.65
C GLN D 231 12.47 25.77 6.23
N THR D 232 13.74 26.11 6.20
CA THR D 232 14.72 25.03 6.11
C THR D 232 15.09 24.52 7.51
N GLY D 233 15.71 23.39 7.57
CA GLY D 233 16.07 22.75 8.84
C GLY D 233 17.37 23.29 9.41
N SER D 234 17.38 23.56 10.68
CA SER D 234 18.60 23.96 11.36
C SER D 234 19.42 22.74 11.72
N PRO D 235 20.74 22.82 11.66
CA PRO D 235 21.54 21.66 12.08
C PRO D 235 21.28 21.23 13.52
N GLU D 236 20.88 22.15 14.43
CA GLU D 236 20.74 21.75 15.82
C GLU D 236 19.40 21.04 16.02
N SER D 237 18.46 21.22 15.08
CA SER D 237 17.23 20.44 15.11
C SER D 237 17.47 19.04 14.59
N VAL D 238 18.12 18.92 13.45
CA VAL D 238 18.40 17.60 12.87
C VAL D 238 19.30 16.79 13.79
N ALA D 239 20.19 17.45 14.53
CA ALA D 239 21.06 16.73 15.46
C ALA D 239 20.28 16.01 16.55
N GLN D 240 19.04 16.42 16.84
CA GLN D 240 18.28 15.72 17.88
C GLN D 240 17.88 14.31 17.44
N ALA D 241 17.75 14.07 16.14
CA ALA D 241 17.49 12.71 15.66
C ALA D 241 18.62 11.76 16.02
N TYR D 242 19.88 12.21 15.87
CA TYR D 242 20.99 11.37 16.27
C TYR D 242 20.99 11.13 17.78
N ILE D 243 20.68 12.17 18.57
CA ILE D 243 20.59 12.01 20.02
C ILE D 243 19.49 11.04 20.39
N TYR D 244 18.33 11.14 19.71
CA TYR D 244 17.23 10.22 19.97
C TYR D 244 17.68 8.77 19.79
N LEU D 245 18.38 8.47 18.69
CA LEU D 245 18.79 7.10 18.38
C LEU D 245 19.80 6.57 19.39
N MET D 246 20.59 7.44 19.99
CA MET D 246 21.50 6.99 21.04
C MET D 246 20.76 6.63 22.31
N LYS D 247 19.61 7.28 22.57
CA LYS D 247 18.90 7.11 23.82
C LYS D 247 17.78 6.07 23.76
N ASP D 248 17.17 5.84 22.59
CA ASP D 248 16.12 4.85 22.48
C ASP D 248 16.76 3.48 22.34
N HIS D 249 16.82 2.70 23.46
CA HIS D 249 17.49 1.40 23.41
C HIS D 249 16.68 0.30 22.67
N TYR D 250 15.56 0.67 22.07
CA TYR D 250 14.76 -0.27 21.33
C TYR D 250 14.76 0.02 19.83
N ALA D 251 15.39 1.11 19.39
CA ALA D 251 15.38 1.48 17.98
C ALA D 251 16.58 0.85 17.28
N SER D 252 16.28 -0.04 16.33
CA SER D 252 17.29 -0.58 15.44
C SER D 252 16.61 -0.95 14.13
N GLY D 253 17.35 -0.80 13.04
CA GLY D 253 16.84 -1.08 11.72
C GLY D 253 15.90 -0.03 11.16
N SER D 254 15.88 1.17 11.74
CA SER D 254 14.89 2.17 11.41
C SER D 254 15.54 3.36 10.69
N VAL D 255 14.69 4.16 10.06
CA VAL D 255 15.09 5.41 9.41
C VAL D 255 14.36 6.55 10.11
N VAL D 256 15.12 7.51 10.62
CA VAL D 256 14.56 8.72 11.20
C VAL D 256 14.62 9.84 10.17
N SER D 257 13.45 10.21 9.63
CA SER D 257 13.33 11.21 8.58
C SER D 257 12.99 12.56 9.18
N THR D 258 13.86 13.55 8.99
CA THR D 258 13.58 14.91 9.47
C THR D 258 13.77 15.82 8.26
N ASN D 259 12.65 16.18 7.63
CA ASN D 259 12.69 16.81 6.33
C ASN D 259 11.69 17.94 6.17
N GLY D 260 11.07 18.38 7.27
CA GLY D 260 10.18 19.53 7.22
C GLY D 260 8.92 19.31 6.41
N GLY D 261 8.52 18.06 6.21
CA GLY D 261 7.36 17.74 5.40
C GLY D 261 7.57 17.84 3.90
N MET D 262 8.82 17.90 3.42
CA MET D 262 9.02 18.07 1.99
C MET D 262 8.50 16.89 1.16
N LEU D 263 8.36 15.71 1.74
CA LEU D 263 7.84 14.58 0.96
C LEU D 263 6.33 14.62 0.78
N LEU D 264 5.65 15.63 1.34
CA LEU D 264 4.20 15.71 1.30
C LEU D 264 3.70 16.80 0.37
N VAL D 265 4.59 17.61 -0.20
CA VAL D 265 4.21 18.65 -1.13
C VAL D 265 5.08 18.53 -2.37
N THR E 9 -23.04 -41.45 43.14
CA THR E 9 -24.39 -41.21 43.66
C THR E 9 -24.46 -39.79 44.20
N ASP E 10 -23.89 -38.87 43.43
CA ASP E 10 -24.00 -37.44 43.67
C ASP E 10 -24.83 -36.88 42.53
N GLN E 11 -25.81 -36.06 42.89
CA GLN E 11 -26.93 -35.72 42.03
C GLN E 11 -26.57 -35.04 40.72
N LEU E 12 -25.38 -34.46 40.63
CA LEU E 12 -24.96 -33.65 39.49
C LEU E 12 -23.99 -34.36 38.52
N HIS E 13 -23.73 -35.65 38.70
CA HIS E 13 -22.78 -36.35 37.83
C HIS E 13 -23.22 -36.38 36.36
N GLY E 14 -24.51 -36.52 36.11
CA GLY E 14 -25.03 -36.52 34.76
C GLY E 14 -25.44 -35.16 34.25
N SER E 15 -25.28 -34.13 35.07
CA SER E 15 -25.92 -32.85 34.82
C SER E 15 -25.18 -32.04 33.76
N ARG E 16 -25.99 -31.43 32.89
CA ARG E 16 -25.51 -30.47 31.91
C ARG E 16 -25.90 -29.11 32.47
N VAL E 17 -24.88 -28.30 32.76
CA VAL E 17 -25.06 -26.98 33.33
C VAL E 17 -24.25 -26.02 32.48
N LEU E 18 -24.84 -24.90 32.08
CA LEU E 18 -24.09 -23.86 31.39
C LEU E 18 -23.89 -22.62 32.23
N VAL E 19 -22.63 -22.14 32.23
CA VAL E 19 -22.14 -20.99 33.00
C VAL E 19 -21.77 -19.88 32.01
N ILE E 20 -22.63 -18.85 31.91
CA ILE E 20 -22.33 -17.68 31.09
C ILE E 20 -21.60 -16.66 31.95
N GLY E 21 -20.32 -16.45 31.67
CA GLY E 21 -19.47 -15.70 32.54
C GLY E 21 -18.54 -16.56 33.36
N GLY E 22 -18.18 -17.73 32.84
CA GLY E 22 -17.34 -18.68 33.54
C GLY E 22 -15.90 -18.68 33.12
N THR E 23 -15.44 -17.67 32.37
CA THR E 23 -14.04 -17.66 31.97
C THR E 23 -13.13 -17.13 33.06
N SER E 24 -13.66 -16.33 33.98
CA SER E 24 -12.88 -15.73 35.05
C SER E 24 -13.77 -15.58 36.25
N GLY E 25 -13.11 -15.40 37.41
CA GLY E 25 -13.81 -15.03 38.62
C GLY E 25 -14.74 -16.12 39.11
N ILE E 26 -15.93 -15.69 39.56
CA ILE E 26 -16.86 -16.60 40.23
C ILE E 26 -17.34 -17.68 39.28
N GLY E 27 -17.74 -17.29 38.07
CA GLY E 27 -18.25 -18.25 37.11
C GLY E 27 -17.26 -19.38 36.82
N PHE E 28 -15.96 -19.05 36.79
CA PHE E 28 -14.95 -20.08 36.57
C PHE E 28 -14.95 -21.10 37.70
N ALA E 29 -15.08 -20.63 38.95
CA ALA E 29 -15.07 -21.56 40.08
C ALA E 29 -16.27 -22.49 40.02
N VAL E 30 -17.40 -22.00 39.49
CA VAL E 30 -18.57 -22.84 39.39
C VAL E 30 -18.33 -23.96 38.38
N CYS E 31 -17.63 -23.67 37.28
CA CYS E 31 -17.28 -24.73 36.34
C CYS E 31 -16.32 -25.74 36.98
N ALA E 32 -15.35 -25.26 37.75
CA ALA E 32 -14.45 -26.16 38.45
C ALA E 32 -15.22 -27.02 39.46
N ALA E 33 -16.04 -26.37 40.29
CA ALA E 33 -16.82 -27.09 41.29
C ALA E 33 -17.77 -28.10 40.64
N ALA E 34 -18.48 -27.66 39.58
CA ALA E 34 -19.37 -28.55 38.85
C ALA E 34 -18.60 -29.70 38.22
N LEU E 35 -17.41 -29.42 37.65
CA LEU E 35 -16.59 -30.50 37.12
C LEU E 35 -16.14 -31.43 38.24
N GLY E 36 -15.91 -30.87 39.44
CA GLY E 36 -15.59 -31.70 40.59
C GLY E 36 -16.70 -32.67 40.96
N HIS E 37 -17.95 -32.30 40.71
CA HIS E 37 -19.07 -33.21 40.85
C HIS E 37 -19.31 -34.04 39.61
N GLY E 38 -18.46 -33.90 38.59
CA GLY E 38 -18.57 -34.72 37.39
C GLY E 38 -19.58 -34.25 36.37
N ALA E 39 -19.96 -32.97 36.37
CA ALA E 39 -20.97 -32.48 35.45
C ALA E 39 -20.39 -32.23 34.06
N ILE E 40 -21.27 -32.10 33.08
CA ILE E 40 -20.89 -31.66 31.74
C ILE E 40 -21.29 -30.20 31.63
N VAL E 41 -20.30 -29.33 31.56
CA VAL E 41 -20.51 -27.88 31.64
C VAL E 41 -19.86 -27.22 30.43
N THR E 42 -20.57 -26.25 29.85
CA THR E 42 -20.00 -25.43 28.79
C THR E 42 -19.95 -23.98 29.25
N ILE E 43 -18.88 -23.29 28.87
CA ILE E 43 -18.53 -21.99 29.41
C ILE E 43 -18.64 -20.88 28.35
N VAL E 44 -19.10 -19.71 28.78
CA VAL E 44 -19.24 -18.53 27.93
C VAL E 44 -18.60 -17.29 28.55
N GLY E 45 -17.90 -16.55 27.69
CA GLY E 45 -17.28 -15.27 27.94
C GLY E 45 -17.01 -14.64 26.60
N SER E 46 -16.56 -13.39 26.62
CA SER E 46 -16.25 -12.63 25.42
C SER E 46 -14.78 -12.72 25.01
N ASN E 47 -13.89 -13.01 25.96
CA ASN E 47 -12.45 -12.99 25.74
C ASN E 47 -11.99 -14.38 25.27
N ALA E 48 -11.56 -14.46 24.00
CA ALA E 48 -11.16 -15.76 23.45
C ALA E 48 -9.97 -16.37 24.22
N GLN E 49 -9.07 -15.53 24.73
CA GLN E 49 -7.89 -16.08 25.39
C GLN E 49 -8.16 -16.44 26.85
N LYS E 50 -9.01 -15.69 27.55
CA LYS E 50 -9.45 -16.13 28.86
C LYS E 50 -10.24 -17.42 28.77
N LEU E 51 -11.05 -17.55 27.68
CA LEU E 51 -11.89 -18.71 27.46
C LEU E 51 -10.99 -19.90 27.12
N LYS E 52 -9.93 -19.67 26.31
CA LYS E 52 -9.00 -20.75 25.91
C LYS E 52 -8.08 -21.14 27.05
N ASP E 53 -7.79 -20.22 27.98
CA ASP E 53 -7.04 -20.63 29.16
C ASP E 53 -7.94 -21.36 30.15
N SER E 54 -9.12 -20.79 30.41
CA SER E 54 -10.07 -21.43 31.33
C SER E 54 -10.25 -22.91 31.03
N VAL E 55 -10.54 -23.26 29.75
CA VAL E 55 -10.84 -24.65 29.41
C VAL E 55 -9.59 -25.49 29.66
N ALA E 56 -8.43 -24.92 29.33
CA ALA E 56 -7.14 -25.61 29.46
C ALA E 56 -6.71 -25.79 30.91
N ARG E 57 -7.00 -24.80 31.77
CA ARG E 57 -6.55 -24.87 33.15
C ARG E 57 -7.36 -25.85 33.97
N LEU E 58 -8.61 -26.12 33.57
CA LEU E 58 -9.42 -27.12 34.25
C LEU E 58 -9.17 -28.53 33.73
N LYS E 59 -8.74 -28.66 32.46
CA LYS E 59 -8.39 -29.96 31.92
C LYS E 59 -7.20 -30.54 32.70
N SER E 60 -6.27 -29.66 33.12
CA SER E 60 -5.15 -30.08 33.97
C SER E 60 -5.58 -30.26 35.42
N SER E 61 -6.49 -29.39 35.92
CA SER E 61 -6.97 -29.58 37.28
C SER E 61 -7.95 -30.72 37.40
N PHE E 62 -8.57 -31.10 36.29
CA PHE E 62 -9.50 -32.23 36.26
C PHE E 62 -9.17 -33.10 35.06
N PRO E 63 -8.01 -33.77 35.07
CA PRO E 63 -7.70 -34.70 33.98
C PRO E 63 -8.58 -35.92 34.03
N SER E 64 -9.17 -36.20 35.20
CA SER E 64 -10.16 -37.26 35.30
C SER E 64 -11.24 -37.13 34.25
N THR E 65 -11.74 -35.90 34.03
CA THR E 65 -12.90 -35.68 33.16
C THR E 65 -12.58 -35.85 31.67
N ASP E 66 -13.55 -36.42 30.94
CA ASP E 66 -13.48 -36.51 29.48
C ASP E 66 -13.38 -35.10 28.90
N PRO E 67 -12.46 -34.85 27.96
CA PRO E 67 -12.46 -33.54 27.27
C PRO E 67 -13.81 -33.22 26.63
N ASP E 68 -14.67 -34.22 26.42
CA ASP E 68 -16.02 -33.96 25.91
C ASP E 68 -16.93 -33.35 26.98
N ASP E 69 -16.46 -33.27 28.22
CA ASP E 69 -17.16 -32.60 29.31
C ASP E 69 -16.69 -31.18 29.54
N ILE E 70 -15.76 -30.68 28.74
CA ILE E 70 -15.30 -29.29 28.83
C ILE E 70 -15.26 -28.68 27.45
N VAL E 71 -16.31 -27.94 27.08
CA VAL E 71 -16.34 -27.18 25.83
C VAL E 71 -16.79 -25.77 26.18
N ALA E 72 -16.30 -24.78 25.42
CA ALA E 72 -16.56 -23.38 25.73
C ALA E 72 -16.88 -22.63 24.45
N VAL E 73 -17.71 -21.58 24.58
CA VAL E 73 -18.12 -20.76 23.42
C VAL E 73 -17.97 -19.28 23.78
N ARG E 74 -17.54 -18.49 22.81
CA ARG E 74 -17.31 -17.07 22.99
C ARG E 74 -18.50 -16.26 22.49
N CYS E 75 -19.00 -15.36 23.35
CA CYS E 75 -20.16 -14.54 23.05
C CYS E 75 -19.92 -13.11 23.54
N ASP E 76 -20.29 -12.13 22.74
CA ASP E 76 -20.29 -10.73 23.15
C ASP E 76 -21.73 -10.35 23.50
N LEU E 77 -22.06 -10.42 24.79
CA LEU E 77 -23.43 -10.16 25.23
C LEU E 77 -23.72 -8.70 25.60
N SER E 78 -22.76 -7.78 25.43
CA SER E 78 -23.05 -6.35 25.61
C SER E 78 -23.42 -5.65 24.31
N ASN E 79 -23.54 -6.41 23.21
CA ASN E 79 -23.81 -5.89 21.87
C ASN E 79 -25.23 -6.26 21.48
N SER E 80 -26.10 -5.26 21.32
CA SER E 80 -27.54 -5.52 21.11
C SER E 80 -27.84 -6.24 19.79
N ASP E 81 -27.07 -5.96 18.74
CA ASP E 81 -27.34 -6.64 17.48
C ASP E 81 -27.13 -8.16 17.58
N THR E 82 -26.32 -8.63 18.53
CA THR E 82 -25.89 -10.02 18.55
C THR E 82 -26.34 -10.84 19.76
N VAL E 83 -26.81 -10.20 20.85
CA VAL E 83 -27.07 -10.94 22.08
C VAL E 83 -27.96 -12.16 21.81
N GLU E 84 -29.04 -11.95 21.02
CA GLU E 84 -30.09 -12.96 20.96
C GLU E 84 -29.63 -14.28 20.35
N GLN E 85 -29.13 -14.26 19.13
CA GLN E 85 -28.63 -15.51 18.57
C GLN E 85 -27.41 -16.04 19.34
N ASP E 86 -26.55 -15.19 19.88
CA ASP E 86 -25.43 -15.77 20.62
C ASP E 86 -25.92 -16.46 21.90
N ILE E 87 -26.98 -15.94 22.53
CA ILE E 87 -27.58 -16.64 23.66
C ILE E 87 -28.14 -17.98 23.21
N GLU E 88 -28.93 -17.97 22.13
CA GLU E 88 -29.53 -19.20 21.62
C GLU E 88 -28.48 -20.20 21.12
N LYS E 89 -27.38 -19.71 20.52
CA LYS E 89 -26.37 -20.62 19.97
C LYS E 89 -25.62 -21.36 21.08
N ALA E 90 -25.36 -20.69 22.21
CA ALA E 90 -24.72 -21.35 23.33
C ALA E 90 -25.63 -22.40 23.97
N LEU E 91 -26.93 -22.16 24.00
CA LEU E 91 -27.82 -23.17 24.56
C LEU E 91 -27.89 -24.37 23.65
N GLN E 92 -27.84 -24.13 22.35
CA GLN E 92 -27.99 -25.23 21.40
C GLN E 92 -26.86 -26.25 21.48
N LEU E 93 -25.58 -25.87 21.56
CA LEU E 93 -24.79 -27.08 21.55
C LEU E 93 -24.34 -27.51 22.92
N ALA E 94 -24.62 -26.71 23.94
CA ALA E 94 -24.38 -27.22 25.29
C ALA E 94 -25.41 -28.29 25.63
N ALA E 95 -26.53 -28.30 24.92
CA ALA E 95 -27.59 -29.28 25.11
C ALA E 95 -27.28 -30.60 24.44
N GLY E 96 -26.55 -30.55 23.32
CA GLY E 96 -26.38 -31.73 22.50
C GLY E 96 -27.76 -32.15 22.05
N ASN E 97 -27.98 -33.47 21.95
CA ASN E 97 -29.31 -34.02 21.75
C ASN E 97 -29.94 -34.49 23.05
N SER E 98 -29.71 -33.73 24.11
CA SER E 98 -30.37 -33.93 25.39
C SER E 98 -30.74 -32.53 25.84
N LYS E 99 -31.13 -32.37 27.10
CA LYS E 99 -31.50 -31.05 27.58
C LYS E 99 -30.54 -30.64 28.68
N ILE E 100 -30.34 -29.32 28.79
CA ILE E 100 -29.51 -28.76 29.84
C ILE E 100 -30.32 -28.72 31.12
N ASN E 101 -29.65 -28.97 32.24
CA ASN E 101 -30.31 -29.05 33.53
C ASN E 101 -30.26 -27.75 34.33
N HIS E 102 -29.17 -26.97 34.23
CA HIS E 102 -28.99 -25.78 35.06
C HIS E 102 -28.26 -24.72 34.26
N ILE E 103 -28.62 -23.45 34.51
CA ILE E 103 -28.00 -22.30 33.86
C ILE E 103 -27.50 -21.34 34.93
N VAL E 104 -26.30 -20.83 34.74
CA VAL E 104 -25.69 -19.85 35.64
C VAL E 104 -25.24 -18.65 34.83
N ILE E 105 -25.58 -17.45 35.29
CA ILE E 105 -25.19 -16.23 34.57
C ILE E 105 -24.41 -15.33 35.53
N THR E 106 -23.13 -15.17 35.28
CA THR E 106 -22.31 -14.27 36.04
C THR E 106 -21.91 -13.04 35.24
N ALA E 107 -22.32 -12.96 33.97
CA ALA E 107 -21.77 -11.96 33.05
C ALA E 107 -22.08 -10.52 33.46
N ALA E 108 -21.05 -9.69 33.44
CA ALA E 108 -21.13 -8.27 33.76
C ALA E 108 -19.82 -7.63 33.37
N ASP E 109 -19.86 -6.34 33.08
CA ASP E 109 -18.62 -5.66 32.67
C ASP E 109 -17.76 -5.30 33.87
N MET E 110 -18.38 -4.78 34.93
CA MET E 110 -17.69 -4.32 36.13
C MET E 110 -16.54 -3.38 35.77
N THR E 111 -16.96 -2.25 35.22
CA THR E 111 -16.09 -1.12 34.92
C THR E 111 -16.68 0.10 35.62
N ALA E 112 -15.81 0.90 36.23
CA ALA E 112 -16.27 2.04 36.99
C ALA E 112 -17.13 2.93 36.10
N PRO E 113 -18.32 3.31 36.53
CA PRO E 113 -19.18 4.15 35.72
C PRO E 113 -18.75 5.61 35.81
N PRO E 114 -19.22 6.46 34.91
CA PRO E 114 -18.87 7.86 35.01
C PRO E 114 -19.51 8.48 36.23
N PRO E 115 -18.95 9.56 36.76
CA PRO E 115 -19.60 10.28 37.87
C PRO E 115 -20.87 10.95 37.40
N LEU E 116 -21.62 11.52 38.36
CA LEU E 116 -22.93 12.06 38.02
C LEU E 116 -22.82 13.38 37.24
N GLU E 117 -21.68 14.08 37.29
CA GLU E 117 -21.52 15.31 36.54
C GLU E 117 -21.24 15.05 35.07
N ASP E 118 -20.91 13.82 34.70
CA ASP E 118 -20.68 13.46 33.31
C ASP E 118 -21.60 12.34 32.84
N LEU E 119 -22.68 12.10 33.58
CA LEU E 119 -23.62 11.04 33.25
C LEU E 119 -24.28 11.30 31.91
N THR E 120 -24.26 10.29 31.04
CA THR E 120 -24.84 10.36 29.70
C THR E 120 -25.96 9.34 29.56
N VAL E 121 -26.88 9.59 28.63
CA VAL E 121 -27.96 8.65 28.43
C VAL E 121 -27.43 7.27 28.05
N ASP E 122 -26.30 7.20 27.33
CA ASP E 122 -25.79 5.90 26.90
C ASP E 122 -25.06 5.16 28.00
N SER E 123 -24.40 5.87 28.93
CA SER E 123 -23.78 5.17 30.05
C SER E 123 -24.81 4.52 30.96
N VAL E 124 -26.06 4.99 30.94
CA VAL E 124 -27.07 4.34 31.76
C VAL E 124 -27.53 3.07 31.05
N GLN E 125 -27.64 3.16 29.74
CA GLN E 125 -28.35 2.15 29.00
C GLN E 125 -27.44 1.02 28.55
N ARG E 126 -26.14 1.31 28.41
CA ARG E 126 -25.24 0.27 27.95
C ARG E 126 -25.22 -0.92 28.90
N PRO E 127 -25.15 -0.78 30.23
CA PRO E 127 -25.16 -1.95 31.11
C PRO E 127 -26.42 -2.77 31.01
N GLY E 128 -27.55 -2.16 30.64
CA GLY E 128 -28.79 -2.92 30.57
C GLY E 128 -28.77 -4.01 29.53
N ILE E 129 -27.82 -3.96 28.59
CA ILE E 129 -27.77 -5.01 27.57
C ILE E 129 -27.29 -6.31 28.21
N ILE E 130 -26.20 -6.26 28.97
CA ILE E 130 -25.70 -7.47 29.61
C ILE E 130 -26.51 -7.81 30.87
N ARG E 131 -26.94 -6.81 31.61
CA ARG E 131 -27.54 -7.08 32.91
C ARG E 131 -29.02 -7.43 32.80
N LEU E 132 -29.72 -6.86 31.81
CA LEU E 132 -31.15 -7.10 31.69
C LEU E 132 -31.54 -7.87 30.44
N VAL E 133 -31.06 -7.45 29.26
CA VAL E 133 -31.51 -8.07 28.01
C VAL E 133 -31.01 -9.49 27.90
N ALA E 134 -29.73 -9.73 28.23
CA ALA E 134 -29.18 -11.07 28.08
C ALA E 134 -29.91 -12.11 28.92
N PRO E 135 -30.18 -11.89 30.23
CA PRO E 135 -30.98 -12.89 30.96
C PRO E 135 -32.38 -13.04 30.40
N LEU E 136 -33.01 -11.96 29.99
CA LEU E 136 -34.36 -12.09 29.44
C LEU E 136 -34.35 -12.87 28.12
N MET E 137 -33.26 -12.79 27.35
CA MET E 137 -33.16 -13.60 26.14
C MET E 137 -32.93 -15.08 26.46
N VAL E 138 -32.20 -15.38 27.55
CA VAL E 138 -32.09 -16.77 27.98
C VAL E 138 -33.45 -17.30 28.38
N ALA E 139 -34.19 -16.51 29.15
CA ALA E 139 -35.50 -16.92 29.60
C ALA E 139 -36.45 -17.08 28.42
N LYS E 140 -36.28 -16.27 27.38
CA LYS E 140 -37.13 -16.36 26.19
C LYS E 140 -36.93 -17.68 25.46
N HIS E 141 -35.69 -18.18 25.39
CA HIS E 141 -35.37 -19.30 24.51
C HIS E 141 -35.09 -20.62 25.24
N LEU E 142 -34.91 -20.61 26.56
CA LEU E 142 -34.56 -21.85 27.26
C LEU E 142 -35.59 -22.98 27.18
N PRO E 143 -36.91 -22.74 27.05
CA PRO E 143 -37.83 -23.89 27.02
C PRO E 143 -37.54 -24.91 25.93
N LYS E 144 -36.94 -24.52 24.81
CA LYS E 144 -36.57 -25.47 23.77
C LYS E 144 -35.26 -26.20 24.09
N TYR E 145 -34.55 -25.82 25.14
CA TYR E 145 -33.29 -26.45 25.48
C TYR E 145 -33.27 -26.96 26.91
N MET E 146 -34.38 -26.85 27.62
CA MET E 146 -34.45 -27.30 28.99
C MET E 146 -35.86 -27.80 29.25
N ASN E 147 -35.99 -28.77 30.14
CA ASN E 147 -37.31 -29.18 30.61
C ASN E 147 -37.64 -28.31 31.81
N LYS E 148 -38.74 -27.59 31.74
CA LYS E 148 -39.14 -26.73 32.86
C LYS E 148 -39.74 -27.63 33.93
N CYS E 149 -38.87 -28.12 34.80
CA CYS E 149 -39.20 -29.06 35.88
C CYS E 149 -38.41 -28.61 37.11
N PRO E 150 -38.82 -29.06 38.30
CA PRO E 150 -38.12 -28.61 39.52
C PRO E 150 -36.68 -29.08 39.60
N GLN E 151 -36.31 -30.09 38.83
CA GLN E 151 -34.94 -30.56 38.80
C GLN E 151 -34.02 -29.65 37.98
N SER E 152 -34.59 -28.71 37.24
CA SER E 152 -33.84 -27.75 36.44
C SER E 152 -33.81 -26.38 37.13
N SER E 153 -32.77 -25.58 36.85
CA SER E 153 -32.57 -24.32 37.57
C SER E 153 -31.95 -23.26 36.65
N LEU E 154 -32.37 -22.00 36.86
CA LEU E 154 -31.77 -20.82 36.26
C LEU E 154 -31.27 -19.91 37.38
N THR E 155 -29.99 -19.57 37.36
CA THR E 155 -29.40 -18.78 38.44
C THR E 155 -28.75 -17.50 37.93
N LEU E 156 -29.17 -16.35 38.48
CA LEU E 156 -28.63 -15.06 38.13
C LEU E 156 -27.68 -14.56 39.21
N THR E 157 -27.03 -13.41 38.96
CA THR E 157 -26.05 -12.87 39.89
C THR E 157 -26.39 -11.42 40.20
N SER E 158 -26.27 -11.07 41.47
CA SER E 158 -26.63 -9.75 41.97
C SER E 158 -25.50 -9.29 42.88
N GLY E 159 -25.78 -8.34 43.75
CA GLY E 159 -24.78 -8.00 44.75
C GLY E 159 -25.37 -7.33 45.96
N ALA E 160 -24.53 -7.23 47.00
CA ALA E 160 -24.90 -6.51 48.22
C ALA E 160 -25.02 -5.00 48.02
N HIS E 161 -24.42 -4.39 46.96
CA HIS E 161 -24.58 -2.92 46.82
C HIS E 161 -26.00 -2.51 46.61
N CYS E 162 -26.87 -3.45 46.28
CA CYS E 162 -28.23 -3.06 45.97
C CYS E 162 -28.85 -2.30 47.14
N LEU E 163 -28.50 -2.69 48.35
CA LEU E 163 -28.96 -2.00 49.54
C LEU E 163 -27.85 -1.24 50.24
N ARG E 164 -26.62 -1.66 50.06
CA ARG E 164 -25.51 -0.85 50.52
C ARG E 164 -24.61 -0.47 49.34
N PRO E 165 -24.99 0.59 48.62
CA PRO E 165 -24.23 1.00 47.45
C PRO E 165 -22.88 1.57 47.84
N ASN E 166 -21.93 1.36 46.95
CA ASN E 166 -20.65 2.04 47.03
C ASN E 166 -20.74 3.34 46.26
N PRO E 167 -20.23 4.42 46.82
CA PRO E 167 -20.42 5.73 46.21
C PRO E 167 -19.89 5.75 44.78
N GLY E 168 -20.69 6.39 43.93
CA GLY E 168 -20.51 6.48 42.50
C GLY E 168 -20.90 5.25 41.72
N TRP E 169 -21.52 4.25 42.34
CA TRP E 169 -21.98 3.08 41.62
C TRP E 169 -23.51 2.99 41.57
N THR E 170 -24.17 4.16 41.60
CA THR E 170 -25.62 4.18 41.69
C THR E 170 -26.29 3.47 40.52
N VAL E 171 -25.78 3.67 39.32
CA VAL E 171 -26.41 3.05 38.16
C VAL E 171 -26.27 1.53 38.24
N ILE E 172 -25.14 1.04 38.72
CA ILE E 172 -24.97 -0.41 38.83
C ILE E 172 -25.84 -0.97 39.94
N SER E 173 -26.06 -0.20 41.01
CA SER E 173 -26.98 -0.63 42.06
C SER E 173 -28.40 -0.74 41.50
N GLY E 174 -28.77 0.18 40.61
CA GLY E 174 -30.04 0.06 39.92
C GLY E 174 -30.15 -1.25 39.18
N TYR E 175 -29.14 -1.59 38.38
CA TYR E 175 -29.26 -2.82 37.62
C TYR E 175 -29.21 -4.07 38.48
N CYS E 176 -28.49 -4.04 39.62
CA CYS E 176 -28.50 -5.21 40.48
C CYS E 176 -29.86 -5.37 41.15
N GLY E 177 -30.49 -4.26 41.53
CA GLY E 177 -31.85 -4.33 42.02
C GLY E 177 -32.80 -4.81 40.94
N ALA E 178 -32.49 -4.48 39.69
CA ALA E 178 -33.30 -4.94 38.57
C ALA E 178 -33.26 -6.44 38.43
N VAL E 179 -32.10 -7.05 38.69
CA VAL E 179 -31.90 -8.50 38.50
C VAL E 179 -32.68 -9.35 39.52
N GLU E 180 -32.65 -9.00 40.80
CA GLU E 180 -33.47 -9.79 41.74
C GLU E 180 -34.97 -9.56 41.54
N ALA E 181 -35.43 -8.33 41.24
CA ALA E 181 -36.87 -8.17 40.97
C ALA E 181 -37.30 -8.90 39.70
N MET E 182 -36.42 -8.90 38.68
CA MET E 182 -36.70 -9.63 37.44
C MET E 182 -36.68 -11.13 37.70
N SER E 183 -35.74 -11.60 38.53
CA SER E 183 -35.66 -13.01 38.88
C SER E 183 -36.98 -13.54 39.42
N ARG E 184 -37.70 -12.73 40.19
CA ARG E 184 -38.98 -13.19 40.74
C ARG E 184 -40.02 -13.33 39.64
N GLY E 185 -40.10 -12.34 38.74
CA GLY E 185 -41.01 -12.46 37.62
C GLY E 185 -40.67 -13.65 36.74
N LEU E 186 -39.39 -13.90 36.54
CA LEU E 186 -38.98 -15.01 35.69
C LEU E 186 -39.30 -16.35 36.34
N ALA E 187 -39.21 -16.43 37.68
CA ALA E 187 -39.66 -17.64 38.37
C ALA E 187 -41.16 -17.88 38.16
N ILE E 188 -41.93 -16.81 37.92
CA ILE E 188 -43.35 -16.96 37.61
C ILE E 188 -43.55 -17.31 36.13
N ASP E 189 -42.88 -16.58 35.24
CA ASP E 189 -43.12 -16.81 33.81
C ASP E 189 -42.70 -18.21 33.38
N LEU E 190 -41.65 -18.75 33.98
CA LEU E 190 -41.09 -20.04 33.56
C LEU E 190 -41.38 -21.20 34.53
N LYS E 191 -42.21 -21.00 35.54
CA LYS E 191 -42.55 -22.10 36.46
C LYS E 191 -43.09 -23.30 35.68
N PRO E 192 -42.80 -24.54 36.14
CA PRO E 192 -42.13 -24.93 37.39
C PRO E 192 -40.61 -24.95 37.40
N LEU E 193 -39.99 -24.36 36.38
CA LEU E 193 -38.55 -24.18 36.41
C LEU E 193 -38.18 -23.26 37.57
N ARG E 194 -37.01 -23.48 38.16
CA ARG E 194 -36.59 -22.73 39.33
C ARG E 194 -35.62 -21.62 38.92
N VAL E 195 -35.91 -20.40 39.36
CA VAL E 195 -35.07 -19.23 39.08
C VAL E 195 -34.68 -18.58 40.40
N ASN E 196 -33.38 -18.38 40.61
CA ASN E 196 -32.86 -17.83 41.84
C ASN E 196 -31.68 -16.93 41.53
N VAL E 197 -31.13 -16.28 42.57
CA VAL E 197 -30.06 -15.31 42.40
C VAL E 197 -28.97 -15.65 43.43
N VAL E 198 -27.71 -15.43 43.07
CA VAL E 198 -26.62 -15.43 44.05
C VAL E 198 -26.20 -13.97 44.22
N ALA E 199 -26.10 -13.52 45.48
CA ALA E 199 -25.74 -12.13 45.77
C ALA E 199 -24.44 -12.13 46.55
N PRO E 200 -23.29 -12.12 45.88
CA PRO E 200 -22.01 -12.15 46.58
C PRO E 200 -21.62 -10.78 47.11
N GLY E 201 -20.72 -10.80 48.09
CA GLY E 201 -20.23 -9.57 48.67
C GLY E 201 -18.95 -9.08 48.00
N ALA E 202 -17.84 -9.16 48.71
CA ALA E 202 -16.54 -8.71 48.22
C ALA E 202 -15.69 -9.94 47.89
N VAL E 203 -15.46 -10.17 46.60
CA VAL E 203 -14.70 -11.34 46.13
C VAL E 203 -13.47 -10.86 45.36
N LEU E 204 -12.28 -11.30 45.79
CA LEU E 204 -11.03 -10.84 45.18
C LEU E 204 -10.77 -11.63 43.90
N THR E 205 -11.46 -11.23 42.85
CA THR E 205 -11.28 -11.74 41.50
C THR E 205 -10.29 -10.89 40.71
N GLU E 206 -9.90 -11.39 39.53
CA GLU E 206 -8.93 -10.67 38.73
C GLU E 206 -9.52 -9.37 38.19
N ALA E 207 -10.85 -9.32 38.05
CA ALA E 207 -11.53 -8.08 37.68
C ALA E 207 -11.53 -7.04 38.80
N VAL E 208 -11.74 -7.48 40.04
CA VAL E 208 -11.89 -6.53 41.14
C VAL E 208 -10.59 -5.80 41.47
N LYS E 209 -9.43 -6.40 41.20
CA LYS E 209 -8.18 -5.68 41.44
C LYS E 209 -7.98 -4.56 40.43
N ASP E 210 -8.55 -4.72 39.22
CA ASP E 210 -8.38 -3.71 38.18
C ASP E 210 -9.15 -2.45 38.51
N ILE E 211 -10.38 -2.60 38.99
CA ILE E 211 -11.21 -1.45 39.36
C ILE E 211 -10.52 -0.63 40.43
N LEU E 212 -9.85 -1.28 41.37
CA LEU E 212 -9.31 -0.58 42.53
C LEU E 212 -7.95 0.03 42.28
N GLY E 213 -7.16 -0.55 41.37
CA GLY E 213 -5.85 -0.03 41.03
C GLY E 213 -4.98 0.01 42.26
N ASP E 214 -4.43 1.20 42.56
CA ASP E 214 -3.56 1.39 43.72
C ASP E 214 -4.34 1.56 45.00
N ALA E 215 -5.68 1.64 44.93
CA ALA E 215 -6.47 1.73 46.13
C ALA E 215 -6.90 0.35 46.61
N TYR E 216 -6.31 -0.71 46.05
CA TYR E 216 -6.75 -2.07 46.36
C TYR E 216 -6.42 -2.46 47.80
N ASP E 217 -5.24 -2.06 48.30
CA ASP E 217 -4.86 -2.49 49.65
C ASP E 217 -5.62 -1.73 50.73
N ALA E 218 -6.08 -0.50 50.42
CA ALA E 218 -6.84 0.27 51.40
C ALA E 218 -8.33 -0.07 51.39
N ALA E 219 -8.86 -0.55 50.27
CA ALA E 219 -10.26 -0.95 50.23
C ALA E 219 -10.44 -2.36 50.77
N VAL E 220 -9.45 -3.23 50.53
CA VAL E 220 -9.51 -4.60 51.04
C VAL E 220 -9.53 -4.59 52.56
N GLU E 221 -8.64 -3.81 53.12
CA GLU E 221 -8.55 -3.75 54.54
C GLU E 221 -9.87 -3.25 55.10
N MET E 222 -10.55 -2.24 54.55
CA MET E 222 -11.83 -1.80 55.08
C MET E 222 -12.90 -2.85 54.85
N ALA E 223 -12.79 -3.62 53.76
CA ALA E 223 -13.71 -4.73 53.52
C ALA E 223 -13.47 -5.86 54.52
N GLU E 224 -12.22 -6.22 54.77
CA GLU E 224 -11.96 -7.23 55.79
C GLU E 224 -12.40 -6.72 57.16
N ALA E 225 -12.28 -5.42 57.39
CA ALA E 225 -12.70 -4.84 58.65
C ALA E 225 -14.22 -4.76 58.74
N LYS E 226 -14.89 -4.54 57.60
CA LYS E 226 -16.34 -4.52 57.56
C LYS E 226 -16.89 -5.90 57.20
N SER E 227 -16.52 -6.88 58.02
CA SER E 227 -16.92 -8.26 57.78
C SER E 227 -16.81 -9.02 59.09
N THR E 228 -17.67 -10.05 59.23
CA THR E 228 -17.60 -10.88 60.41
C THR E 228 -16.52 -11.95 60.28
N VAL E 229 -16.34 -12.52 59.08
CA VAL E 229 -15.31 -13.51 58.85
C VAL E 229 -13.90 -12.89 58.81
N GLY E 230 -13.81 -11.58 58.74
CA GLY E 230 -12.53 -10.90 58.67
C GLY E 230 -11.78 -11.29 57.42
N GLN E 231 -12.51 -11.49 56.33
CA GLN E 231 -11.96 -11.99 55.08
C GLN E 231 -12.80 -11.46 53.92
N THR E 232 -12.18 -11.39 52.76
CA THR E 232 -12.89 -11.27 51.50
C THR E 232 -13.33 -12.66 51.06
N GLY E 233 -14.24 -12.70 50.09
CA GLY E 233 -14.78 -13.97 49.66
C GLY E 233 -13.88 -14.69 48.67
N SER E 234 -13.74 -15.99 48.88
CA SER E 234 -13.03 -16.78 47.88
C SER E 234 -13.98 -17.14 46.74
N PRO E 235 -13.51 -17.10 45.49
CA PRO E 235 -14.38 -17.53 44.39
C PRO E 235 -14.85 -18.96 44.51
N GLU E 236 -14.09 -19.81 45.20
CA GLU E 236 -14.43 -21.22 45.35
C GLU E 236 -15.38 -21.42 46.54
N SER E 237 -15.43 -20.47 47.48
CA SER E 237 -16.44 -20.56 48.53
C SER E 237 -17.79 -20.06 48.03
N VAL E 238 -17.81 -18.89 47.39
CA VAL E 238 -19.08 -18.34 46.88
C VAL E 238 -19.67 -19.25 45.80
N ALA E 239 -18.81 -19.96 45.07
CA ALA E 239 -19.27 -20.87 44.03
C ALA E 239 -20.18 -21.95 44.58
N GLN E 240 -20.07 -22.25 45.88
CA GLN E 240 -20.93 -23.24 46.50
C GLN E 240 -22.38 -22.79 46.53
N ALA E 241 -22.63 -21.47 46.46
CA ALA E 241 -24.00 -21.00 46.37
C ALA E 241 -24.64 -21.48 45.09
N TYR E 242 -23.92 -21.37 43.97
CA TYR E 242 -24.41 -21.82 42.69
C TYR E 242 -24.62 -23.33 42.68
N ILE E 243 -23.68 -24.07 43.27
CA ILE E 243 -23.80 -25.52 43.36
C ILE E 243 -25.03 -25.90 44.20
N TYR E 244 -25.26 -25.19 45.32
CA TYR E 244 -26.41 -25.47 46.17
C TYR E 244 -27.71 -25.35 45.38
N LEU E 245 -27.87 -24.29 44.61
CA LEU E 245 -29.12 -24.09 43.88
C LEU E 245 -29.35 -25.18 42.85
N MET E 246 -28.27 -25.81 42.35
CA MET E 246 -28.43 -26.93 41.42
C MET E 246 -28.94 -28.18 42.13
N LYS E 247 -28.64 -28.34 43.42
CA LYS E 247 -29.01 -29.54 44.16
C LYS E 247 -30.31 -29.41 44.93
N ASP E 248 -30.70 -28.21 45.34
CA ASP E 248 -31.93 -28.01 46.09
C ASP E 248 -33.10 -27.90 45.12
N HIS E 249 -33.85 -29.00 44.98
CA HIS E 249 -34.98 -29.04 44.07
C HIS E 249 -36.20 -28.30 44.60
N TYR E 250 -36.10 -27.64 45.75
CA TYR E 250 -37.21 -26.87 46.29
C TYR E 250 -36.93 -25.38 46.33
N ALA E 251 -35.72 -24.93 45.98
CA ALA E 251 -35.39 -23.51 46.05
C ALA E 251 -35.78 -22.79 44.74
N SER E 252 -36.73 -21.87 44.85
CA SER E 252 -37.12 -21.01 43.74
C SER E 252 -37.63 -19.68 44.29
N GLY E 253 -37.34 -18.60 43.55
CA GLY E 253 -37.65 -17.24 43.94
C GLY E 253 -36.73 -16.65 45.01
N SER E 254 -35.56 -17.23 45.24
CA SER E 254 -34.79 -16.91 46.45
C SER E 254 -33.53 -16.10 46.16
N VAL E 255 -32.99 -15.51 47.23
CA VAL E 255 -31.73 -14.78 47.22
C VAL E 255 -30.73 -15.50 48.14
N VAL E 256 -29.62 -15.96 47.58
CA VAL E 256 -28.52 -16.52 48.37
C VAL E 256 -27.45 -15.45 48.52
N SER E 257 -27.32 -14.89 49.72
CA SER E 257 -26.34 -13.85 49.99
C SER E 257 -25.09 -14.49 50.63
N THR E 258 -23.95 -14.37 49.96
CA THR E 258 -22.68 -14.83 50.51
C THR E 258 -21.72 -13.65 50.47
N ASN E 259 -21.60 -12.96 51.61
CA ASN E 259 -20.97 -11.64 51.68
C ASN E 259 -20.10 -11.43 52.92
N GLY E 260 -19.82 -12.48 53.69
CA GLY E 260 -18.94 -12.39 54.85
C GLY E 260 -19.46 -11.55 56.02
N GLY E 261 -20.77 -11.32 56.11
CA GLY E 261 -21.33 -10.49 57.16
C GLY E 261 -21.19 -9.00 56.96
N MET E 262 -20.96 -8.52 55.73
CA MET E 262 -20.71 -7.10 55.51
C MET E 262 -21.94 -6.22 55.79
N LEU E 263 -23.15 -6.76 55.67
CA LEU E 263 -24.33 -5.95 55.97
C LEU E 263 -24.58 -5.83 57.47
N LEU E 264 -23.65 -6.28 58.32
CA LEU E 264 -23.96 -6.34 59.74
C LEU E 264 -23.26 -5.30 60.60
N VAL E 265 -22.30 -4.54 60.08
CA VAL E 265 -21.76 -3.40 60.84
C VAL E 265 -21.64 -2.19 59.93
N THR F 9 11.07 -4.33 -61.46
CA THR F 9 11.77 -3.05 -61.37
C THR F 9 10.77 -1.90 -61.17
N ASP F 10 9.97 -1.99 -60.11
CA ASP F 10 8.98 -0.96 -59.78
C ASP F 10 9.34 -0.26 -58.48
N GLN F 11 9.22 1.07 -58.46
CA GLN F 11 9.61 1.86 -57.30
C GLN F 11 8.82 1.54 -56.04
N LEU F 12 7.72 0.81 -56.13
CA LEU F 12 6.92 0.49 -54.96
C LEU F 12 7.19 -0.91 -54.41
N HIS F 13 8.19 -1.62 -54.94
CA HIS F 13 8.50 -2.97 -54.49
C HIS F 13 8.93 -2.98 -53.04
N GLY F 14 10.11 -2.44 -52.74
CA GLY F 14 10.57 -2.34 -51.37
C GLY F 14 9.69 -1.56 -50.42
N SER F 15 8.61 -0.98 -50.93
CA SER F 15 7.87 0.04 -50.19
C SER F 15 6.97 -0.56 -49.11
N ARG F 16 6.90 0.11 -47.98
CA ARG F 16 6.03 -0.29 -46.88
C ARG F 16 4.78 0.57 -46.93
N VAL F 17 3.61 -0.06 -47.06
CA VAL F 17 2.36 0.68 -47.22
C VAL F 17 1.42 0.32 -46.05
N LEU F 18 0.90 1.35 -45.37
CA LEU F 18 -0.15 1.20 -44.35
C LEU F 18 -1.43 1.68 -45.01
N VAL F 19 -2.45 0.84 -45.00
CA VAL F 19 -3.77 1.23 -45.49
C VAL F 19 -4.72 1.22 -44.29
N ILE F 20 -5.12 2.41 -43.85
CA ILE F 20 -6.05 2.58 -42.73
C ILE F 20 -7.45 2.53 -43.32
N GLY F 21 -8.13 1.41 -43.09
CA GLY F 21 -9.36 1.07 -43.78
C GLY F 21 -9.23 0.06 -44.91
N GLY F 22 -8.30 -0.88 -44.82
CA GLY F 22 -8.03 -1.78 -45.92
C GLY F 22 -8.68 -3.16 -45.91
N THR F 23 -9.61 -3.42 -44.99
CA THR F 23 -10.30 -4.71 -45.01
C THR F 23 -11.48 -4.74 -45.96
N SER F 24 -12.00 -3.58 -46.38
CA SER F 24 -13.19 -3.55 -47.22
C SER F 24 -13.06 -2.41 -48.22
N GLY F 25 -13.77 -2.54 -49.33
CA GLY F 25 -14.00 -1.42 -50.22
C GLY F 25 -12.72 -0.88 -50.89
N ILE F 26 -12.60 0.45 -50.87
CA ILE F 26 -11.52 1.13 -51.58
C ILE F 26 -10.17 0.81 -50.95
N GLY F 27 -10.08 0.85 -49.62
CA GLY F 27 -8.82 0.53 -48.96
C GLY F 27 -8.33 -0.87 -49.30
N PHE F 28 -9.25 -1.83 -49.40
CA PHE F 28 -8.85 -3.19 -49.77
C PHE F 28 -8.29 -3.24 -51.19
N ALA F 29 -8.91 -2.49 -52.12
CA ALA F 29 -8.44 -2.52 -53.50
C ALA F 29 -7.04 -1.96 -53.66
N VAL F 30 -6.65 -0.95 -52.87
CA VAL F 30 -5.29 -0.43 -52.94
C VAL F 30 -4.29 -1.41 -52.33
N CYS F 31 -4.69 -2.15 -51.29
CA CYS F 31 -3.82 -3.17 -50.71
C CYS F 31 -3.51 -4.23 -51.75
N ALA F 32 -4.53 -4.63 -52.50
CA ALA F 32 -4.34 -5.56 -53.61
C ALA F 32 -3.43 -4.95 -54.66
N ALA F 33 -3.69 -3.68 -55.03
CA ALA F 33 -2.86 -3.00 -56.01
C ALA F 33 -1.42 -2.85 -55.52
N ALA F 34 -1.24 -2.48 -54.25
CA ALA F 34 0.11 -2.35 -53.71
C ALA F 34 0.84 -3.67 -53.72
N LEU F 35 0.13 -4.76 -53.41
CA LEU F 35 0.76 -6.09 -53.47
C LEU F 35 1.15 -6.44 -54.89
N GLY F 36 0.33 -6.05 -55.88
CA GLY F 36 0.69 -6.29 -57.27
C GLY F 36 1.99 -5.62 -57.67
N HIS F 37 2.30 -4.47 -57.06
CA HIS F 37 3.59 -3.81 -57.23
C HIS F 37 4.66 -4.36 -56.30
N GLY F 38 4.33 -5.38 -55.51
CA GLY F 38 5.31 -6.02 -54.65
C GLY F 38 5.53 -5.32 -53.33
N ALA F 39 4.60 -4.50 -52.87
CA ALA F 39 4.79 -3.74 -51.64
C ALA F 39 4.52 -4.60 -50.41
N ILE F 40 4.96 -4.10 -49.26
CA ILE F 40 4.68 -4.70 -47.95
C ILE F 40 3.51 -3.93 -47.36
N VAL F 41 2.43 -4.64 -47.02
CA VAL F 41 1.17 -4.01 -46.70
C VAL F 41 0.77 -4.34 -45.26
N THR F 42 0.32 -3.31 -44.55
CA THR F 42 -0.24 -3.44 -43.22
C THR F 42 -1.71 -3.05 -43.26
N ILE F 43 -2.55 -3.88 -42.65
CA ILE F 43 -4.00 -3.76 -42.73
C ILE F 43 -4.54 -3.37 -41.36
N VAL F 44 -5.52 -2.47 -41.36
CA VAL F 44 -6.17 -2.03 -40.13
C VAL F 44 -7.67 -2.03 -40.36
N GLY F 45 -8.42 -2.50 -39.38
CA GLY F 45 -9.87 -2.45 -39.41
C GLY F 45 -10.42 -2.68 -38.01
N SER F 46 -11.74 -2.52 -37.89
CA SER F 46 -12.40 -2.75 -36.62
C SER F 46 -13.00 -4.15 -36.50
N ASN F 47 -13.37 -4.75 -37.63
CA ASN F 47 -14.04 -6.04 -37.62
C ASN F 47 -13.00 -7.15 -37.70
N ALA F 48 -12.94 -7.97 -36.65
CA ALA F 48 -11.91 -9.00 -36.56
C ALA F 48 -12.02 -10.02 -37.69
N GLN F 49 -13.26 -10.36 -38.10
CA GLN F 49 -13.39 -11.38 -39.13
C GLN F 49 -13.31 -10.79 -40.54
N LYS F 50 -13.73 -9.53 -40.72
CA LYS F 50 -13.45 -8.85 -41.98
C LYS F 50 -11.95 -8.70 -42.20
N LEU F 51 -11.22 -8.50 -41.11
CA LEU F 51 -9.78 -8.28 -41.20
C LEU F 51 -9.04 -9.54 -41.62
N LYS F 52 -9.32 -10.67 -40.95
CA LYS F 52 -8.59 -11.92 -41.25
C LYS F 52 -9.10 -12.55 -42.55
N ASP F 53 -10.30 -12.20 -43.00
CA ASP F 53 -10.69 -12.67 -44.33
C ASP F 53 -9.96 -11.87 -45.39
N SER F 54 -9.91 -10.54 -45.24
CA SER F 54 -9.14 -9.69 -46.14
C SER F 54 -7.73 -10.23 -46.31
N VAL F 55 -7.05 -10.53 -45.20
CA VAL F 55 -5.69 -11.06 -45.26
C VAL F 55 -5.67 -12.38 -46.01
N ALA F 56 -6.71 -13.20 -45.81
CA ALA F 56 -6.83 -14.47 -46.51
C ALA F 56 -7.14 -14.23 -47.98
N ARG F 57 -7.85 -13.12 -48.30
CA ARG F 57 -8.24 -12.78 -49.69
C ARG F 57 -7.06 -12.34 -50.54
N LEU F 58 -6.04 -11.73 -49.93
CA LEU F 58 -4.89 -11.19 -50.63
C LEU F 58 -3.81 -12.22 -50.90
N LYS F 59 -3.59 -13.10 -49.91
CA LYS F 59 -2.62 -14.19 -49.98
C LYS F 59 -2.99 -15.22 -51.03
N SER F 60 -4.29 -15.46 -51.25
CA SER F 60 -4.70 -16.41 -52.29
C SER F 60 -4.52 -15.84 -53.68
N SER F 61 -4.70 -14.52 -53.84
CA SER F 61 -4.47 -13.87 -55.12
C SER F 61 -3.00 -13.58 -55.37
N PHE F 62 -2.17 -13.56 -54.33
CA PHE F 62 -0.73 -13.30 -54.44
C PHE F 62 0.02 -14.37 -53.66
N PRO F 63 -0.01 -15.63 -54.13
CA PRO F 63 0.59 -16.71 -53.32
C PRO F 63 2.13 -16.74 -53.28
N SER F 64 2.83 -16.29 -54.33
CA SER F 64 4.29 -16.18 -54.24
C SER F 64 4.75 -15.12 -53.24
N THR F 65 3.93 -14.12 -52.94
CA THR F 65 4.37 -13.10 -52.00
C THR F 65 4.47 -13.69 -50.59
N ASP F 66 5.50 -13.28 -49.87
CA ASP F 66 5.70 -13.73 -48.50
C ASP F 66 4.50 -13.40 -47.61
N PRO F 67 3.98 -14.38 -46.87
CA PRO F 67 2.90 -14.09 -45.91
C PRO F 67 3.26 -13.04 -44.85
N ASP F 68 4.54 -12.84 -44.56
CA ASP F 68 4.93 -11.83 -43.59
C ASP F 68 4.96 -10.43 -44.19
N ASP F 69 4.66 -10.28 -45.48
CA ASP F 69 4.45 -8.98 -46.10
C ASP F 69 2.99 -8.55 -46.12
N ILE F 70 2.10 -9.36 -45.54
CA ILE F 70 0.70 -9.01 -45.36
C ILE F 70 0.38 -9.35 -43.91
N VAL F 71 0.39 -8.35 -43.04
CA VAL F 71 -0.03 -8.51 -41.65
C VAL F 71 -1.10 -7.45 -41.41
N ALA F 72 -1.98 -7.72 -40.46
CA ALA F 72 -3.13 -6.87 -40.20
C ALA F 72 -3.28 -6.61 -38.70
N VAL F 73 -3.88 -5.46 -38.37
CA VAL F 73 -4.06 -5.04 -36.98
C VAL F 73 -5.50 -4.61 -36.75
N ARG F 74 -6.02 -4.90 -35.57
CA ARG F 74 -7.39 -4.61 -35.16
C ARG F 74 -7.39 -3.30 -34.36
N CYS F 75 -8.16 -2.31 -34.84
CA CYS F 75 -8.27 -1.01 -34.17
C CYS F 75 -9.68 -0.49 -34.28
N ASP F 76 -10.23 -0.01 -33.18
CA ASP F 76 -11.48 0.73 -33.20
C ASP F 76 -11.14 2.21 -33.10
N LEU F 77 -11.08 2.88 -34.25
CA LEU F 77 -10.71 4.28 -34.35
C LEU F 77 -11.90 5.21 -34.12
N SER F 78 -13.06 4.65 -33.75
CA SER F 78 -14.24 5.43 -33.41
C SER F 78 -14.31 5.78 -31.93
N ASN F 79 -13.28 5.45 -31.15
CA ASN F 79 -13.22 5.68 -29.71
C ASN F 79 -12.17 6.74 -29.37
N SER F 80 -12.64 7.86 -28.82
CA SER F 80 -11.72 8.93 -28.46
C SER F 80 -10.73 8.43 -27.41
N ASP F 81 -11.17 7.51 -26.55
CA ASP F 81 -10.29 6.97 -25.52
C ASP F 81 -9.08 6.24 -26.12
N THR F 82 -9.20 5.59 -27.30
CA THR F 82 -8.07 4.76 -27.71
C THR F 82 -7.47 5.21 -29.03
N VAL F 83 -8.09 6.16 -29.73
CA VAL F 83 -7.68 6.50 -31.09
C VAL F 83 -6.17 6.59 -31.17
N GLU F 84 -5.58 7.38 -30.26
CA GLU F 84 -4.14 7.56 -30.24
C GLU F 84 -3.45 6.25 -29.86
N GLN F 85 -3.98 5.50 -28.87
CA GLN F 85 -3.32 4.25 -28.44
C GLN F 85 -3.03 3.32 -29.59
N ASP F 86 -4.04 3.00 -30.41
CA ASP F 86 -3.86 2.03 -31.47
C ASP F 86 -3.25 2.62 -32.74
N ILE F 87 -3.50 3.90 -33.02
CA ILE F 87 -2.82 4.59 -34.11
C ILE F 87 -1.32 4.48 -33.90
N GLU F 88 -0.88 4.75 -32.66
CA GLU F 88 0.52 4.63 -32.32
C GLU F 88 1.01 3.22 -32.61
N LYS F 89 0.21 2.21 -32.28
CA LYS F 89 0.63 0.84 -32.52
C LYS F 89 0.60 0.48 -33.99
N ALA F 90 -0.43 0.95 -34.71
CA ALA F 90 -0.48 0.59 -36.12
C ALA F 90 0.70 1.18 -36.87
N LEU F 91 1.20 2.35 -36.46
CA LEU F 91 2.36 2.91 -37.12
C LEU F 91 3.63 2.14 -36.78
N GLN F 92 3.79 1.71 -35.53
CA GLN F 92 4.97 0.93 -35.18
C GLN F 92 4.97 -0.40 -35.91
N LEU F 93 3.79 -0.99 -36.07
CA LEU F 93 3.64 -2.29 -36.69
C LEU F 93 3.77 -2.21 -38.22
N ALA F 94 3.30 -1.12 -38.85
CA ALA F 94 3.57 -0.98 -40.29
C ALA F 94 5.02 -0.65 -40.59
N ALA F 95 5.75 -0.08 -39.63
CA ALA F 95 7.13 0.31 -39.90
C ALA F 95 8.09 -0.88 -39.83
N GLY F 96 7.85 -1.82 -38.92
CA GLY F 96 8.79 -2.92 -38.75
C GLY F 96 10.17 -2.43 -38.35
N ASN F 97 11.19 -3.09 -38.91
CA ASN F 97 12.57 -2.64 -38.75
C ASN F 97 12.94 -1.53 -39.71
N SER F 98 11.96 -0.88 -40.30
CA SER F 98 12.16 0.14 -41.33
C SER F 98 11.19 1.29 -41.06
N LYS F 99 10.99 2.12 -42.07
CA LYS F 99 10.09 3.26 -41.99
C LYS F 99 8.93 3.00 -42.96
N ILE F 100 7.78 3.59 -42.68
CA ILE F 100 6.66 3.46 -43.60
C ILE F 100 6.91 4.37 -44.79
N ASN F 101 6.54 3.92 -45.98
CA ASN F 101 6.74 4.75 -47.16
C ASN F 101 5.49 5.52 -47.53
N HIS F 102 4.32 4.91 -47.38
CA HIS F 102 3.07 5.53 -47.77
C HIS F 102 1.97 5.06 -46.83
N ILE F 103 1.09 6.00 -46.47
CA ILE F 103 -0.06 5.74 -45.62
C ILE F 103 -1.32 6.18 -46.36
N VAL F 104 -2.34 5.32 -46.33
CA VAL F 104 -3.64 5.60 -46.95
C VAL F 104 -4.71 5.46 -45.89
N ILE F 105 -5.63 6.43 -45.84
CA ILE F 105 -6.71 6.46 -44.86
C ILE F 105 -8.04 6.50 -45.61
N THR F 106 -8.77 5.38 -45.59
CA THR F 106 -10.14 5.29 -46.08
C THR F 106 -11.14 5.04 -44.96
N ALA F 107 -10.67 4.94 -43.71
CA ALA F 107 -11.52 4.48 -42.61
C ALA F 107 -12.71 5.42 -42.44
N ALA F 108 -13.89 4.82 -42.20
CA ALA F 108 -15.13 5.57 -42.02
C ALA F 108 -16.20 4.63 -41.49
N ASP F 109 -17.20 5.22 -40.82
CA ASP F 109 -18.29 4.44 -40.24
C ASP F 109 -19.26 3.98 -41.32
N MET F 110 -19.58 4.86 -42.26
CA MET F 110 -20.49 4.62 -43.38
C MET F 110 -21.82 4.02 -42.89
N THR F 111 -22.53 4.79 -42.08
CA THR F 111 -23.90 4.49 -41.69
C THR F 111 -24.73 5.77 -41.85
N ALA F 112 -25.92 5.61 -42.41
CA ALA F 112 -26.77 6.75 -42.73
C ALA F 112 -27.03 7.63 -41.49
N PRO F 113 -26.89 8.94 -41.61
CA PRO F 113 -27.13 9.83 -40.47
C PRO F 113 -28.61 10.12 -40.32
N PRO F 114 -29.03 10.66 -39.17
CA PRO F 114 -30.45 11.01 -38.99
C PRO F 114 -30.83 12.24 -39.80
N PRO F 115 -32.12 12.41 -40.10
CA PRO F 115 -32.56 13.66 -40.74
C PRO F 115 -32.44 14.85 -39.80
N LEU F 116 -32.69 16.06 -40.30
CA LEU F 116 -32.40 17.26 -39.52
C LEU F 116 -33.42 17.52 -38.42
N GLU F 117 -34.60 16.89 -38.44
CA GLU F 117 -35.52 17.07 -37.33
C GLU F 117 -35.15 16.18 -36.15
N ASP F 118 -34.22 15.26 -36.35
CA ASP F 118 -33.70 14.42 -35.29
C ASP F 118 -32.21 14.69 -35.11
N LEU F 119 -31.75 15.82 -35.62
CA LEU F 119 -30.34 16.17 -35.48
C LEU F 119 -30.00 16.36 -34.01
N THR F 120 -29.05 15.56 -33.57
CA THR F 120 -28.46 15.62 -32.24
C THR F 120 -26.98 15.96 -32.37
N VAL F 121 -26.51 16.74 -31.40
CA VAL F 121 -25.14 17.24 -31.39
C VAL F 121 -24.13 16.14 -31.29
N ASP F 122 -24.50 14.95 -30.77
CA ASP F 122 -23.48 13.90 -30.80
C ASP F 122 -23.43 13.24 -32.17
N SER F 123 -24.58 13.24 -32.88
CA SER F 123 -24.61 12.70 -34.24
C SER F 123 -23.73 13.51 -35.19
N VAL F 124 -23.37 14.75 -34.86
CA VAL F 124 -22.50 15.51 -35.74
C VAL F 124 -21.03 15.18 -35.52
N GLN F 125 -20.74 15.14 -34.23
CA GLN F 125 -19.47 14.91 -33.62
C GLN F 125 -18.79 13.54 -33.73
N ARG F 126 -19.54 12.45 -33.66
CA ARG F 126 -19.05 11.09 -33.54
C ARG F 126 -18.36 10.67 -34.83
N PRO F 127 -18.83 11.07 -36.01
CA PRO F 127 -18.00 10.88 -37.20
C PRO F 127 -16.68 11.62 -37.12
N GLY F 128 -16.60 12.72 -36.34
CA GLY F 128 -15.35 13.46 -36.30
C GLY F 128 -14.23 12.71 -35.60
N ILE F 129 -14.54 11.63 -34.87
CA ILE F 129 -13.46 10.87 -34.23
C ILE F 129 -12.72 9.99 -35.27
N ILE F 130 -13.43 9.30 -36.16
CA ILE F 130 -12.64 8.57 -37.18
C ILE F 130 -12.17 9.51 -38.31
N ARG F 131 -12.95 10.53 -38.67
CA ARG F 131 -12.72 11.38 -39.84
C ARG F 131 -11.71 12.47 -39.62
N LEU F 132 -11.70 13.04 -38.44
CA LEU F 132 -10.85 14.20 -38.15
C LEU F 132 -9.77 13.91 -37.13
N VAL F 133 -10.14 13.30 -36.00
CA VAL F 133 -9.19 13.09 -34.92
C VAL F 133 -8.12 12.08 -35.33
N ALA F 134 -8.55 10.95 -35.91
CA ALA F 134 -7.62 9.89 -36.26
C ALA F 134 -6.56 10.36 -37.26
N PRO F 135 -6.87 11.07 -38.35
CA PRO F 135 -5.79 11.59 -39.20
C PRO F 135 -4.86 12.54 -38.45
N LEU F 136 -5.41 13.38 -37.56
CA LEU F 136 -4.55 14.27 -36.77
C LEU F 136 -3.68 13.47 -35.82
N MET F 137 -4.15 12.30 -35.35
CA MET F 137 -3.32 11.42 -34.53
C MET F 137 -2.27 10.69 -35.38
N VAL F 138 -2.57 10.42 -36.65
CA VAL F 138 -1.56 9.92 -37.58
C VAL F 138 -0.47 10.96 -37.76
N ALA F 139 -0.86 12.22 -37.96
CA ALA F 139 0.13 13.28 -38.15
C ALA F 139 1.01 13.48 -36.92
N LYS F 140 0.45 13.33 -35.72
CA LYS F 140 1.23 13.56 -34.51
C LYS F 140 2.35 12.53 -34.37
N HIS F 141 2.09 11.28 -34.77
CA HIS F 141 2.98 10.17 -34.49
C HIS F 141 3.74 9.64 -35.69
N LEU F 142 3.36 10.01 -36.92
CA LEU F 142 4.07 9.48 -38.08
C LEU F 142 5.54 9.90 -38.17
N PRO F 143 5.98 11.07 -37.70
CA PRO F 143 7.42 11.38 -37.79
C PRO F 143 8.30 10.36 -37.08
N LYS F 144 7.77 9.66 -36.07
CA LYS F 144 8.52 8.64 -35.36
C LYS F 144 8.58 7.32 -36.11
N TYR F 145 7.83 7.17 -37.20
CA TYR F 145 7.85 5.94 -37.99
C TYR F 145 8.00 6.19 -39.49
N MET F 146 8.19 7.45 -39.89
CA MET F 146 8.34 7.82 -41.28
C MET F 146 9.33 8.96 -41.39
N ASN F 147 10.06 8.96 -42.51
CA ASN F 147 10.90 10.09 -42.87
C ASN F 147 10.02 11.02 -43.68
N LYS F 148 9.95 12.25 -43.22
CA LYS F 148 9.15 13.27 -43.87
C LYS F 148 9.95 13.80 -45.03
N CYS F 149 9.79 13.15 -46.18
CA CYS F 149 10.52 13.49 -47.40
C CYS F 149 9.53 13.31 -48.57
N PRO F 150 9.85 13.94 -49.73
CA PRO F 150 8.88 13.84 -50.84
C PRO F 150 8.69 12.45 -51.40
N GLN F 151 9.56 11.49 -51.08
CA GLN F 151 9.33 10.11 -51.53
C GLN F 151 8.26 9.39 -50.73
N SER F 152 7.85 9.93 -49.58
CA SER F 152 6.80 9.36 -48.75
C SER F 152 5.51 10.16 -48.84
N SER F 153 4.37 9.49 -48.58
CA SER F 153 3.08 10.14 -48.77
C SER F 153 2.06 9.65 -47.75
N LEU F 154 1.18 10.57 -47.37
CA LEU F 154 -0.05 10.31 -46.61
C LEU F 154 -1.20 10.79 -47.48
N THR F 155 -2.17 9.92 -47.70
CA THR F 155 -3.32 10.17 -48.57
C THR F 155 -4.60 9.98 -47.76
N LEU F 156 -5.49 10.99 -47.79
CA LEU F 156 -6.78 10.89 -47.12
C LEU F 156 -7.91 10.70 -48.15
N THR F 157 -9.14 10.51 -47.66
CA THR F 157 -10.26 10.21 -48.56
C THR F 157 -11.42 11.17 -48.34
N SER F 158 -12.00 11.57 -49.46
CA SER F 158 -13.04 12.59 -49.54
C SER F 158 -14.16 11.98 -50.36
N GLY F 159 -15.01 12.82 -50.94
CA GLY F 159 -15.99 12.28 -51.86
C GLY F 159 -16.46 13.34 -52.81
N ALA F 160 -17.20 12.90 -53.82
CA ALA F 160 -17.80 13.88 -54.70
C ALA F 160 -18.91 14.71 -54.02
N HIS F 161 -19.59 14.24 -52.98
CA HIS F 161 -20.56 15.22 -52.45
C HIS F 161 -20.01 16.31 -51.57
N CYS F 162 -18.71 16.37 -51.36
CA CYS F 162 -18.23 17.62 -50.81
C CYS F 162 -18.66 18.80 -51.71
N LEU F 163 -18.83 18.54 -53.03
CA LEU F 163 -19.31 19.51 -54.03
C LEU F 163 -20.73 19.24 -54.53
N ARG F 164 -21.22 17.99 -54.52
CA ARG F 164 -22.63 17.65 -54.84
C ARG F 164 -23.28 16.91 -53.68
N PRO F 165 -23.75 17.60 -52.66
CA PRO F 165 -24.26 16.89 -51.46
C PRO F 165 -25.47 16.03 -51.79
N ASN F 166 -25.64 14.89 -51.01
CA ASN F 166 -26.88 14.10 -51.03
C ASN F 166 -27.81 14.64 -49.97
N PRO F 167 -29.12 14.69 -50.26
CA PRO F 167 -30.05 15.15 -49.22
C PRO F 167 -29.98 14.13 -48.10
N GLY F 168 -29.93 14.65 -46.86
CA GLY F 168 -29.67 13.80 -45.71
C GLY F 168 -28.21 13.56 -45.41
N TRP F 169 -27.29 13.88 -46.33
CA TRP F 169 -25.86 13.68 -46.09
C TRP F 169 -25.11 15.00 -45.88
N THR F 170 -25.80 16.00 -45.36
CA THR F 170 -25.17 17.31 -45.16
C THR F 170 -24.01 17.19 -44.18
N VAL F 171 -24.16 16.36 -43.14
CA VAL F 171 -23.12 16.25 -42.11
C VAL F 171 -21.83 15.65 -42.68
N ILE F 172 -21.95 14.61 -43.50
CA ILE F 172 -20.76 13.98 -44.05
C ILE F 172 -20.17 14.82 -45.21
N SER F 173 -21.01 15.58 -45.92
CA SER F 173 -20.46 16.54 -46.87
C SER F 173 -19.63 17.62 -46.15
N GLY F 174 -20.09 18.04 -44.97
CA GLY F 174 -19.29 18.95 -44.15
C GLY F 174 -17.90 18.43 -43.81
N TYR F 175 -17.82 17.21 -43.33
CA TYR F 175 -16.56 16.54 -42.95
C TYR F 175 -15.71 16.16 -44.16
N CYS F 176 -16.33 15.89 -45.32
CA CYS F 176 -15.55 15.65 -46.53
C CYS F 176 -14.83 16.92 -46.92
N GLY F 177 -15.51 18.06 -46.75
CA GLY F 177 -14.85 19.34 -46.89
C GLY F 177 -13.80 19.60 -45.83
N ALA F 178 -14.01 19.05 -44.62
CA ALA F 178 -13.00 19.18 -43.57
C ALA F 178 -11.75 18.37 -43.91
N VAL F 179 -11.91 17.18 -44.47
CA VAL F 179 -10.74 16.37 -44.77
C VAL F 179 -9.90 17.04 -45.87
N GLU F 180 -10.54 17.65 -46.88
CA GLU F 180 -9.79 18.32 -47.93
C GLU F 180 -9.01 19.52 -47.40
N ALA F 181 -9.66 20.37 -46.60
CA ALA F 181 -8.95 21.54 -46.08
C ALA F 181 -7.85 21.15 -45.11
N MET F 182 -8.11 20.14 -44.27
CA MET F 182 -7.12 19.70 -43.30
C MET F 182 -5.91 19.07 -44.00
N SER F 183 -6.14 18.37 -45.12
CA SER F 183 -5.00 17.86 -45.89
C SER F 183 -4.02 18.94 -46.30
N ARG F 184 -4.52 20.10 -46.73
CA ARG F 184 -3.63 21.19 -47.11
C ARG F 184 -2.89 21.71 -45.88
N GLY F 185 -3.61 21.86 -44.77
CA GLY F 185 -2.96 22.24 -43.52
C GLY F 185 -1.90 21.25 -43.10
N LEU F 186 -2.16 19.95 -43.32
CA LEU F 186 -1.18 18.92 -43.00
C LEU F 186 -0.02 18.89 -43.99
N ALA F 187 -0.27 19.25 -45.25
CA ALA F 187 0.82 19.40 -46.21
C ALA F 187 1.78 20.51 -45.80
N ILE F 188 1.27 21.50 -45.07
CA ILE F 188 2.11 22.56 -44.52
C ILE F 188 2.77 22.06 -43.25
N ASP F 189 1.97 21.46 -42.37
CA ASP F 189 2.49 20.99 -41.10
C ASP F 189 3.50 19.85 -41.31
N LEU F 190 3.28 18.97 -42.30
CA LEU F 190 4.22 17.87 -42.46
C LEU F 190 5.17 18.06 -43.63
N LYS F 191 5.25 19.25 -44.22
CA LYS F 191 6.25 19.50 -45.25
C LYS F 191 7.64 19.04 -44.78
N PRO F 192 8.45 18.44 -45.66
CA PRO F 192 8.19 18.19 -47.08
C PRO F 192 7.47 16.87 -47.36
N LEU F 193 6.92 16.20 -46.35
CA LEU F 193 6.10 15.03 -46.67
C LEU F 193 4.90 15.46 -47.51
N ARG F 194 4.44 14.57 -48.37
CA ARG F 194 3.39 14.90 -49.33
C ARG F 194 2.07 14.42 -48.76
N VAL F 195 1.07 15.31 -48.77
CA VAL F 195 -0.24 15.01 -48.21
C VAL F 195 -1.27 15.29 -49.30
N ASN F 196 -2.15 14.31 -49.55
CA ASN F 196 -3.12 14.44 -50.62
C ASN F 196 -4.43 13.78 -50.21
N VAL F 197 -5.47 13.95 -51.04
CA VAL F 197 -6.80 13.41 -50.75
C VAL F 197 -7.31 12.76 -52.05
N VAL F 198 -8.02 11.63 -51.93
CA VAL F 198 -8.78 11.09 -53.06
C VAL F 198 -10.26 11.34 -52.82
N ALA F 199 -10.96 11.81 -53.86
CA ALA F 199 -12.39 12.12 -53.79
C ALA F 199 -13.14 11.25 -54.79
N PRO F 200 -13.60 10.08 -54.37
CA PRO F 200 -14.34 9.20 -55.28
C PRO F 200 -15.78 9.65 -55.46
N GLY F 201 -16.38 9.18 -56.55
CA GLY F 201 -17.78 9.48 -56.82
C GLY F 201 -18.65 8.36 -56.28
N ALA F 202 -19.24 7.58 -57.19
CA ALA F 202 -20.11 6.46 -56.83
C ALA F 202 -19.34 5.17 -57.06
N VAL F 203 -18.96 4.51 -55.97
CA VAL F 203 -18.21 3.26 -56.04
C VAL F 203 -19.07 2.18 -55.40
N LEU F 204 -19.40 1.14 -56.17
CA LEU F 204 -20.32 0.11 -55.68
C LEU F 204 -19.55 -0.84 -54.78
N THR F 205 -19.27 -0.36 -53.57
CA THR F 205 -18.74 -1.21 -52.54
C THR F 205 -19.93 -1.75 -51.75
N GLU F 206 -19.62 -2.78 -50.96
CA GLU F 206 -20.59 -3.42 -50.11
C GLU F 206 -21.10 -2.40 -49.05
N ALA F 207 -20.25 -1.51 -48.53
CA ALA F 207 -20.72 -0.52 -47.58
C ALA F 207 -21.87 0.26 -48.20
N VAL F 208 -21.78 0.53 -49.50
CA VAL F 208 -22.83 1.25 -50.22
C VAL F 208 -24.10 0.42 -50.37
N LYS F 209 -23.97 -0.90 -50.48
CA LYS F 209 -25.15 -1.76 -50.49
C LYS F 209 -25.83 -1.68 -49.12
N ASP F 210 -25.01 -1.44 -48.08
CA ASP F 210 -25.37 -1.36 -46.68
C ASP F 210 -26.02 -0.05 -46.32
N ILE F 211 -25.45 1.08 -46.77
CA ILE F 211 -26.01 2.33 -46.25
C ILE F 211 -27.36 2.63 -46.88
N LEU F 212 -27.51 2.32 -48.18
CA LEU F 212 -28.70 2.68 -48.98
C LEU F 212 -29.86 1.72 -48.80
N GLY F 213 -29.61 0.44 -48.51
CA GLY F 213 -30.71 -0.43 -48.20
C GLY F 213 -31.74 -0.57 -49.31
N ASP F 214 -32.93 -0.02 -49.08
CA ASP F 214 -34.03 -0.21 -50.00
C ASP F 214 -33.89 0.61 -51.28
N ALA F 215 -33.09 1.67 -51.30
CA ALA F 215 -32.91 2.48 -52.51
C ALA F 215 -31.66 2.14 -53.30
N TYR F 216 -30.99 1.02 -53.00
CA TYR F 216 -29.73 0.74 -53.69
C TYR F 216 -29.98 0.44 -55.16
N ASP F 217 -31.08 -0.24 -55.48
CA ASP F 217 -31.36 -0.56 -56.87
C ASP F 217 -31.85 0.67 -57.64
N ALA F 218 -32.47 1.63 -56.93
CA ALA F 218 -32.91 2.89 -57.51
C ALA F 218 -31.81 3.95 -57.57
N ALA F 219 -30.83 3.88 -56.66
CA ALA F 219 -29.76 4.86 -56.64
C ALA F 219 -28.68 4.57 -57.68
N VAL F 220 -28.46 3.29 -58.00
CA VAL F 220 -27.47 2.95 -59.02
C VAL F 220 -27.88 3.51 -60.37
N GLU F 221 -29.17 3.38 -60.75
CA GLU F 221 -29.56 3.88 -62.07
C GLU F 221 -29.52 5.41 -62.11
N MET F 222 -29.67 6.10 -60.97
CA MET F 222 -29.45 7.54 -61.00
C MET F 222 -27.97 7.87 -61.08
N ALA F 223 -27.13 7.04 -60.45
CA ALA F 223 -25.68 7.22 -60.54
C ALA F 223 -25.19 6.89 -61.94
N GLU F 224 -25.68 5.80 -62.53
CA GLU F 224 -25.32 5.50 -63.91
C GLU F 224 -25.84 6.56 -64.85
N ALA F 225 -26.99 7.14 -64.54
CA ALA F 225 -27.52 8.12 -65.45
C ALA F 225 -26.76 9.43 -65.32
N LYS F 226 -26.34 9.75 -64.12
CA LYS F 226 -25.75 11.06 -63.92
C LYS F 226 -24.24 11.05 -63.73
N SER F 227 -23.70 10.56 -64.83
CA SER F 227 -22.29 10.43 -65.11
C SER F 227 -22.13 10.43 -66.62
N THR F 228 -20.99 10.95 -67.08
CA THR F 228 -20.69 10.96 -68.51
C THR F 228 -20.24 9.59 -68.97
N VAL F 229 -19.60 8.83 -68.08
CA VAL F 229 -19.22 7.46 -68.37
C VAL F 229 -20.39 6.48 -68.34
N GLY F 230 -21.55 6.89 -67.82
CA GLY F 230 -22.68 5.98 -67.73
C GLY F 230 -22.36 4.72 -66.94
N GLN F 231 -21.58 4.85 -65.87
CA GLN F 231 -21.04 3.71 -65.14
C GLN F 231 -20.88 4.09 -63.67
N THR F 232 -20.90 3.07 -62.81
CA THR F 232 -20.45 3.22 -61.44
C THR F 232 -18.94 3.04 -61.39
N GLY F 233 -18.33 3.50 -60.25
CA GLY F 233 -16.90 3.41 -60.10
C GLY F 233 -16.50 2.07 -59.53
N SER F 234 -15.51 1.45 -60.15
CA SER F 234 -15.00 0.21 -59.59
C SER F 234 -13.94 0.51 -58.56
N PRO F 235 -13.89 -0.29 -57.50
CA PRO F 235 -12.75 -0.14 -56.61
C PRO F 235 -11.42 -0.40 -57.32
N GLU F 236 -11.29 -1.14 -58.43
CA GLU F 236 -9.90 -1.19 -58.90
C GLU F 236 -9.49 0.13 -59.52
N SER F 237 -10.45 0.88 -60.06
CA SER F 237 -10.06 2.07 -60.79
C SER F 237 -9.74 3.18 -59.81
N VAL F 238 -10.62 3.37 -58.82
CA VAL F 238 -10.40 4.37 -57.79
C VAL F 238 -9.10 4.08 -57.05
N ALA F 239 -8.73 2.79 -56.95
CA ALA F 239 -7.49 2.42 -56.28
C ALA F 239 -6.26 2.99 -56.96
N GLN F 240 -6.35 3.25 -58.28
CA GLN F 240 -5.19 3.79 -58.97
C GLN F 240 -4.89 5.23 -58.58
N ALA F 241 -5.87 5.95 -58.04
CA ALA F 241 -5.63 7.29 -57.53
C ALA F 241 -4.65 7.28 -56.38
N TYR F 242 -4.80 6.32 -55.46
CA TYR F 242 -3.90 6.22 -54.34
C TYR F 242 -2.49 5.83 -54.79
N ILE F 243 -2.38 4.86 -55.71
CA ILE F 243 -1.08 4.44 -56.23
C ILE F 243 -0.40 5.58 -56.98
N TYR F 244 -1.17 6.36 -57.75
CA TYR F 244 -0.59 7.53 -58.42
C TYR F 244 0.09 8.45 -57.41
N LEU F 245 -0.59 8.75 -56.30
CA LEU F 245 -0.03 9.66 -55.32
C LEU F 245 1.23 9.08 -54.69
N MET F 246 1.34 7.75 -54.64
CA MET F 246 2.55 7.10 -54.14
C MET F 246 3.72 7.20 -55.12
N LYS F 247 3.43 7.27 -56.42
CA LYS F 247 4.48 7.30 -57.43
C LYS F 247 4.84 8.72 -57.86
N ASP F 248 3.90 9.66 -57.79
CA ASP F 248 4.16 11.06 -58.13
C ASP F 248 4.75 11.74 -56.91
N HIS F 249 6.06 11.91 -56.91
CA HIS F 249 6.76 12.55 -55.80
C HIS F 249 6.63 14.07 -55.80
N TYR F 250 5.84 14.66 -56.71
CA TYR F 250 5.61 16.11 -56.73
C TYR F 250 4.17 16.51 -56.41
N ALA F 251 3.27 15.55 -56.21
CA ALA F 251 1.87 15.84 -55.92
C ALA F 251 1.69 16.04 -54.42
N SER F 252 1.27 17.24 -54.02
CA SER F 252 0.96 17.49 -52.61
C SER F 252 -0.03 18.64 -52.52
N GLY F 253 -0.89 18.58 -51.51
CA GLY F 253 -1.89 19.61 -51.31
C GLY F 253 -3.03 19.60 -52.30
N SER F 254 -3.18 18.54 -53.08
CA SER F 254 -4.09 18.50 -54.20
C SER F 254 -5.26 17.59 -53.90
N VAL F 255 -6.29 17.71 -54.73
CA VAL F 255 -7.50 16.89 -54.67
C VAL F 255 -7.45 16.01 -55.92
N VAL F 256 -7.47 14.70 -55.76
CA VAL F 256 -7.60 13.82 -56.92
C VAL F 256 -9.06 13.38 -56.98
N SER F 257 -9.84 13.93 -57.91
CA SER F 257 -11.26 13.59 -58.05
C SER F 257 -11.45 12.58 -59.18
N THR F 258 -11.97 11.40 -58.81
CA THR F 258 -12.34 10.32 -59.72
C THR F 258 -13.82 10.04 -59.53
N ASN F 259 -14.62 10.60 -60.40
CA ASN F 259 -16.06 10.60 -60.22
C ASN F 259 -16.83 10.32 -61.51
N GLY F 260 -16.17 9.89 -62.58
CA GLY F 260 -16.94 9.57 -63.77
C GLY F 260 -17.65 10.74 -64.39
N GLY F 261 -17.25 11.97 -64.06
CA GLY F 261 -17.97 13.09 -64.64
C GLY F 261 -19.29 13.47 -64.03
N MET F 262 -19.58 13.03 -62.80
CA MET F 262 -20.86 13.28 -62.18
C MET F 262 -21.14 14.76 -62.14
N LEU F 263 -20.07 15.52 -61.96
CA LEU F 263 -20.20 16.88 -61.56
C LEU F 263 -20.58 17.79 -62.71
N LEU F 264 -20.70 17.23 -63.91
CA LEU F 264 -21.02 18.00 -65.09
C LEU F 264 -22.36 17.64 -65.72
N VAL F 265 -23.10 16.67 -65.17
CA VAL F 265 -24.42 16.36 -65.69
C VAL F 265 -25.46 16.35 -64.58
PA NAP G . -15.96 5.36 -9.90
O1A NAP G . -16.05 5.38 -11.43
O2A NAP G . -17.01 6.18 -9.27
O5B NAP G . -16.06 3.77 -9.42
C5B NAP G . -16.64 3.53 -8.18
C4B NAP G . -17.40 2.19 -8.31
O4B NAP G . -17.83 1.89 -7.12
C3B NAP G . -18.62 2.43 -9.18
O3B NAP G . -18.74 1.40 -10.06
C2B NAP G . -19.80 2.46 -8.18
O2B NAP G . -21.02 1.89 -8.88
C1B NAP G . -19.42 1.71 -7.18
N9A NAP G . -20.04 2.19 -5.96
C8A NAP G . -19.99 3.39 -5.38
N7A NAP G . -20.77 3.33 -4.26
C5A NAP G . -21.29 2.13 -4.18
C6A NAP G . -22.15 1.55 -3.27
N6A NAP G . -22.78 2.05 -2.07
N1A NAP G . -22.51 0.28 -3.41
C2A NAP G . -22.06 -0.43 -4.48
N3A NAP G . -21.20 0.14 -5.37
C4A NAP G . -20.83 1.42 -5.23
O3 NAP G . -14.55 6.05 -9.40
PN NAP G . -13.01 5.59 -9.87
O1N NAP G . -12.34 6.82 -10.47
O2N NAP G . -13.05 4.46 -10.85
O5D NAP G . -12.19 5.06 -8.49
C5D NAP G . -12.29 3.68 -8.13
C4D NAP G . -11.31 3.38 -6.95
O4D NAP G . -10.11 3.83 -7.24
C3D NAP G . -11.82 4.18 -5.73
O3D NAP G . -11.55 3.50 -4.62
C2D NAP G . -10.95 5.46 -5.82
O2D NAP G . -10.96 6.22 -4.52
C1D NAP G . -9.80 4.95 -6.10
N1N NAP G . -8.91 5.89 -6.66
C2N NAP G . -9.25 6.58 -7.77
C3N NAP G . -8.36 7.48 -8.30
C7N NAP G . -8.74 8.32 -9.60
O7N NAP G . -8.02 9.15 -9.99
N7N NAP G . -9.99 8.00 -10.31
C4N NAP G . -7.16 7.69 -7.72
C5N NAP G . -6.83 6.98 -6.61
C6N NAP G . -7.71 6.07 -6.08
P2B NAP G . -22.44 2.67 -8.73
O1X NAP G . -22.28 4.12 -9.14
O2X NAP G . -23.44 1.96 -9.64
O3X NAP G . -22.88 2.62 -7.32
C1 ZWP H . -7.75 13.43 -10.53
C10 ZWP H . -9.06 15.31 -6.02
C11 ZWP H . -8.04 16.23 -5.38
C12 ZWP H . -10.41 16.01 -6.15
C13 ZWP H . -9.23 14.12 -5.10
C14 ZWP H . -8.19 13.59 -4.48
C15 ZWP H . -9.40 12.51 -7.96
C16 ZWP H . -8.46 11.69 -7.13
C18 ZWP H . -8.05 10.06 -5.51
C19 ZWP H . -6.69 10.30 -5.68
C2 ZWP H . -7.99 14.16 -9.38
C21 ZWP H . -7.10 11.91 -7.27
C22 ZWP H . -5.55 9.62 -4.98
C23 ZWP H . -4.32 10.30 -5.57
C24 ZWP H . -4.79 11.31 -6.60
C3 ZWP H . -7.48 15.44 -9.22
C4 ZWP H . -6.74 16.01 -10.24
C5 ZWP H . -6.51 15.29 -11.40
C6 ZWP H . -7.02 14.00 -11.55
C7 ZWP H . -8.69 13.82 -8.23
C8 ZWP H . -8.57 14.92 -7.39
N17 ZWP H . -8.93 10.78 -6.25
N20 ZWP H . -6.25 11.20 -6.55
N9 ZWP H . -7.85 15.90 -8.00
O25 ZWP H . -8.49 9.16 -4.64
PA NAP I . -2.55 1.31 27.35
O1A NAP I . -1.67 1.27 28.58
O2A NAP I . -3.87 0.70 27.59
O5B NAP I . -2.75 2.93 26.92
C5B NAP I . -3.99 3.25 26.31
C4B NAP I . -4.36 4.64 26.89
O4B NAP I . -5.45 5.04 26.27
C3B NAP I . -4.68 4.55 28.37
O3B NAP I . -4.10 5.55 29.10
C2B NAP I . -6.23 4.69 28.40
O2B NAP I . -6.60 5.40 29.67
C1B NAP I . -6.53 5.42 27.38
N9A NAP I . -7.85 5.05 26.94
C8A NAP I . -8.34 3.86 26.61
N7A NAP I . -9.64 4.02 26.27
C5A NAP I . -9.92 5.30 26.41
C6A NAP I . -11.09 5.96 26.22
N6A NAP I . -12.38 5.47 25.81
N1A NAP I . -11.14 7.27 26.44
C2A NAP I . -10.03 7.94 26.85
N3A NAP I . -8.87 7.26 27.03
C4A NAP I . -8.82 5.95 26.82
O3 NAP I . -1.86 0.48 26.09
PN NAP I . -0.33 0.76 25.46
O1N NAP I . 0.46 -0.55 25.52
O2N NAP I . 0.38 1.89 26.15
O5D NAP I . -0.61 1.21 23.89
C5D NAP I . -0.84 2.61 23.62
C4D NAP I . -0.87 2.82 22.06
O4D NAP I . 0.21 2.31 21.56
C3D NAP I . -2.05 2.02 21.44
O3D NAP I . -2.44 2.64 20.33
C2D NAP I . -1.39 0.71 21.02
O2D NAP I . -2.29 -0.01 20.05
C1D NAP I . -0.25 1.16 20.51
N1N NAP I . 0.73 0.13 20.46
C2N NAP I . 1.10 -0.53 21.57
C3N NAP I . 2.04 -1.52 21.47
C7N NAP I . 2.54 -2.36 22.71
O7N NAP I . 3.26 -3.26 22.50
N7N NAP I . 2.10 -2.04 24.08
C4N NAP I . 2.60 -1.83 20.28
C5N NAP I . 2.24 -1.17 19.17
C6N NAP I . 1.30 -0.17 19.26
P2B NAP I . -7.95 4.85 30.38
O1X NAP I . -7.78 3.38 30.61
O2X NAP I . -8.05 5.58 31.69
O3X NAP I . -9.16 5.08 29.56
PA NAP J . 20.68 -15.76 -13.12
O1A NAP J . 19.90 -16.88 -13.80
O2A NAP J . 22.08 -16.16 -12.92
O5B NAP J . 20.61 -14.36 -14.07
C5B NAP J . 21.71 -13.48 -14.02
C4B NAP J . 21.93 -12.91 -15.47
O4B NAP J . 22.90 -12.02 -15.47
C3B NAP J . 22.36 -14.04 -16.37
O3B NAP J . 21.73 -13.94 -17.58
C2B NAP J . 23.89 -13.84 -16.49
O2B NAP J . 24.38 -14.42 -17.79
C1B NAP J . 24.05 -12.55 -16.45
N9A NAP J . 25.39 -12.19 -15.98
C8A NAP J . 26.10 -12.62 -14.94
N7A NAP J . 27.29 -11.98 -14.94
C5A NAP J . 27.32 -11.19 -15.98
C6A NAP J . 28.30 -10.32 -16.46
N6A NAP J . 29.63 -9.98 -15.99
N1A NAP J . 28.06 -9.62 -17.55
C2A NAP J . 26.88 -9.73 -18.21
N3A NAP J . 25.92 -10.59 -17.74
C4A NAP J . 26.14 -11.31 -16.63
O3 NAP J . 20.03 -15.41 -11.63
PN NAP J . 18.44 -14.99 -11.26
O1N NAP J . 17.89 -15.97 -10.22
O2N NAP J . 17.58 -15.00 -12.49
O5D NAP J . 18.49 -13.44 -10.62
C5D NAP J . 18.40 -12.37 -11.56
C4D NAP J . 18.22 -11.02 -10.80
O4D NAP J . 17.30 -11.16 -9.90
C3D NAP J . 19.52 -10.66 -10.03
O3D NAP J . 19.73 -9.35 -10.04
C2D NAP J . 19.19 -11.11 -8.59
O2D NAP J . 20.19 -10.39 -7.71
C1D NAP J . 17.93 -10.71 -8.47
N1N NAP J . 17.21 -11.40 -7.44
C2N NAP J . 17.06 -12.75 -7.47
C3N NAP J . 16.39 -13.40 -6.45
C7N NAP J . 16.20 -14.98 -6.46
O7N NAP J . 15.72 -15.53 -5.53
N7N NAP J . 16.62 -15.77 -7.62
C4N NAP J . 15.86 -12.68 -5.43
C5N NAP J . 15.99 -11.34 -5.41
C6N NAP J . 16.68 -10.70 -6.42
P2B NAP J . 25.80 -15.24 -17.83
O1X NAP J . 25.84 -16.38 -16.81
O2X NAP J . 25.99 -15.80 -19.23
O3X NAP J . 26.86 -14.26 -17.49
PA NAP K . 29.40 18.92 5.97
O1A NAP K . 29.30 20.13 6.89
O2A NAP K . 30.37 19.17 4.89
O5B NAP K . 29.81 17.58 6.88
C5B NAP K . 30.57 16.56 6.28
C4B NAP K . 31.56 16.03 7.37
O4B NAP K . 32.20 14.97 6.93
C3B NAP K . 32.60 17.11 7.68
O3B NAP K . 32.97 17.11 8.99
C2B NAP K . 33.80 16.67 6.79
O2B NAP K . 35.05 17.11 7.47
C1B NAP K . 33.76 15.37 6.78
N9A NAP K . 34.34 14.88 5.55
C8A NAP K . 34.10 15.21 4.29
N7A NAP K . 34.92 14.49 3.50
C5A NAP K . 35.65 13.72 4.27
C6A NAP K . 36.64 12.79 3.99
N6A NAP K . 37.20 12.34 2.73
N1A NAP K . 37.25 12.13 4.97
C2A NAP K . 36.90 12.38 6.25
N3A NAP K . 35.92 13.29 6.54
C4A NAP K . 35.30 13.95 5.56
O3 NAP K . 27.97 18.62 5.22
PN NAP K . 26.48 18.38 5.94
O1N NAP K . 25.54 19.41 5.33
O2N NAP K . 26.54 18.50 7.44
O5D NAP K . 26.02 16.83 5.54
C5D NAP K . 26.38 15.74 6.40
C4D NAP K . 25.64 14.47 5.87
O4D NAP K . 24.35 14.71 5.75
C3D NAP K . 26.15 14.18 4.43
O3D NAP K . 26.26 12.87 4.25
C2D NAP K . 25.03 14.74 3.53
O2D NAP K . 25.13 14.01 2.21
C1D NAP K . 23.94 14.45 4.20
N1N NAP K . 22.82 15.28 3.86
C2N NAP K . 22.87 16.63 4.01
C3N NAP K . 21.78 17.42 3.66
C7N NAP K . 21.81 19.00 3.85
O7N NAP K . 20.91 19.65 3.46
N7N NAP K . 22.97 19.64 4.49
C4N NAP K . 20.66 16.84 3.18
C5N NAP K . 20.61 15.49 3.04
C6N NAP K . 21.70 14.71 3.37
P2B NAP K . 36.28 17.66 6.54
O1X NAP K . 35.86 18.79 5.62
O2X NAP K . 37.38 18.09 7.52
O3X NAP K . 36.74 16.52 5.70
PA NAP L . -15.33 -11.27 36.15
O1A NAP L . -14.22 -12.29 36.49
O2A NAP L . -14.84 -10.32 35.14
O5B NAP L . -16.67 -12.14 35.63
C5B NAP L . -17.51 -11.52 34.70
C4B NAP L . -17.89 -12.66 33.71
O4B NAP L . -18.70 -12.15 32.80
C3B NAP L . -16.59 -13.05 33.01
O3B NAP L . -16.51 -14.40 32.80
C2B NAP L . -16.68 -12.31 31.67
O2B NAP L . -15.91 -13.08 30.63
C1B NAP L . -17.96 -12.31 31.39
N9A NAP L . -18.29 -11.19 30.54
C8A NAP L . -18.11 -9.89 30.70
N7A NAP L . -18.57 -9.27 29.59
C5A NAP L . -19.03 -10.19 28.77
C6A NAP L . -19.61 -10.12 27.53
N6A NAP L . -19.91 -8.99 26.67
N1A NAP L . -19.99 -11.23 26.91
C2A NAP L . -19.81 -12.43 27.52
N3A NAP L . -19.24 -12.51 28.75
C4A NAP L . -18.85 -11.39 29.37
O3 NAP L . -15.82 -10.39 37.48
PN NAP L . -16.35 -11.17 38.86
O1N NAP L . -15.50 -10.71 40.04
O2N NAP L . -16.25 -12.66 38.63
O5D NAP L . -17.95 -10.74 39.14
C5D NAP L . -18.95 -11.55 38.49
C4D NAP L . -20.39 -11.18 38.97
O4D NAP L . -20.47 -11.05 40.25
C3D NAP L . -20.79 -9.80 38.36
O3D NAP L . -21.98 -9.93 37.77
C2D NAP L . -20.83 -8.86 39.57
O2D NAP L . -21.82 -7.72 39.38
C1D NAP L . -21.17 -9.62 40.57
N1N NAP L . -20.60 -9.08 41.76
C2N NAP L . -19.29 -9.31 42.03
C3N NAP L . -18.72 -8.79 43.16
C7N NAP L . -17.18 -9.06 43.51
O7N NAP L . -16.71 -8.51 44.43
N7N NAP L . -16.36 -9.97 42.71
C4N NAP L . -19.45 -8.03 44.00
C5N NAP L . -20.75 -7.79 43.73
C6N NAP L . -21.34 -8.31 42.60
P2B NAP L . -15.07 -12.24 29.53
O1X NAP L . -14.10 -11.27 30.22
O2X NAP L . -14.28 -13.21 28.64
O3X NAP L . -16.05 -11.48 28.70
PA NAP M . -15.85 0.57 -46.46
O1A NAP M . -15.65 -0.69 -47.32
O2A NAP M . -16.70 0.26 -45.30
O5B NAP M . -14.36 1.11 -45.88
C5B NAP M . -14.38 1.76 -44.62
C4B NAP M . -13.13 1.29 -43.82
O4B NAP M . -13.08 1.75 -42.58
C3B NAP M . -13.27 -0.23 -43.70
O3B NAP M . -12.09 -0.80 -44.03
C2B NAP M . -13.63 -0.47 -42.20
O2B NAP M . -13.06 -1.81 -41.78
C1B NAP M . -13.03 0.49 -41.57
N9A NAP M . -13.72 0.84 -40.36
C8A NAP M . -15.03 0.94 -40.09
N7A NAP M . -15.16 1.31 -38.81
C5A NAP M . -13.97 1.43 -38.29
C6A NAP M . -13.55 1.78 -37.02
N6A NAP M . -14.32 2.13 -35.84
N1A NAP M . -12.26 1.83 -36.74
C2A NAP M . -11.34 1.55 -37.69
N3A NAP M . -11.75 1.20 -38.95
C4A NAP M . -13.06 1.14 -39.25
O3 NAP M . -16.55 1.77 -47.35
PN NAP M . -15.98 2.34 -48.82
O1N NAP M . -17.11 2.27 -49.85
O2N NAP M . -14.82 1.56 -49.33
O5D NAP M . -15.54 3.92 -48.51
C5D NAP M . -14.20 4.17 -48.06
C4D NAP M . -14.02 5.72 -48.05
O4D NAP M . -14.39 6.19 -49.21
C3D NAP M . -14.97 6.33 -46.98
O3D NAP M . -14.33 7.22 -46.22
C2D NAP M . -16.07 7.02 -47.79
O2D NAP M . -16.60 8.19 -47.00
C1D NAP M . -15.45 7.38 -48.89
N1N NAP M . -16.33 7.52 -50.02
C2N NAP M . -16.88 6.43 -50.62
C3N NAP M . -17.72 6.60 -51.71
C7N NAP M . -18.39 5.35 -52.45
O7N NAP M . -19.17 5.55 -53.32
N7N NAP M . -18.04 3.98 -52.06
C4N NAP M . -17.98 7.85 -52.16
C5N NAP M . -17.44 8.92 -51.58
C6N NAP M . -16.60 8.75 -50.49
P2B NAP M . -13.96 -2.68 -40.73
O1X NAP M . -15.36 -2.85 -41.30
O2X NAP M . -13.31 -4.03 -40.49
O3X NAP M . -14.02 -1.92 -39.46
#